data_1YFX
# 
_entry.id   1YFX 
# 
_audit_conform.dict_name       mmcif_pdbx.dic 
_audit_conform.dict_version    5.387 
_audit_conform.dict_location   http://mmcif.pdb.org/dictionaries/ascii/mmcif_pdbx.dic 
# 
loop_
_database_2.database_id 
_database_2.database_code 
_database_2.pdbx_database_accession 
_database_2.pdbx_DOI 
PDB   1YFX         pdb_00001yfx 10.2210/pdb1yfx/pdb 
RCSB  RCSB031467   ?            ?                   
WWPDB D_1000031467 ?            ?                   
# 
loop_
_pdbx_audit_revision_history.ordinal 
_pdbx_audit_revision_history.data_content_type 
_pdbx_audit_revision_history.major_revision 
_pdbx_audit_revision_history.minor_revision 
_pdbx_audit_revision_history.revision_date 
1 'Structure model' 1 0 2005-05-31 
2 'Structure model' 1 1 2008-04-30 
3 'Structure model' 1 2 2011-07-13 
4 'Structure model' 1 3 2024-02-14 
# 
_pdbx_audit_revision_details.ordinal             1 
_pdbx_audit_revision_details.revision_ordinal    1 
_pdbx_audit_revision_details.data_content_type   'Structure model' 
_pdbx_audit_revision_details.provider            repository 
_pdbx_audit_revision_details.type                'Initial release' 
_pdbx_audit_revision_details.description         ? 
_pdbx_audit_revision_details.details             ? 
# 
loop_
_pdbx_audit_revision_group.ordinal 
_pdbx_audit_revision_group.revision_ordinal 
_pdbx_audit_revision_group.data_content_type 
_pdbx_audit_revision_group.group 
1 2 'Structure model' 'Version format compliance' 
2 3 'Structure model' 'Derived calculations'      
3 3 'Structure model' 'Version format compliance' 
4 4 'Structure model' 'Data collection'           
5 4 'Structure model' 'Database references'       
6 4 'Structure model' 'Derived calculations'      
# 
loop_
_pdbx_audit_revision_category.ordinal 
_pdbx_audit_revision_category.revision_ordinal 
_pdbx_audit_revision_category.data_content_type 
_pdbx_audit_revision_category.category 
1 4 'Structure model' chem_comp_atom         
2 4 'Structure model' chem_comp_bond         
3 4 'Structure model' database_2             
4 4 'Structure model' pdbx_struct_conn_angle 
5 4 'Structure model' struct_conn            
6 4 'Structure model' struct_site            
# 
loop_
_pdbx_audit_revision_item.ordinal 
_pdbx_audit_revision_item.revision_ordinal 
_pdbx_audit_revision_item.data_content_type 
_pdbx_audit_revision_item.item 
1  4 'Structure model' '_database_2.pdbx_DOI'                        
2  4 'Structure model' '_database_2.pdbx_database_accession'         
3  4 'Structure model' '_pdbx_struct_conn_angle.ptnr1_auth_seq_id'   
4  4 'Structure model' '_pdbx_struct_conn_angle.ptnr1_label_atom_id' 
5  4 'Structure model' '_pdbx_struct_conn_angle.ptnr1_label_seq_id'  
6  4 'Structure model' '_pdbx_struct_conn_angle.ptnr3_auth_seq_id'   
7  4 'Structure model' '_pdbx_struct_conn_angle.ptnr3_label_atom_id' 
8  4 'Structure model' '_pdbx_struct_conn_angle.ptnr3_label_seq_id'  
9  4 'Structure model' '_pdbx_struct_conn_angle.value'               
10 4 'Structure model' '_struct_conn.pdbx_dist_value'                
11 4 'Structure model' '_struct_conn.ptnr1_auth_comp_id'             
12 4 'Structure model' '_struct_conn.ptnr1_auth_seq_id'              
13 4 'Structure model' '_struct_conn.ptnr1_label_asym_id'            
14 4 'Structure model' '_struct_conn.ptnr1_label_atom_id'            
15 4 'Structure model' '_struct_conn.ptnr1_label_comp_id'            
16 4 'Structure model' '_struct_conn.ptnr1_label_seq_id'             
17 4 'Structure model' '_struct_conn.ptnr2_auth_comp_id'             
18 4 'Structure model' '_struct_conn.ptnr2_auth_seq_id'              
19 4 'Structure model' '_struct_conn.ptnr2_label_asym_id'            
20 4 'Structure model' '_struct_conn.ptnr2_label_atom_id'            
21 4 'Structure model' '_struct_conn.ptnr2_label_comp_id'            
22 4 'Structure model' '_struct_conn.ptnr2_label_seq_id'             
23 4 'Structure model' '_struct_site.pdbx_auth_asym_id'              
24 4 'Structure model' '_struct_site.pdbx_auth_comp_id'              
25 4 'Structure model' '_struct_site.pdbx_auth_seq_id'               
# 
_pdbx_database_status.status_code                     REL 
_pdbx_database_status.entry_id                        1YFX 
_pdbx_database_status.recvd_initial_deposition_date   2005-01-04 
_pdbx_database_status.deposit_site                    RCSB 
_pdbx_database_status.process_site                    RCSB 
_pdbx_database_status.status_code_sf                  REL 
_pdbx_database_status.status_code_mr                  ? 
_pdbx_database_status.SG_entry                        ? 
_pdbx_database_status.pdb_format_compatible           Y 
_pdbx_database_status.status_code_cs                  ? 
_pdbx_database_status.status_code_nmr_data            ? 
_pdbx_database_status.methods_development_category    ? 
# 
loop_
_pdbx_database_related.db_name 
_pdbx_database_related.db_id 
_pdbx_database_related.details 
_pdbx_database_related.content_type 
PDB 1YFU 'The unliganded structure' unspecified 
PDB 1YFW .                          unspecified 
PDB 1YFY .                          unspecified 
# 
loop_
_audit_author.name 
_audit_author.pdbx_ordinal 
'Zhang, Y.'      1 
'Colabroy, K.L.' 2 
'Begley, T.P.'   3 
'Ealick, S.E.'   4 
# 
_citation.id                        primary 
_citation.title                     
;Structural Studies on 3-Hydroxyanthranilate-3,4-dioxygenase: The Catalytic Mechanism of a Complex Oxidation Involved in NAD Biosynthesis.
;
_citation.journal_abbrev            Biochemistry 
_citation.journal_volume            44 
_citation.page_first                7632 
_citation.page_last                 7643 
_citation.year                      2005 
_citation.journal_id_ASTM           BICHAW 
_citation.country                   US 
_citation.journal_id_ISSN           0006-2960 
_citation.journal_id_CSD            0033 
_citation.book_publisher            ? 
_citation.pdbx_database_id_PubMed   15909978 
_citation.pdbx_database_id_DOI      10.1021/bi047353l 
# 
loop_
_citation_author.citation_id 
_citation_author.name 
_citation_author.ordinal 
_citation_author.identifier_ORCID 
primary 'Zhang, Y.'      1 ? 
primary 'Colabroy, K.L.' 2 ? 
primary 'Begley, T.P.'   3 ? 
primary 'Ealick, S.E.'   4 ? 
# 
loop_
_entity.id 
_entity.type 
_entity.src_method 
_entity.pdbx_description 
_entity.formula_weight 
_entity.pdbx_number_of_molecules 
_entity.pdbx_ec 
_entity.pdbx_mutation 
_entity.pdbx_fragment 
_entity.details 
1 polymer     man 3-hydroxyanthranilate-3,4-dioxygenase    20056.635 1  1.13.11.6 ? ? ? 
2 non-polymer syn 'FE (III) ION'                           55.845    2  ?         ? ? ? 
3 non-polymer syn 'NITRIC OXIDE'                           30.006    1  ?         ? ? ? 
4 non-polymer syn 2-AMINO-2-HYDROXYMETHYL-PROPANE-1,3-DIOL 122.143   1  ?         ? ? ? 
5 non-polymer syn '4-CHLORO-3-HYDROXYANTHRANILIC ACID'     187.580   1  ?         ? ? ? 
6 water       nat water                                    18.015    82 ?         ? ? ? 
# 
_entity_poly.entity_id                      1 
_entity_poly.type                           'polypeptide(L)' 
_entity_poly.nstd_linkage                   no 
_entity_poly.nstd_monomer                   no 
_entity_poly.pdbx_seq_one_letter_code       
;MLTYGAPFNFPRWIDEHAHLLKPPVGNRQVWQDSDFIVTVVGGPNHRTDYHDDPLEEFFYQLRGNAYLNLWVDGRRERAD
LKEGDIFLLPPHVRHSPQRPEAGSACLVIERQRPAGMLDGFEWYCDACGHLVHRVEVQLKSIVTDLPPLFESFYASEDKR
RCPHCGQVHPGRAA
;
_entity_poly.pdbx_seq_one_letter_code_can   
;MLTYGAPFNFPRWIDEHAHLLKPPVGNRQVWQDSDFIVTVVGGPNHRTDYHDDPLEEFFYQLRGNAYLNLWVDGRRERAD
LKEGDIFLLPPHVRHSPQRPEAGSACLVIERQRPAGMLDGFEWYCDACGHLVHRVEVQLKSIVTDLPPLFESFYASEDKR
RCPHCGQVHPGRAA
;
_entity_poly.pdbx_strand_id                 A 
_entity_poly.pdbx_target_identifier         ? 
# 
loop_
_pdbx_entity_nonpoly.entity_id 
_pdbx_entity_nonpoly.name 
_pdbx_entity_nonpoly.comp_id 
2 'FE (III) ION'                           FE  
3 'NITRIC OXIDE'                           NO  
4 2-AMINO-2-HYDROXYMETHYL-PROPANE-1,3-DIOL TRS 
5 '4-CHLORO-3-HYDROXYANTHRANILIC ACID'     4AA 
6 water                                    HOH 
# 
loop_
_entity_poly_seq.entity_id 
_entity_poly_seq.num 
_entity_poly_seq.mon_id 
_entity_poly_seq.hetero 
1 1   MET n 
1 2   LEU n 
1 3   THR n 
1 4   TYR n 
1 5   GLY n 
1 6   ALA n 
1 7   PRO n 
1 8   PHE n 
1 9   ASN n 
1 10  PHE n 
1 11  PRO n 
1 12  ARG n 
1 13  TRP n 
1 14  ILE n 
1 15  ASP n 
1 16  GLU n 
1 17  HIS n 
1 18  ALA n 
1 19  HIS n 
1 20  LEU n 
1 21  LEU n 
1 22  LYS n 
1 23  PRO n 
1 24  PRO n 
1 25  VAL n 
1 26  GLY n 
1 27  ASN n 
1 28  ARG n 
1 29  GLN n 
1 30  VAL n 
1 31  TRP n 
1 32  GLN n 
1 33  ASP n 
1 34  SER n 
1 35  ASP n 
1 36  PHE n 
1 37  ILE n 
1 38  VAL n 
1 39  THR n 
1 40  VAL n 
1 41  VAL n 
1 42  GLY n 
1 43  GLY n 
1 44  PRO n 
1 45  ASN n 
1 46  HIS n 
1 47  ARG n 
1 48  THR n 
1 49  ASP n 
1 50  TYR n 
1 51  HIS n 
1 52  ASP n 
1 53  ASP n 
1 54  PRO n 
1 55  LEU n 
1 56  GLU n 
1 57  GLU n 
1 58  PHE n 
1 59  PHE n 
1 60  TYR n 
1 61  GLN n 
1 62  LEU n 
1 63  ARG n 
1 64  GLY n 
1 65  ASN n 
1 66  ALA n 
1 67  TYR n 
1 68  LEU n 
1 69  ASN n 
1 70  LEU n 
1 71  TRP n 
1 72  VAL n 
1 73  ASP n 
1 74  GLY n 
1 75  ARG n 
1 76  ARG n 
1 77  GLU n 
1 78  ARG n 
1 79  ALA n 
1 80  ASP n 
1 81  LEU n 
1 82  LYS n 
1 83  GLU n 
1 84  GLY n 
1 85  ASP n 
1 86  ILE n 
1 87  PHE n 
1 88  LEU n 
1 89  LEU n 
1 90  PRO n 
1 91  PRO n 
1 92  HIS n 
1 93  VAL n 
1 94  ARG n 
1 95  HIS n 
1 96  SER n 
1 97  PRO n 
1 98  GLN n 
1 99  ARG n 
1 100 PRO n 
1 101 GLU n 
1 102 ALA n 
1 103 GLY n 
1 104 SER n 
1 105 ALA n 
1 106 CYS n 
1 107 LEU n 
1 108 VAL n 
1 109 ILE n 
1 110 GLU n 
1 111 ARG n 
1 112 GLN n 
1 113 ARG n 
1 114 PRO n 
1 115 ALA n 
1 116 GLY n 
1 117 MET n 
1 118 LEU n 
1 119 ASP n 
1 120 GLY n 
1 121 PHE n 
1 122 GLU n 
1 123 TRP n 
1 124 TYR n 
1 125 CYS n 
1 126 ASP n 
1 127 ALA n 
1 128 CYS n 
1 129 GLY n 
1 130 HIS n 
1 131 LEU n 
1 132 VAL n 
1 133 HIS n 
1 134 ARG n 
1 135 VAL n 
1 136 GLU n 
1 137 VAL n 
1 138 GLN n 
1 139 LEU n 
1 140 LYS n 
1 141 SER n 
1 142 ILE n 
1 143 VAL n 
1 144 THR n 
1 145 ASP n 
1 146 LEU n 
1 147 PRO n 
1 148 PRO n 
1 149 LEU n 
1 150 PHE n 
1 151 GLU n 
1 152 SER n 
1 153 PHE n 
1 154 TYR n 
1 155 ALA n 
1 156 SER n 
1 157 GLU n 
1 158 ASP n 
1 159 LYS n 
1 160 ARG n 
1 161 ARG n 
1 162 CYS n 
1 163 PRO n 
1 164 HIS n 
1 165 CYS n 
1 166 GLY n 
1 167 GLN n 
1 168 VAL n 
1 169 HIS n 
1 170 PRO n 
1 171 GLY n 
1 172 ARG n 
1 173 ALA n 
1 174 ALA n 
# 
_entity_src_gen.entity_id                          1 
_entity_src_gen.pdbx_src_id                        1 
_entity_src_gen.pdbx_alt_source_flag               sample 
_entity_src_gen.pdbx_seq_type                      ? 
_entity_src_gen.pdbx_beg_seq_num                   ? 
_entity_src_gen.pdbx_end_seq_num                   ? 
_entity_src_gen.gene_src_common_name               ? 
_entity_src_gen.gene_src_genus                     Cupriavidus 
_entity_src_gen.pdbx_gene_src_gene                 ? 
_entity_src_gen.gene_src_species                   ? 
_entity_src_gen.gene_src_strain                    ? 
_entity_src_gen.gene_src_tissue                    ? 
_entity_src_gen.gene_src_tissue_fraction           ? 
_entity_src_gen.gene_src_details                   ? 
_entity_src_gen.pdbx_gene_src_fragment             ? 
_entity_src_gen.pdbx_gene_src_scientific_name      'Cupriavidus metallidurans' 
_entity_src_gen.pdbx_gene_src_ncbi_taxonomy_id     119219 
_entity_src_gen.pdbx_gene_src_variant              ? 
_entity_src_gen.pdbx_gene_src_cell_line            ? 
_entity_src_gen.pdbx_gene_src_atcc                 ? 
_entity_src_gen.pdbx_gene_src_organ                ? 
_entity_src_gen.pdbx_gene_src_organelle            ? 
_entity_src_gen.pdbx_gene_src_cell                 ? 
_entity_src_gen.pdbx_gene_src_cellular_location    ? 
_entity_src_gen.host_org_common_name               ? 
_entity_src_gen.pdbx_host_org_scientific_name      'Escherichia coli' 
_entity_src_gen.pdbx_host_org_ncbi_taxonomy_id     562 
_entity_src_gen.host_org_genus                     Escherichia 
_entity_src_gen.pdbx_host_org_gene                 ? 
_entity_src_gen.pdbx_host_org_organ                ? 
_entity_src_gen.host_org_species                   ? 
_entity_src_gen.pdbx_host_org_tissue               ? 
_entity_src_gen.pdbx_host_org_tissue_fraction      ? 
_entity_src_gen.pdbx_host_org_strain               ? 
_entity_src_gen.pdbx_host_org_variant              ? 
_entity_src_gen.pdbx_host_org_cell_line            ? 
_entity_src_gen.pdbx_host_org_atcc                 ? 
_entity_src_gen.pdbx_host_org_culture_collection   ? 
_entity_src_gen.pdbx_host_org_cell                 ? 
_entity_src_gen.pdbx_host_org_organelle            ? 
_entity_src_gen.pdbx_host_org_cellular_location    ? 
_entity_src_gen.pdbx_host_org_vector_type          ? 
_entity_src_gen.pdbx_host_org_vector               ? 
_entity_src_gen.host_org_details                   ? 
_entity_src_gen.expression_system_id               ? 
_entity_src_gen.plasmid_name                       ? 
_entity_src_gen.plasmid_details                    ? 
_entity_src_gen.pdbx_description                   ? 
# 
loop_
_chem_comp.id 
_chem_comp.type 
_chem_comp.mon_nstd_flag 
_chem_comp.name 
_chem_comp.pdbx_synonyms 
_chem_comp.formula 
_chem_comp.formula_weight 
4AA non-polymer         . '4-CHLORO-3-HYDROXYANTHRANILIC ACID'     '2-AMINO-4-CHLORO-3-HYDROXYBENZOIC ACID' 'C7 H6 Cl N O3'  
187.580 
ALA 'L-peptide linking' y ALANINE                                  ?                                        'C3 H7 N O2'     
89.093  
ARG 'L-peptide linking' y ARGININE                                 ?                                        'C6 H15 N4 O2 1' 
175.209 
ASN 'L-peptide linking' y ASPARAGINE                               ?                                        'C4 H8 N2 O3'    
132.118 
ASP 'L-peptide linking' y 'ASPARTIC ACID'                          ?                                        'C4 H7 N O4'     
133.103 
CYS 'L-peptide linking' y CYSTEINE                                 ?                                        'C3 H7 N O2 S'   
121.158 
FE  non-polymer         . 'FE (III) ION'                           ?                                        'Fe 3'           
55.845  
GLN 'L-peptide linking' y GLUTAMINE                                ?                                        'C5 H10 N2 O3'   
146.144 
GLU 'L-peptide linking' y 'GLUTAMIC ACID'                          ?                                        'C5 H9 N O4'     
147.129 
GLY 'peptide linking'   y GLYCINE                                  ?                                        'C2 H5 N O2'     
75.067  
HIS 'L-peptide linking' y HISTIDINE                                ?                                        'C6 H10 N3 O2 1' 
156.162 
HOH non-polymer         . WATER                                    ?                                        'H2 O'           
18.015  
ILE 'L-peptide linking' y ISOLEUCINE                               ?                                        'C6 H13 N O2'    
131.173 
LEU 'L-peptide linking' y LEUCINE                                  ?                                        'C6 H13 N O2'    
131.173 
LYS 'L-peptide linking' y LYSINE                                   ?                                        'C6 H15 N2 O2 1' 
147.195 
MET 'L-peptide linking' y METHIONINE                               ?                                        'C5 H11 N O2 S'  
149.211 
NO  non-polymer         . 'NITRIC OXIDE'                           'Nitrogen monoxide'                      'N O'            
30.006  
PHE 'L-peptide linking' y PHENYLALANINE                            ?                                        'C9 H11 N O2'    
165.189 
PRO 'L-peptide linking' y PROLINE                                  ?                                        'C5 H9 N O2'     
115.130 
SER 'L-peptide linking' y SERINE                                   ?                                        'C3 H7 N O3'     
105.093 
THR 'L-peptide linking' y THREONINE                                ?                                        'C4 H9 N O3'     
119.119 
TRP 'L-peptide linking' y TRYPTOPHAN                               ?                                        'C11 H12 N2 O2'  
204.225 
TRS non-polymer         . 2-AMINO-2-HYDROXYMETHYL-PROPANE-1,3-DIOL 'TRIS BUFFER'                            'C4 H12 N O3 1'  
122.143 
TYR 'L-peptide linking' y TYROSINE                                 ?                                        'C9 H11 N O3'    
181.189 
VAL 'L-peptide linking' y VALINE                                   ?                                        'C5 H11 N O2'    
117.146 
# 
loop_
_pdbx_poly_seq_scheme.asym_id 
_pdbx_poly_seq_scheme.entity_id 
_pdbx_poly_seq_scheme.seq_id 
_pdbx_poly_seq_scheme.mon_id 
_pdbx_poly_seq_scheme.ndb_seq_num 
_pdbx_poly_seq_scheme.pdb_seq_num 
_pdbx_poly_seq_scheme.auth_seq_num 
_pdbx_poly_seq_scheme.pdb_mon_id 
_pdbx_poly_seq_scheme.auth_mon_id 
_pdbx_poly_seq_scheme.pdb_strand_id 
_pdbx_poly_seq_scheme.pdb_ins_code 
_pdbx_poly_seq_scheme.hetero 
A 1 1   MET 1   1   1   MET MET A . n 
A 1 2   LEU 2   2   2   LEU LEU A . n 
A 1 3   THR 3   3   3   THR THR A . n 
A 1 4   TYR 4   4   4   TYR TYR A . n 
A 1 5   GLY 5   5   5   GLY GLY A . n 
A 1 6   ALA 6   6   6   ALA ALA A . n 
A 1 7   PRO 7   7   7   PRO PRO A . n 
A 1 8   PHE 8   8   8   PHE PHE A . n 
A 1 9   ASN 9   9   9   ASN ASN A . n 
A 1 10  PHE 10  10  10  PHE PHE A . n 
A 1 11  PRO 11  11  11  PRO PRO A . n 
A 1 12  ARG 12  12  12  ARG ARG A . n 
A 1 13  TRP 13  13  13  TRP TRP A . n 
A 1 14  ILE 14  14  14  ILE ILE A . n 
A 1 15  ASP 15  15  15  ASP ASP A . n 
A 1 16  GLU 16  16  16  GLU GLU A . n 
A 1 17  HIS 17  17  17  HIS HIS A . n 
A 1 18  ALA 18  18  18  ALA ALA A . n 
A 1 19  HIS 19  19  19  HIS HIS A . n 
A 1 20  LEU 20  20  20  LEU LEU A . n 
A 1 21  LEU 21  21  21  LEU LEU A . n 
A 1 22  LYS 22  22  22  LYS LYS A . n 
A 1 23  PRO 23  23  23  PRO PRO A . n 
A 1 24  PRO 24  24  24  PRO PRO A . n 
A 1 25  VAL 25  25  25  VAL VAL A . n 
A 1 26  GLY 26  26  26  GLY GLY A . n 
A 1 27  ASN 27  27  27  ASN ASN A . n 
A 1 28  ARG 28  28  28  ARG ARG A . n 
A 1 29  GLN 29  29  29  GLN GLN A . n 
A 1 30  VAL 30  30  30  VAL VAL A . n 
A 1 31  TRP 31  31  31  TRP TRP A . n 
A 1 32  GLN 32  32  32  GLN GLN A . n 
A 1 33  ASP 33  33  33  ASP ASP A . n 
A 1 34  SER 34  34  34  SER SER A . n 
A 1 35  ASP 35  35  35  ASP ASP A . n 
A 1 36  PHE 36  36  36  PHE PHE A . n 
A 1 37  ILE 37  37  37  ILE ILE A . n 
A 1 38  VAL 38  38  38  VAL VAL A . n 
A 1 39  THR 39  39  39  THR THR A . n 
A 1 40  VAL 40  40  40  VAL VAL A . n 
A 1 41  VAL 41  41  41  VAL VAL A . n 
A 1 42  GLY 42  42  42  GLY GLY A . n 
A 1 43  GLY 43  43  43  GLY GLY A . n 
A 1 44  PRO 44  44  44  PRO PRO A . n 
A 1 45  ASN 45  45  45  ASN ASN A . n 
A 1 46  HIS 46  46  46  HIS HIS A . n 
A 1 47  ARG 47  47  47  ARG ARG A . n 
A 1 48  THR 48  48  48  THR THR A . n 
A 1 49  ASP 49  49  49  ASP ASP A . n 
A 1 50  TYR 50  50  50  TYR TYR A . n 
A 1 51  HIS 51  51  51  HIS HIS A . n 
A 1 52  ASP 52  52  52  ASP ASP A . n 
A 1 53  ASP 53  53  53  ASP ASP A . n 
A 1 54  PRO 54  54  54  PRO PRO A . n 
A 1 55  LEU 55  55  55  LEU LEU A . n 
A 1 56  GLU 56  56  56  GLU GLU A . n 
A 1 57  GLU 57  57  57  GLU GLU A . n 
A 1 58  PHE 58  58  58  PHE PHE A . n 
A 1 59  PHE 59  59  59  PHE PHE A . n 
A 1 60  TYR 60  60  60  TYR TYR A . n 
A 1 61  GLN 61  61  61  GLN GLN A . n 
A 1 62  LEU 62  62  62  LEU LEU A . n 
A 1 63  ARG 63  63  63  ARG ARG A . n 
A 1 64  GLY 64  64  64  GLY GLY A . n 
A 1 65  ASN 65  65  65  ASN ASN A . n 
A 1 66  ALA 66  66  66  ALA ALA A . n 
A 1 67  TYR 67  67  67  TYR TYR A . n 
A 1 68  LEU 68  68  68  LEU LEU A . n 
A 1 69  ASN 69  69  69  ASN ASN A . n 
A 1 70  LEU 70  70  70  LEU LEU A . n 
A 1 71  TRP 71  71  71  TRP TRP A . n 
A 1 72  VAL 72  72  72  VAL VAL A . n 
A 1 73  ASP 73  73  73  ASP ASP A . n 
A 1 74  GLY 74  74  74  GLY GLY A . n 
A 1 75  ARG 75  75  75  ARG ALA A . n 
A 1 76  ARG 76  76  76  ARG ARG A . n 
A 1 77  GLU 77  77  77  GLU GLU A . n 
A 1 78  ARG 78  78  78  ARG ARG A . n 
A 1 79  ALA 79  79  79  ALA ALA A . n 
A 1 80  ASP 80  80  80  ASP ASP A . n 
A 1 81  LEU 81  81  81  LEU LEU A . n 
A 1 82  LYS 82  82  82  LYS LYS A . n 
A 1 83  GLU 83  83  83  GLU GLU A . n 
A 1 84  GLY 84  84  84  GLY GLY A . n 
A 1 85  ASP 85  85  85  ASP ASP A . n 
A 1 86  ILE 86  86  86  ILE ILE A . n 
A 1 87  PHE 87  87  87  PHE PHE A . n 
A 1 88  LEU 88  88  88  LEU LEU A . n 
A 1 89  LEU 89  89  89  LEU LEU A . n 
A 1 90  PRO 90  90  90  PRO PRO A . n 
A 1 91  PRO 91  91  91  PRO PRO A . n 
A 1 92  HIS 92  92  92  HIS HIS A . n 
A 1 93  VAL 93  93  93  VAL VAL A . n 
A 1 94  ARG 94  94  94  ARG ARG A . n 
A 1 95  HIS 95  95  95  HIS HIS A . n 
A 1 96  SER 96  96  96  SER SER A . n 
A 1 97  PRO 97  97  97  PRO PRO A . n 
A 1 98  GLN 98  98  98  GLN GLN A . n 
A 1 99  ARG 99  99  99  ARG ARG A . n 
A 1 100 PRO 100 100 100 PRO PRO A . n 
A 1 101 GLU 101 101 101 GLU GLU A . n 
A 1 102 ALA 102 102 102 ALA ALA A . n 
A 1 103 GLY 103 103 103 GLY GLY A . n 
A 1 104 SER 104 104 104 SER SER A . n 
A 1 105 ALA 105 105 105 ALA ALA A . n 
A 1 106 CYS 106 106 106 CYS CYS A . n 
A 1 107 LEU 107 107 107 LEU LEU A . n 
A 1 108 VAL 108 108 108 VAL VAL A . n 
A 1 109 ILE 109 109 109 ILE ILE A . n 
A 1 110 GLU 110 110 110 GLU GLU A . n 
A 1 111 ARG 111 111 111 ARG ARG A . n 
A 1 112 GLN 112 112 112 GLN GLN A . n 
A 1 113 ARG 113 113 113 ARG ARG A . n 
A 1 114 PRO 114 114 114 PRO PRO A . n 
A 1 115 ALA 115 115 115 ALA ALA A . n 
A 1 116 GLY 116 116 116 GLY GLY A . n 
A 1 117 MET 117 117 117 MET MET A . n 
A 1 118 LEU 118 118 118 LEU LEU A . n 
A 1 119 ASP 119 119 119 ASP ASP A . n 
A 1 120 GLY 120 120 120 GLY GLY A . n 
A 1 121 PHE 121 121 121 PHE PHE A . n 
A 1 122 GLU 122 122 122 GLU GLU A . n 
A 1 123 TRP 123 123 123 TRP TRP A . n 
A 1 124 TYR 124 124 124 TYR TYR A . n 
A 1 125 CYS 125 125 125 CYS CYS A . n 
A 1 126 ASP 126 126 126 ASP ASP A . n 
A 1 127 ALA 127 127 127 ALA ALA A . n 
A 1 128 CYS 128 128 128 CYS CYS A . n 
A 1 129 GLY 129 129 129 GLY GLY A . n 
A 1 130 HIS 130 130 130 HIS HIS A . n 
A 1 131 LEU 131 131 131 LEU LEU A . n 
A 1 132 VAL 132 132 132 VAL VAL A . n 
A 1 133 HIS 133 133 133 HIS HIS A . n 
A 1 134 ARG 134 134 134 ARG ARG A . n 
A 1 135 VAL 135 135 135 VAL VAL A . n 
A 1 136 GLU 136 136 136 GLU GLU A . n 
A 1 137 VAL 137 137 137 VAL VAL A . n 
A 1 138 GLN 138 138 138 GLN GLN A . n 
A 1 139 LEU 139 139 139 LEU LEU A . n 
A 1 140 LYS 140 140 140 LYS LYS A . n 
A 1 141 SER 141 141 141 SER SER A . n 
A 1 142 ILE 142 142 142 ILE ILE A . n 
A 1 143 VAL 143 143 143 VAL VAL A . n 
A 1 144 THR 144 144 144 THR THR A . n 
A 1 145 ASP 145 145 145 ASP ASP A . n 
A 1 146 LEU 146 146 146 LEU LEU A . n 
A 1 147 PRO 147 147 147 PRO PRO A . n 
A 1 148 PRO 148 148 148 PRO PRO A . n 
A 1 149 LEU 149 149 149 LEU LEU A . n 
A 1 150 PHE 150 150 150 PHE PHE A . n 
A 1 151 GLU 151 151 151 GLU GLU A . n 
A 1 152 SER 152 152 152 SER SER A . n 
A 1 153 PHE 153 153 153 PHE PHE A . n 
A 1 154 TYR 154 154 154 TYR TYR A . n 
A 1 155 ALA 155 155 155 ALA ALA A . n 
A 1 156 SER 156 156 156 SER SER A . n 
A 1 157 GLU 157 157 157 GLU GLU A . n 
A 1 158 ASP 158 158 158 ASP ASP A . n 
A 1 159 LYS 159 159 159 LYS LYS A . n 
A 1 160 ARG 160 160 160 ARG ARG A . n 
A 1 161 ARG 161 161 161 ARG ARG A . n 
A 1 162 CYS 162 162 162 CYS CYS A . n 
A 1 163 PRO 163 163 163 PRO PRO A . n 
A 1 164 HIS 164 164 164 HIS HIS A . n 
A 1 165 CYS 165 165 165 CYS CYS A . n 
A 1 166 GLY 166 166 166 GLY GLY A . n 
A 1 167 GLN 167 167 167 GLN GLN A . n 
A 1 168 VAL 168 168 168 VAL VAL A . n 
A 1 169 HIS 169 169 169 HIS HIS A . n 
A 1 170 PRO 170 170 170 PRO PRO A . n 
A 1 171 GLY 171 171 171 GLY GLY A . n 
A 1 172 ARG 172 172 172 ARG ARG A . n 
A 1 173 ALA 173 173 173 ALA ALA A . n 
A 1 174 ALA 174 174 174 ALA ALA A . n 
# 
loop_
_pdbx_nonpoly_scheme.asym_id 
_pdbx_nonpoly_scheme.entity_id 
_pdbx_nonpoly_scheme.mon_id 
_pdbx_nonpoly_scheme.ndb_seq_num 
_pdbx_nonpoly_scheme.pdb_seq_num 
_pdbx_nonpoly_scheme.auth_seq_num 
_pdbx_nonpoly_scheme.pdb_mon_id 
_pdbx_nonpoly_scheme.auth_mon_id 
_pdbx_nonpoly_scheme.pdb_strand_id 
_pdbx_nonpoly_scheme.pdb_ins_code 
B 2 FE  1  300 300 FE  FE  A . 
C 2 FE  1  301 301 FE  FE  A . 
D 3 NO  1  310 310 NO  NO  A . 
E 4 TRS 1  400 400 TRS TRS A . 
F 5 4AA 1  401 401 4AA CHA A . 
G 6 HOH 1  402 1   HOH HOH A . 
G 6 HOH 2  403 2   HOH HOH A . 
G 6 HOH 3  404 3   HOH HOH A . 
G 6 HOH 4  405 4   HOH HOH A . 
G 6 HOH 5  406 5   HOH HOH A . 
G 6 HOH 6  407 6   HOH HOH A . 
G 6 HOH 7  408 7   HOH HOH A . 
G 6 HOH 8  409 8   HOH HOH A . 
G 6 HOH 9  410 9   HOH HOH A . 
G 6 HOH 10 411 10  HOH HOH A . 
G 6 HOH 11 412 11  HOH HOH A . 
G 6 HOH 12 413 12  HOH HOH A . 
G 6 HOH 13 414 13  HOH HOH A . 
G 6 HOH 14 415 14  HOH HOH A . 
G 6 HOH 15 416 15  HOH HOH A . 
G 6 HOH 16 417 16  HOH HOH A . 
G 6 HOH 17 418 17  HOH HOH A . 
G 6 HOH 18 419 18  HOH HOH A . 
G 6 HOH 19 420 19  HOH HOH A . 
G 6 HOH 20 421 20  HOH HOH A . 
G 6 HOH 21 422 21  HOH HOH A . 
G 6 HOH 22 423 22  HOH HOH A . 
G 6 HOH 23 424 23  HOH HOH A . 
G 6 HOH 24 425 24  HOH HOH A . 
G 6 HOH 25 426 25  HOH HOH A . 
G 6 HOH 26 427 26  HOH HOH A . 
G 6 HOH 27 428 27  HOH HOH A . 
G 6 HOH 28 429 28  HOH HOH A . 
G 6 HOH 29 430 29  HOH HOH A . 
G 6 HOH 30 431 30  HOH HOH A . 
G 6 HOH 31 432 31  HOH HOH A . 
G 6 HOH 32 433 32  HOH HOH A . 
G 6 HOH 33 434 33  HOH HOH A . 
G 6 HOH 34 435 34  HOH HOH A . 
G 6 HOH 35 436 35  HOH HOH A . 
G 6 HOH 36 437 36  HOH HOH A . 
G 6 HOH 37 438 37  HOH HOH A . 
G 6 HOH 38 439 38  HOH HOH A . 
G 6 HOH 39 440 39  HOH HOH A . 
G 6 HOH 40 441 40  HOH HOH A . 
G 6 HOH 41 442 41  HOH HOH A . 
G 6 HOH 42 443 42  HOH HOH A . 
G 6 HOH 43 444 43  HOH HOH A . 
G 6 HOH 44 445 44  HOH HOH A . 
G 6 HOH 45 446 45  HOH HOH A . 
G 6 HOH 46 447 46  HOH HOH A . 
G 6 HOH 47 448 47  HOH HOH A . 
G 6 HOH 48 449 48  HOH HOH A . 
G 6 HOH 49 450 49  HOH HOH A . 
G 6 HOH 50 451 50  HOH HOH A . 
G 6 HOH 51 452 51  HOH HOH A . 
G 6 HOH 52 453 52  HOH HOH A . 
G 6 HOH 53 454 53  HOH HOH A . 
G 6 HOH 54 455 54  HOH HOH A . 
G 6 HOH 55 456 55  HOH HOH A . 
G 6 HOH 56 457 56  HOH HOH A . 
G 6 HOH 57 458 57  HOH HOH A . 
G 6 HOH 58 459 58  HOH HOH A . 
G 6 HOH 59 460 59  HOH HOH A . 
G 6 HOH 60 461 60  HOH HOH A . 
G 6 HOH 61 462 61  HOH HOH A . 
G 6 HOH 62 463 62  HOH HOH A . 
G 6 HOH 63 464 63  HOH HOH A . 
G 6 HOH 64 465 64  HOH HOH A . 
G 6 HOH 65 466 65  HOH HOH A . 
G 6 HOH 66 467 66  HOH HOH A . 
G 6 HOH 67 468 67  HOH HOH A . 
G 6 HOH 68 469 68  HOH HOH A . 
G 6 HOH 69 470 69  HOH HOH A . 
G 6 HOH 70 471 70  HOH HOH A . 
G 6 HOH 71 472 71  HOH HOH A . 
G 6 HOH 72 473 72  HOH HOH A . 
G 6 HOH 73 474 73  HOH HOH A . 
G 6 HOH 74 475 74  HOH HOH A . 
G 6 HOH 75 476 75  HOH HOH A . 
G 6 HOH 76 477 76  HOH HOH A . 
G 6 HOH 77 478 77  HOH HOH A . 
G 6 HOH 78 479 78  HOH HOH A . 
G 6 HOH 79 480 79  HOH HOH A . 
G 6 HOH 80 481 80  HOH HOH A . 
G 6 HOH 81 482 81  HOH HOH A . 
G 6 HOH 82 483 82  HOH HOH A . 
# 
loop_
_pdbx_unobs_or_zero_occ_atoms.id 
_pdbx_unobs_or_zero_occ_atoms.PDB_model_num 
_pdbx_unobs_or_zero_occ_atoms.polymer_flag 
_pdbx_unobs_or_zero_occ_atoms.occupancy_flag 
_pdbx_unobs_or_zero_occ_atoms.auth_asym_id 
_pdbx_unobs_or_zero_occ_atoms.auth_comp_id 
_pdbx_unobs_or_zero_occ_atoms.auth_seq_id 
_pdbx_unobs_or_zero_occ_atoms.PDB_ins_code 
_pdbx_unobs_or_zero_occ_atoms.auth_atom_id 
_pdbx_unobs_or_zero_occ_atoms.label_alt_id 
_pdbx_unobs_or_zero_occ_atoms.label_asym_id 
_pdbx_unobs_or_zero_occ_atoms.label_comp_id 
_pdbx_unobs_or_zero_occ_atoms.label_seq_id 
_pdbx_unobs_or_zero_occ_atoms.label_atom_id 
1 1 Y 1 A ARG 75 ? CG  ? A ARG 75 CG  
2 1 Y 1 A ARG 75 ? CD  ? A ARG 75 CD  
3 1 Y 1 A ARG 75 ? NE  ? A ARG 75 NE  
4 1 Y 1 A ARG 75 ? CZ  ? A ARG 75 CZ  
5 1 Y 1 A ARG 75 ? NH1 ? A ARG 75 NH1 
6 1 Y 1 A ARG 75 ? NH2 ? A ARG 75 NH2 
# 
loop_
_software.name 
_software.classification 
_software.version 
_software.citation_id 
_software.pdbx_ordinal 
CNS       refinement       1.1 ? 1 
HKL-2000  'data reduction' .   ? 2 
SCALEPACK 'data scaling'   .   ? 3 
CNS       phasing          1.1 ? 4 
# 
_cell.entry_id           1YFX 
_cell.length_a           57.900 
_cell.length_b           57.900 
_cell.length_c           230.600 
_cell.angle_alpha        90.00 
_cell.angle_beta         90.00 
_cell.angle_gamma        120.00 
_cell.Z_PDB              12 
_cell.pdbx_unique_axis   ? 
# 
_symmetry.entry_id                         1YFX 
_symmetry.space_group_name_H-M             'P 65 2 2' 
_symmetry.pdbx_full_space_group_name_H-M   ? 
_symmetry.cell_setting                     ? 
_symmetry.Int_Tables_number                179 
_symmetry.space_group_name_Hall            ? 
# 
_exptl.entry_id          1YFX 
_exptl.method            'X-RAY DIFFRACTION' 
_exptl.crystals_number   1 
# 
_exptl_crystal.id                    1 
_exptl_crystal.density_meas          ? 
_exptl_crystal.density_Matthews      2.8 
_exptl_crystal.density_percent_sol   56 
_exptl_crystal.description           ? 
_exptl_crystal.F_000                 ? 
_exptl_crystal.preparation           ? 
# 
_exptl_crystal_grow.crystal_id      1 
_exptl_crystal_grow.method          'VAPOR DIFFUSION, HANGING DROP' 
_exptl_crystal_grow.temp            291 
_exptl_crystal_grow.temp_details    ? 
_exptl_crystal_grow.pH              8.5 
_exptl_crystal_grow.pdbx_details    'PEG 8000, magnesium chloride, Tris, pH 8.5, VAPOR DIFFUSION, HANGING DROP, temperature 291K' 
_exptl_crystal_grow.pdbx_pH_range   . 
# 
_diffrn.id                     1 
_diffrn.ambient_temp           ? 
_diffrn.ambient_temp_details   ? 
_diffrn.crystal_id             1 
# 
_diffrn_radiation.diffrn_id                        1 
_diffrn_radiation.wavelength_id                    1 
_diffrn_radiation.pdbx_monochromatic_or_laue_m_l   M 
_diffrn_radiation.monochromator                    ? 
_diffrn_radiation.pdbx_diffrn_protocol             'SINGLE WAVELENGTH' 
_diffrn_radiation.pdbx_scattering_type             x-ray 
# 
_diffrn_radiation_wavelength.id           1 
_diffrn_radiation_wavelength.wavelength   0.9795 
_diffrn_radiation_wavelength.wt           1.0 
# 
_diffrn_source.diffrn_id                   1 
_diffrn_source.source                      SYNCHROTRON 
_diffrn_source.type                        'APS BEAMLINE 8-BM' 
_diffrn_source.pdbx_synchrotron_site       APS 
_diffrn_source.pdbx_synchrotron_beamline   8-BM 
_diffrn_source.pdbx_wavelength             ? 
_diffrn_source.pdbx_wavelength_list        0.9795 
# 
_reflns.entry_id                     1YFX 
_reflns.observed_criterion_sigma_I   0 
_reflns.observed_criterion_sigma_F   0 
_reflns.d_resolution_low             33.95 
_reflns.d_resolution_high            2.0 
_reflns.number_obs                   13445 
_reflns.number_all                   15530 
_reflns.percent_possible_obs         81.8 
_reflns.pdbx_Rmerge_I_obs            ? 
_reflns.pdbx_Rsym_value              ? 
_reflns.pdbx_netI_over_sigmaI        ? 
_reflns.B_iso_Wilson_estimate        19.6 
_reflns.pdbx_redundancy              ? 
_reflns.R_free_details               ? 
_reflns.limit_h_max                  ? 
_reflns.limit_h_min                  ? 
_reflns.limit_k_max                  ? 
_reflns.limit_k_min                  ? 
_reflns.limit_l_max                  ? 
_reflns.limit_l_min                  ? 
_reflns.observed_criterion_F_max     ? 
_reflns.observed_criterion_F_min     ? 
_reflns.pdbx_chi_squared             ? 
_reflns.pdbx_scaling_rejects         ? 
_reflns.pdbx_ordinal                 1 
_reflns.pdbx_diffrn_id               1 
# 
_reflns_shell.d_res_high             2.0 
_reflns_shell.d_res_low              2.13 
_reflns_shell.percent_possible_all   62.2 
_reflns_shell.Rmerge_I_obs           ? 
_reflns_shell.pdbx_Rsym_value        ? 
_reflns_shell.meanI_over_sigI_obs    ? 
_reflns_shell.pdbx_redundancy        ? 
_reflns_shell.percent_possible_obs   ? 
_reflns_shell.number_unique_all      ? 
_reflns_shell.number_measured_all    ? 
_reflns_shell.number_measured_obs    ? 
_reflns_shell.number_unique_obs      ? 
_reflns_shell.pdbx_chi_squared       ? 
_reflns_shell.pdbx_ordinal           1 
_reflns_shell.pdbx_diffrn_id         1 
# 
_refine.entry_id                                 1YFX 
_refine.ls_number_reflns_obs                     13445 
_refine.ls_number_reflns_all                     15530 
_refine.pdbx_ls_sigma_I                          ? 
_refine.pdbx_ls_sigma_F                          0.0 
_refine.pdbx_data_cutoff_high_absF               440570.84 
_refine.pdbx_data_cutoff_low_absF                0.000000 
_refine.pdbx_data_cutoff_high_rms_absF           ? 
_refine.ls_d_res_low                             33.95 
_refine.ls_d_res_high                            2.00 
_refine.ls_percent_reflns_obs                    81.8 
_refine.ls_R_factor_obs                          0.244 
_refine.ls_R_factor_all                          0.244 
_refine.ls_R_factor_R_work                       0.244 
_refine.ls_R_factor_R_free                       0.291 
_refine.ls_R_factor_R_free_error                 0.012 
_refine.ls_R_factor_R_free_error_details         ? 
_refine.ls_percent_reflns_R_free                 4.8 
_refine.ls_number_reflns_R_free                  641 
_refine.ls_number_parameters                     ? 
_refine.ls_number_restraints                     ? 
_refine.occupancy_min                            ? 
_refine.occupancy_max                            ? 
_refine.correlation_coeff_Fo_to_Fc               ? 
_refine.correlation_coeff_Fo_to_Fc_free          ? 
_refine.B_iso_mean                               51.3 
_refine.aniso_B[1][1]                            13.90 
_refine.aniso_B[2][2]                            13.90 
_refine.aniso_B[3][3]                            -27.81 
_refine.aniso_B[1][2]                            13.46 
_refine.aniso_B[1][3]                            0.00 
_refine.aniso_B[2][3]                            0.00 
_refine.solvent_model_details                    'FLAT MODEL' 
_refine.solvent_model_param_ksol                 0.369308 
_refine.solvent_model_param_bsol                 61.9741 
_refine.pdbx_solvent_vdw_probe_radii             ? 
_refine.pdbx_solvent_ion_probe_radii             ? 
_refine.pdbx_solvent_shrinkage_radii             ? 
_refine.pdbx_ls_cross_valid_method               THROUGHOUT 
_refine.details                                  ? 
_refine.pdbx_starting_model                      ? 
_refine.pdbx_method_to_determine_struct          'MOLECULAR REPLACEMENT' 
_refine.pdbx_isotropic_thermal_model             RESTRAINED 
_refine.pdbx_stereochemistry_target_values       'Engh & Huber' 
_refine.pdbx_stereochem_target_val_spec_case     ? 
_refine.pdbx_R_Free_selection_details            RANDOM 
_refine.pdbx_overall_ESU_R                       ? 
_refine.pdbx_overall_ESU_R_Free                  ? 
_refine.overall_SU_ML                            ? 
_refine.overall_SU_B                             ? 
_refine.ls_redundancy_reflns_obs                 ? 
_refine.B_iso_min                                ? 
_refine.B_iso_max                                ? 
_refine.overall_SU_R_Cruickshank_DPI             ? 
_refine.overall_SU_R_free                        ? 
_refine.ls_wR_factor_R_free                      ? 
_refine.ls_wR_factor_R_work                      ? 
_refine.overall_FOM_free_R_set                   ? 
_refine.overall_FOM_work_R_set                   ? 
_refine.pdbx_refine_id                           'X-RAY DIFFRACTION' 
_refine.pdbx_diffrn_id                           1 
_refine.pdbx_TLS_residual_ADP_flag               ? 
_refine.pdbx_overall_phase_error                 ? 
_refine.pdbx_overall_SU_R_free_Cruickshank_DPI   ? 
_refine.pdbx_overall_SU_R_Blow_DPI               ? 
_refine.pdbx_overall_SU_R_free_Blow_DPI          ? 
# 
_refine_analyze.entry_id                        1YFX 
_refine_analyze.Luzzati_coordinate_error_obs    0.34 
_refine_analyze.Luzzati_sigma_a_obs             0.55 
_refine_analyze.Luzzati_d_res_low_obs           5.00 
_refine_analyze.Luzzati_coordinate_error_free   0.38 
_refine_analyze.Luzzati_sigma_a_free            0.47 
_refine_analyze.Luzzati_d_res_low_free          ? 
_refine_analyze.number_disordered_residues      ? 
_refine_analyze.occupancy_sum_hydrogen          ? 
_refine_analyze.occupancy_sum_non_hydrogen      ? 
_refine_analyze.pdbx_Luzzati_d_res_high_obs     ? 
_refine_analyze.pdbx_refine_id                  'X-RAY DIFFRACTION' 
# 
_refine_hist.pdbx_refine_id                   'X-RAY DIFFRACTION' 
_refine_hist.cycle_id                         LAST 
_refine_hist.pdbx_number_atoms_protein        1409 
_refine_hist.pdbx_number_atoms_nucleic_acid   0 
_refine_hist.pdbx_number_atoms_ligand         24 
_refine_hist.number_atoms_solvent             82 
_refine_hist.number_atoms_total               1515 
_refine_hist.d_res_high                       2.00 
_refine_hist.d_res_low                        33.95 
# 
loop_
_refine_ls_restr.type 
_refine_ls_restr.dev_ideal 
_refine_ls_restr.dev_ideal_target 
_refine_ls_restr.weight 
_refine_ls_restr.number 
_refine_ls_restr.pdbx_refine_id 
_refine_ls_restr.pdbx_restraint_function 
c_bond_d                0.006 ?    ? ? 'X-RAY DIFFRACTION' ? 
c_bond_d_na             ?     ?    ? ? 'X-RAY DIFFRACTION' ? 
c_bond_d_prot           ?     ?    ? ? 'X-RAY DIFFRACTION' ? 
c_angle_d               ?     ?    ? ? 'X-RAY DIFFRACTION' ? 
c_angle_d_na            ?     ?    ? ? 'X-RAY DIFFRACTION' ? 
c_angle_d_prot          ?     ?    ? ? 'X-RAY DIFFRACTION' ? 
c_angle_deg             1.4   ?    ? ? 'X-RAY DIFFRACTION' ? 
c_angle_deg_na          ?     ?    ? ? 'X-RAY DIFFRACTION' ? 
c_angle_deg_prot        ?     ?    ? ? 'X-RAY DIFFRACTION' ? 
c_dihedral_angle_d      26.1  ?    ? ? 'X-RAY DIFFRACTION' ? 
c_dihedral_angle_d_na   ?     ?    ? ? 'X-RAY DIFFRACTION' ? 
c_dihedral_angle_d_prot ?     ?    ? ? 'X-RAY DIFFRACTION' ? 
c_improper_angle_d      0.83  ?    ? ? 'X-RAY DIFFRACTION' ? 
c_improper_angle_d_na   ?     ?    ? ? 'X-RAY DIFFRACTION' ? 
c_improper_angle_d_prot ?     ?    ? ? 'X-RAY DIFFRACTION' ? 
c_mcbond_it             1.44  1.50 ? ? 'X-RAY DIFFRACTION' ? 
c_mcangle_it            2.30  2.00 ? ? 'X-RAY DIFFRACTION' ? 
c_scbond_it             2.01  2.00 ? ? 'X-RAY DIFFRACTION' ? 
c_scangle_it            2.83  2.50 ? ? 'X-RAY DIFFRACTION' ? 
# 
_refine_ls_shell.pdbx_total_number_of_bins_used   6 
_refine_ls_shell.d_res_high                       2.00 
_refine_ls_shell.d_res_low                        2.13 
_refine_ls_shell.number_reflns_R_work             1571 
_refine_ls_shell.R_factor_R_work                  0.47 
_refine_ls_shell.percent_reflns_obs               62.2 
_refine_ls_shell.R_factor_R_free                  0.476 
_refine_ls_shell.R_factor_R_free_error            0.057 
_refine_ls_shell.percent_reflns_R_free            4.3 
_refine_ls_shell.number_reflns_R_free             71 
_refine_ls_shell.number_reflns_obs                ? 
_refine_ls_shell.redundancy_reflns_obs            ? 
_refine_ls_shell.number_reflns_all                ? 
_refine_ls_shell.pdbx_refine_id                   'X-RAY DIFFRACTION' 
_refine_ls_shell.R_factor_all                     ? 
# 
loop_
_pdbx_xplor_file.serial_no 
_pdbx_xplor_file.param_file 
_pdbx_xplor_file.topol_file 
_pdbx_xplor_file.pdbx_refine_id 
1 PROTEIN_REP.PARAM PROTEIN.TOP 'X-RAY DIFFRACTION' 
2 LIGANDS.PARAM     LIGANDS.TOP 'X-RAY DIFFRACTION' 
3 WATER.PARAM       ION.TOP     'X-RAY DIFFRACTION' 
4 ION.PARAM         WATER.TOP   'X-RAY DIFFRACTION' 
# 
_struct.entry_id                  1YFX 
_struct.title                     
;Crystal structure of 3-hydroxyanthranilate-3,4-dioxygenase from Ralstonia metallidurans complexed with 4-chloro-3-hydroxyanthranilic acid and NO
;
_struct.pdbx_model_details        ? 
_struct.pdbx_CASP_flag            ? 
_struct.pdbx_model_type_details   ? 
# 
_struct_keywords.entry_id        1YFX 
_struct_keywords.pdbx_keywords   OXIDOREDUCTASE 
_struct_keywords.text            'cupin, OXIDOREDUCTASE' 
# 
loop_
_struct_asym.id 
_struct_asym.pdbx_blank_PDB_chainid_flag 
_struct_asym.pdbx_modified 
_struct_asym.entity_id 
_struct_asym.details 
A N N 1 ? 
B N N 2 ? 
C N N 2 ? 
D N N 3 ? 
E N N 4 ? 
F N N 5 ? 
G N N 6 ? 
# 
_struct_ref.id                         1 
_struct_ref.db_name                    GB 
_struct_ref.db_code                    ZP_00274330 
_struct_ref.pdbx_db_accession          48769986 
_struct_ref.entity_id                  1 
_struct_ref.pdbx_seq_one_letter_code   
;MLTYGAPFNFPRWIDEHAHLLKPPVGNRQVWQDSDFIVTVVGGPNHRTDYHDDPLEEFFYQLRGNAYLNLWVDGRRERAD
LKEGDIFLLPPHVRHSPQRPEAGSACLVIERQRPAGMLDGFEWYCDACGHLVHRVEVQLKSIVTDLPPLFESFYASEDKR
RCPHCGQVHPGRAA
;
_struct_ref.pdbx_align_begin           1 
_struct_ref.pdbx_db_isoform            ? 
# 
_struct_ref_seq.align_id                      1 
_struct_ref_seq.ref_id                        1 
_struct_ref_seq.pdbx_PDB_id_code              1YFX 
_struct_ref_seq.pdbx_strand_id                A 
_struct_ref_seq.seq_align_beg                 1 
_struct_ref_seq.pdbx_seq_align_beg_ins_code   ? 
_struct_ref_seq.seq_align_end                 174 
_struct_ref_seq.pdbx_seq_align_end_ins_code   ? 
_struct_ref_seq.pdbx_db_accession             48769986 
_struct_ref_seq.db_align_beg                  1 
_struct_ref_seq.pdbx_db_align_beg_ins_code    ? 
_struct_ref_seq.db_align_end                  174 
_struct_ref_seq.pdbx_db_align_end_ins_code    ? 
_struct_ref_seq.pdbx_auth_seq_align_beg       1 
_struct_ref_seq.pdbx_auth_seq_align_end       174 
# 
_pdbx_struct_assembly.id                   1 
_pdbx_struct_assembly.details              author_and_software_defined_assembly 
_pdbx_struct_assembly.method_details       PISA,PQS 
_pdbx_struct_assembly.oligomeric_details   dimeric 
_pdbx_struct_assembly.oligomeric_count     2 
# 
loop_
_pdbx_struct_assembly_prop.biol_id 
_pdbx_struct_assembly_prop.type 
_pdbx_struct_assembly_prop.value 
_pdbx_struct_assembly_prop.details 
1 'ABSA (A^2)' 5260  ? 
1 MORE         -66   ? 
1 'SSA (A^2)'  14970 ? 
# 
_pdbx_struct_assembly_gen.assembly_id       1 
_pdbx_struct_assembly_gen.oper_expression   1,2 
_pdbx_struct_assembly_gen.asym_id_list      A,B,C,D,E,F,G 
# 
loop_
_pdbx_struct_oper_list.id 
_pdbx_struct_oper_list.type 
_pdbx_struct_oper_list.name 
_pdbx_struct_oper_list.symmetry_operation 
_pdbx_struct_oper_list.matrix[1][1] 
_pdbx_struct_oper_list.matrix[1][2] 
_pdbx_struct_oper_list.matrix[1][3] 
_pdbx_struct_oper_list.vector[1] 
_pdbx_struct_oper_list.matrix[2][1] 
_pdbx_struct_oper_list.matrix[2][2] 
_pdbx_struct_oper_list.matrix[2][3] 
_pdbx_struct_oper_list.vector[2] 
_pdbx_struct_oper_list.matrix[3][1] 
_pdbx_struct_oper_list.matrix[3][2] 
_pdbx_struct_oper_list.matrix[3][3] 
_pdbx_struct_oper_list.vector[3] 
1 'identity operation'         1_555  x,y,z            1.0000000000  0.0000000000  0.0000000000  0.0000000000  0.0000000000  1.0000000000  0.0000000000 0.0000000000  0.0000000000  0.0000000000 1.0000000000 0.0000000000  
2 'crystal symmetry operation' 10_665 -y+1,-x+1,-z+1/6 -0.1707516005 -0.1617841152 -0.9719412488 19.5803372856 -0.1617841152 -0.9684363576 0.1896231033 20.6111919396 -0.9719412488 0.1896231033 0.1391879581 13.2748763598 
# 
_struct_biol.id                    1 
_struct_biol.details               
;The second part of the biological assembly is generated    
by the two fold axis:    
 -y + 1, -x + 1, -z + 1/6
;
_struct_biol.pdbx_parent_biol_id   ? 
# 
loop_
_struct_conf.conf_type_id 
_struct_conf.id 
_struct_conf.pdbx_PDB_helix_id 
_struct_conf.beg_label_comp_id 
_struct_conf.beg_label_asym_id 
_struct_conf.beg_label_seq_id 
_struct_conf.pdbx_beg_PDB_ins_code 
_struct_conf.end_label_comp_id 
_struct_conf.end_label_asym_id 
_struct_conf.end_label_seq_id 
_struct_conf.pdbx_end_PDB_ins_code 
_struct_conf.beg_auth_comp_id 
_struct_conf.beg_auth_asym_id 
_struct_conf.beg_auth_seq_id 
_struct_conf.end_auth_comp_id 
_struct_conf.end_auth_asym_id 
_struct_conf.end_auth_seq_id 
_struct_conf.pdbx_PDB_helix_class 
_struct_conf.details 
_struct_conf.pdbx_PDB_helix_length 
HELX_P HELX_P1 1 ASN A 9   ? ALA A 18  ? ASN A 9   ALA A 18  1 ? 10 
HELX_P HELX_P2 2 HIS A 19  ? LEU A 21  ? HIS A 19  LEU A 21  5 ? 3  
HELX_P HELX_P3 3 ASP A 145 ? ALA A 155 ? ASP A 145 ALA A 155 1 ? 11 
HELX_P HELX_P4 4 SER A 156 ? ARG A 161 ? SER A 156 ARG A 161 1 ? 6  
# 
_struct_conf_type.id          HELX_P 
_struct_conf_type.criteria    ? 
_struct_conf_type.reference   ? 
# 
loop_
_struct_conn.id 
_struct_conn.conn_type_id 
_struct_conn.pdbx_leaving_atom_flag 
_struct_conn.pdbx_PDB_id 
_struct_conn.ptnr1_label_asym_id 
_struct_conn.ptnr1_label_comp_id 
_struct_conn.ptnr1_label_seq_id 
_struct_conn.ptnr1_label_atom_id 
_struct_conn.pdbx_ptnr1_label_alt_id 
_struct_conn.pdbx_ptnr1_PDB_ins_code 
_struct_conn.pdbx_ptnr1_standard_comp_id 
_struct_conn.ptnr1_symmetry 
_struct_conn.ptnr2_label_asym_id 
_struct_conn.ptnr2_label_comp_id 
_struct_conn.ptnr2_label_seq_id 
_struct_conn.ptnr2_label_atom_id 
_struct_conn.pdbx_ptnr2_label_alt_id 
_struct_conn.pdbx_ptnr2_PDB_ins_code 
_struct_conn.ptnr1_auth_asym_id 
_struct_conn.ptnr1_auth_comp_id 
_struct_conn.ptnr1_auth_seq_id 
_struct_conn.ptnr2_auth_asym_id 
_struct_conn.ptnr2_auth_comp_id 
_struct_conn.ptnr2_auth_seq_id 
_struct_conn.ptnr2_symmetry 
_struct_conn.pdbx_ptnr3_label_atom_id 
_struct_conn.pdbx_ptnr3_label_seq_id 
_struct_conn.pdbx_ptnr3_label_comp_id 
_struct_conn.pdbx_ptnr3_label_asym_id 
_struct_conn.pdbx_ptnr3_label_alt_id 
_struct_conn.pdbx_ptnr3_PDB_ins_code 
_struct_conn.details 
_struct_conn.pdbx_dist_value 
_struct_conn.pdbx_value_order 
_struct_conn.pdbx_role 
metalc1 metalc ? ? A HIS 51  ND1 ? ? ? 1_555 B FE  . FE  ? ? A HIS 51  A FE  300 1_555 ? ? ? ? ? ? ? 2.161 ? ? 
metalc2 metalc ? ? A GLU 57  OE1 ? ? ? 1_555 B FE  . FE  ? ? A GLU 57  A FE  300 1_555 ? ? ? ? ? ? ? 2.152 ? ? 
metalc3 metalc ? ? A HIS 95  NE2 ? ? ? 1_555 B FE  . FE  ? ? A HIS 95  A FE  300 1_555 ? ? ? ? ? ? ? 2.134 ? ? 
metalc4 metalc ? ? A CYS 125 SG  ? ? ? 1_555 C FE  . FE  ? ? A CYS 125 A FE  301 1_555 ? ? ? ? ? ? ? 2.385 ? ? 
metalc5 metalc ? ? A CYS 128 SG  ? ? ? 1_555 C FE  . FE  ? ? A CYS 128 A FE  301 1_555 ? ? ? ? ? ? ? 2.326 ? ? 
metalc6 metalc ? ? A CYS 162 SG  ? ? ? 1_555 C FE  . FE  ? ? A CYS 162 A FE  301 1_555 ? ? ? ? ? ? ? 2.399 ? ? 
metalc7 metalc ? ? B FE  .   FE  ? ? ? 1_555 D NO  . N   ? ? A FE  300 A NO  310 1_555 ? ? ? ? ? ? ? 2.097 ? ? 
metalc8 metalc ? ? B FE  .   FE  ? ? ? 1_555 F 4AA . OAD ? ? A FE  300 A 4AA 401 1_555 ? ? ? ? ? ? ? 2.051 ? ? 
# 
_struct_conn_type.id          metalc 
_struct_conn_type.criteria    ? 
_struct_conn_type.reference   ? 
# 
loop_
_pdbx_struct_conn_angle.id 
_pdbx_struct_conn_angle.ptnr1_label_atom_id 
_pdbx_struct_conn_angle.ptnr1_label_alt_id 
_pdbx_struct_conn_angle.ptnr1_label_asym_id 
_pdbx_struct_conn_angle.ptnr1_label_comp_id 
_pdbx_struct_conn_angle.ptnr1_label_seq_id 
_pdbx_struct_conn_angle.ptnr1_auth_atom_id 
_pdbx_struct_conn_angle.ptnr1_auth_asym_id 
_pdbx_struct_conn_angle.ptnr1_auth_comp_id 
_pdbx_struct_conn_angle.ptnr1_auth_seq_id 
_pdbx_struct_conn_angle.ptnr1_PDB_ins_code 
_pdbx_struct_conn_angle.ptnr1_symmetry 
_pdbx_struct_conn_angle.ptnr2_label_atom_id 
_pdbx_struct_conn_angle.ptnr2_label_alt_id 
_pdbx_struct_conn_angle.ptnr2_label_asym_id 
_pdbx_struct_conn_angle.ptnr2_label_comp_id 
_pdbx_struct_conn_angle.ptnr2_label_seq_id 
_pdbx_struct_conn_angle.ptnr2_auth_atom_id 
_pdbx_struct_conn_angle.ptnr2_auth_asym_id 
_pdbx_struct_conn_angle.ptnr2_auth_comp_id 
_pdbx_struct_conn_angle.ptnr2_auth_seq_id 
_pdbx_struct_conn_angle.ptnr2_PDB_ins_code 
_pdbx_struct_conn_angle.ptnr2_symmetry 
_pdbx_struct_conn_angle.ptnr3_label_atom_id 
_pdbx_struct_conn_angle.ptnr3_label_alt_id 
_pdbx_struct_conn_angle.ptnr3_label_asym_id 
_pdbx_struct_conn_angle.ptnr3_label_comp_id 
_pdbx_struct_conn_angle.ptnr3_label_seq_id 
_pdbx_struct_conn_angle.ptnr3_auth_atom_id 
_pdbx_struct_conn_angle.ptnr3_auth_asym_id 
_pdbx_struct_conn_angle.ptnr3_auth_comp_id 
_pdbx_struct_conn_angle.ptnr3_auth_seq_id 
_pdbx_struct_conn_angle.ptnr3_PDB_ins_code 
_pdbx_struct_conn_angle.ptnr3_symmetry 
_pdbx_struct_conn_angle.value 
_pdbx_struct_conn_angle.value_esd 
1  ND1 ? A HIS 51  ? A HIS 51  ? 1_555 FE ? B FE . ? A FE 300 ? 1_555 OE1 ? A GLU 57  ? A GLU 57  ? 1_555 97.1  ? 
2  ND1 ? A HIS 51  ? A HIS 51  ? 1_555 FE ? B FE . ? A FE 300 ? 1_555 NE2 ? A HIS 95  ? A HIS 95  ? 1_555 110.9 ? 
3  OE1 ? A GLU 57  ? A GLU 57  ? 1_555 FE ? B FE . ? A FE 300 ? 1_555 NE2 ? A HIS 95  ? A HIS 95  ? 1_555 95.2  ? 
4  ND1 ? A HIS 51  ? A HIS 51  ? 1_555 FE ? B FE . ? A FE 300 ? 1_555 N   ? D NO  .   ? A NO  310 ? 1_555 93.2  ? 
5  OE1 ? A GLU 57  ? A GLU 57  ? 1_555 FE ? B FE . ? A FE 300 ? 1_555 N   ? D NO  .   ? A NO  310 ? 1_555 169.5 ? 
6  NE2 ? A HIS 95  ? A HIS 95  ? 1_555 FE ? B FE . ? A FE 300 ? 1_555 N   ? D NO  .   ? A NO  310 ? 1_555 82.7  ? 
7  ND1 ? A HIS 51  ? A HIS 51  ? 1_555 FE ? B FE . ? A FE 300 ? 1_555 OAD ? F 4AA .   ? A 4AA 401 ? 1_555 100.6 ? 
8  OE1 ? A GLU 57  ? A GLU 57  ? 1_555 FE ? B FE . ? A FE 300 ? 1_555 OAD ? F 4AA .   ? A 4AA 401 ? 1_555 92.3  ? 
9  NE2 ? A HIS 95  ? A HIS 95  ? 1_555 FE ? B FE . ? A FE 300 ? 1_555 OAD ? F 4AA .   ? A 4AA 401 ? 1_555 146.3 ? 
10 N   ? D NO  .   ? A NO  310 ? 1_555 FE ? B FE . ? A FE 300 ? 1_555 OAD ? F 4AA .   ? A 4AA 401 ? 1_555 84.1  ? 
11 SG  ? A CYS 125 ? A CYS 125 ? 1_555 FE ? C FE . ? A FE 301 ? 1_555 SG  ? A CYS 128 ? A CYS 128 ? 1_555 129.7 ? 
12 SG  ? A CYS 125 ? A CYS 125 ? 1_555 FE ? C FE . ? A FE 301 ? 1_555 SG  ? A CYS 162 ? A CYS 162 ? 1_555 120.2 ? 
13 SG  ? A CYS 128 ? A CYS 128 ? 1_555 FE ? C FE . ? A FE 301 ? 1_555 SG  ? A CYS 162 ? A CYS 162 ? 1_555 85.8  ? 
# 
loop_
_struct_mon_prot_cis.pdbx_id 
_struct_mon_prot_cis.label_comp_id 
_struct_mon_prot_cis.label_seq_id 
_struct_mon_prot_cis.label_asym_id 
_struct_mon_prot_cis.label_alt_id 
_struct_mon_prot_cis.pdbx_PDB_ins_code 
_struct_mon_prot_cis.auth_comp_id 
_struct_mon_prot_cis.auth_seq_id 
_struct_mon_prot_cis.auth_asym_id 
_struct_mon_prot_cis.pdbx_label_comp_id_2 
_struct_mon_prot_cis.pdbx_label_seq_id_2 
_struct_mon_prot_cis.pdbx_label_asym_id_2 
_struct_mon_prot_cis.pdbx_PDB_ins_code_2 
_struct_mon_prot_cis.pdbx_auth_comp_id_2 
_struct_mon_prot_cis.pdbx_auth_seq_id_2 
_struct_mon_prot_cis.pdbx_auth_asym_id_2 
_struct_mon_prot_cis.pdbx_PDB_model_num 
_struct_mon_prot_cis.pdbx_omega_angle 
1 PRO 23 A . ? PRO 23 A PRO 24 A ? PRO 24 A 1 -0.01 
2 GLY 43 A . ? GLY 43 A PRO 44 A ? PRO 44 A 1 -0.02 
# 
loop_
_struct_sheet.id 
_struct_sheet.type 
_struct_sheet.number_strands 
_struct_sheet.details 
A ? 5 ? 
B ? 3 ? 
C ? 3 ? 
# 
loop_
_struct_sheet_order.sheet_id 
_struct_sheet_order.range_id_1 
_struct_sheet_order.range_id_2 
_struct_sheet_order.offset 
_struct_sheet_order.sense 
A 1 2 ? anti-parallel 
A 2 3 ? anti-parallel 
A 3 4 ? anti-parallel 
A 4 5 ? anti-parallel 
B 1 2 ? anti-parallel 
B 2 3 ? anti-parallel 
C 1 2 ? anti-parallel 
C 2 3 ? anti-parallel 
# 
loop_
_struct_sheet_range.sheet_id 
_struct_sheet_range.id 
_struct_sheet_range.beg_label_comp_id 
_struct_sheet_range.beg_label_asym_id 
_struct_sheet_range.beg_label_seq_id 
_struct_sheet_range.pdbx_beg_PDB_ins_code 
_struct_sheet_range.end_label_comp_id 
_struct_sheet_range.end_label_asym_id 
_struct_sheet_range.end_label_seq_id 
_struct_sheet_range.pdbx_end_PDB_ins_code 
_struct_sheet_range.beg_auth_comp_id 
_struct_sheet_range.beg_auth_asym_id 
_struct_sheet_range.beg_auth_seq_id 
_struct_sheet_range.end_auth_comp_id 
_struct_sheet_range.end_auth_asym_id 
_struct_sheet_range.end_auth_seq_id 
A 1 ASN A 27  ? GLN A 29  ? ASN A 27  GLN A 29  
A 2 PHE A 36  ? VAL A 41  ? PHE A 36  VAL A 41  
A 3 ALA A 105 ? ARG A 111 ? ALA A 105 ARG A 111 
A 4 GLU A 57  ? ARG A 63  ? GLU A 57  ARG A 63  
A 5 ILE A 86  ? LEU A 89  ? ILE A 86  LEU A 89  
B 1 TYR A 50  ? ASP A 52  ? TYR A 50  ASP A 52  
B 2 ASP A 119 ? TYR A 124 ? ASP A 119 TYR A 124 
B 3 LEU A 131 ? VAL A 137 ? LEU A 131 VAL A 137 
C 1 ARG A 76  ? LEU A 81  ? ARG A 76  LEU A 81  
C 2 ALA A 66  ? TRP A 71  ? ALA A 66  TRP A 71  
C 3 HIS A 95  ? GLN A 98  ? HIS A 95  GLN A 98  
# 
loop_
_pdbx_struct_sheet_hbond.sheet_id 
_pdbx_struct_sheet_hbond.range_id_1 
_pdbx_struct_sheet_hbond.range_id_2 
_pdbx_struct_sheet_hbond.range_1_label_atom_id 
_pdbx_struct_sheet_hbond.range_1_label_comp_id 
_pdbx_struct_sheet_hbond.range_1_label_asym_id 
_pdbx_struct_sheet_hbond.range_1_label_seq_id 
_pdbx_struct_sheet_hbond.range_1_PDB_ins_code 
_pdbx_struct_sheet_hbond.range_1_auth_atom_id 
_pdbx_struct_sheet_hbond.range_1_auth_comp_id 
_pdbx_struct_sheet_hbond.range_1_auth_asym_id 
_pdbx_struct_sheet_hbond.range_1_auth_seq_id 
_pdbx_struct_sheet_hbond.range_2_label_atom_id 
_pdbx_struct_sheet_hbond.range_2_label_comp_id 
_pdbx_struct_sheet_hbond.range_2_label_asym_id 
_pdbx_struct_sheet_hbond.range_2_label_seq_id 
_pdbx_struct_sheet_hbond.range_2_PDB_ins_code 
_pdbx_struct_sheet_hbond.range_2_auth_atom_id 
_pdbx_struct_sheet_hbond.range_2_auth_comp_id 
_pdbx_struct_sheet_hbond.range_2_auth_asym_id 
_pdbx_struct_sheet_hbond.range_2_auth_seq_id 
A 1 2 N ARG A 28  ? N ARG A 28  O VAL A 40  ? O VAL A 40  
A 2 3 N THR A 39  ? N THR A 39  O VAL A 108 ? O VAL A 108 
A 3 4 O LEU A 107 ? O LEU A 107 N TYR A 60  ? N TYR A 60  
A 4 5 N PHE A 59  ? N PHE A 59  O PHE A 87  ? O PHE A 87  
B 1 2 N ASP A 52  ? N ASP A 52  O GLY A 120 ? O GLY A 120 
B 2 3 N ASP A 119 ? N ASP A 119 O VAL A 137 ? O VAL A 137 
C 1 2 O GLU A 77  ? O GLU A 77  N LEU A 70  ? N LEU A 70  
C 2 3 N TYR A 67  ? N TYR A 67  O GLN A 98  ? O GLN A 98  
# 
loop_
_struct_site.id 
_struct_site.pdbx_evidence_code 
_struct_site.pdbx_auth_asym_id 
_struct_site.pdbx_auth_comp_id 
_struct_site.pdbx_auth_seq_id 
_struct_site.pdbx_auth_ins_code 
_struct_site.pdbx_num_residues 
_struct_site.details 
AC1 Software A FE  300 ? 5  'BINDING SITE FOR RESIDUE FE A 300'  
AC2 Software A FE  301 ? 4  'BINDING SITE FOR RESIDUE FE A 301'  
AC3 Software A NO  310 ? 6  'BINDING SITE FOR RESIDUE NO A 310'  
AC4 Software A TRS 400 ? 8  'BINDING SITE FOR RESIDUE TRS A 400' 
AC5 Software A 4AA 401 ? 12 'BINDING SITE FOR RESIDUE 4AA A 401' 
# 
loop_
_struct_site_gen.id 
_struct_site_gen.site_id 
_struct_site_gen.pdbx_num_res 
_struct_site_gen.label_comp_id 
_struct_site_gen.label_asym_id 
_struct_site_gen.label_seq_id 
_struct_site_gen.pdbx_auth_ins_code 
_struct_site_gen.auth_comp_id 
_struct_site_gen.auth_asym_id 
_struct_site_gen.auth_seq_id 
_struct_site_gen.label_atom_id 
_struct_site_gen.label_alt_id 
_struct_site_gen.symmetry 
_struct_site_gen.details 
1  AC1 5  HIS A 51  ? HIS A 51  . ? 1_555 ? 
2  AC1 5  GLU A 57  ? GLU A 57  . ? 1_555 ? 
3  AC1 5  HIS A 95  ? HIS A 95  . ? 1_555 ? 
4  AC1 5  NO  D .   ? NO  A 310 . ? 1_555 ? 
5  AC1 5  4AA F .   ? 4AA A 401 . ? 1_555 ? 
6  AC2 4  CYS A 125 ? CYS A 125 . ? 1_555 ? 
7  AC2 4  CYS A 128 ? CYS A 128 . ? 1_555 ? 
8  AC2 4  CYS A 162 ? CYS A 162 . ? 1_555 ? 
9  AC2 4  CYS A 165 ? CYS A 165 . ? 1_555 ? 
10 AC3 6  ARG A 47  ? ARG A 47  . ? 1_555 ? 
11 AC3 6  HIS A 51  ? HIS A 51  . ? 1_555 ? 
12 AC3 6  HIS A 95  ? HIS A 95  . ? 1_555 ? 
13 AC3 6  PRO A 97  ? PRO A 97  . ? 1_555 ? 
14 AC3 6  FE  B .   ? FE  A 300 . ? 1_555 ? 
15 AC3 6  4AA F .   ? 4AA A 401 . ? 1_555 ? 
16 AC4 8  VAL A 132 ? VAL A 132 . ? 1_555 ? 
17 AC4 8  HIS A 133 ? HIS A 133 . ? 1_555 ? 
18 AC4 8  ASP A 158 ? ASP A 158 . ? 1_555 ? 
19 AC4 8  LYS A 159 ? LYS A 159 . ? 1_555 ? 
20 AC4 8  ARG A 161 ? ARG A 161 . ? 1_555 ? 
21 AC4 8  PRO A 163 ? PRO A 163 . ? 1_555 ? 
22 AC4 8  HOH G .   ? HOH A 432 . ? 1_555 ? 
23 AC4 8  HOH G .   ? HOH A 439 . ? 1_555 ? 
24 AC5 12 VAL A 41  ? VAL A 41  . ? 1_555 ? 
25 AC5 12 ARG A 47  ? ARG A 47  . ? 1_555 ? 
26 AC5 12 HIS A 51  ? HIS A 51  . ? 1_555 ? 
27 AC5 12 GLU A 57  ? GLU A 57  . ? 1_555 ? 
28 AC5 12 PHE A 59  ? PHE A 59  . ? 1_555 ? 
29 AC5 12 PRO A 97  ? PRO A 97  . ? 1_555 ? 
30 AC5 12 ARG A 99  ? ARG A 99  . ? 1_555 ? 
31 AC5 12 GLU A 110 ? GLU A 110 . ? 1_555 ? 
32 AC5 12 ILE A 142 ? ILE A 142 . ? 1_555 ? 
33 AC5 12 FE  B .   ? FE  A 300 . ? 1_555 ? 
34 AC5 12 NO  D .   ? NO  A 310 . ? 1_555 ? 
35 AC5 12 HOH G .   ? HOH A 418 . ? 1_555 ? 
# 
loop_
_pdbx_validate_torsion.id 
_pdbx_validate_torsion.PDB_model_num 
_pdbx_validate_torsion.auth_comp_id 
_pdbx_validate_torsion.auth_asym_id 
_pdbx_validate_torsion.auth_seq_id 
_pdbx_validate_torsion.PDB_ins_code 
_pdbx_validate_torsion.label_alt_id 
_pdbx_validate_torsion.phi 
_pdbx_validate_torsion.psi 
1 1 ARG A 28  ? ? -163.01 115.86 
2 1 ASP A 73  ? ? -150.00 -46.93 
3 1 HIS A 92  ? ? 72.75   -4.80  
4 1 ALA A 127 ? ? -71.53  -70.65 
5 1 PRO A 170 ? ? -54.12  -8.75  
6 1 ALA A 173 ? ? -165.32 16.14  
# 
loop_
_chem_comp_atom.comp_id 
_chem_comp_atom.atom_id 
_chem_comp_atom.type_symbol 
_chem_comp_atom.pdbx_aromatic_flag 
_chem_comp_atom.pdbx_stereo_config 
_chem_comp_atom.pdbx_ordinal 
4AA OAB  O  N N 1   
4AA CAH  C  N N 2   
4AA OAC  O  N N 3   
4AA CAL  C  Y N 4   
4AA CAG  C  Y N 5   
4AA CAF  C  Y N 6   
4AA CAJ  C  Y N 7   
4AA CLAE CL N N 8   
4AA CAK  C  Y N 9   
4AA OAD  O  N N 10  
4AA CAI  C  Y N 11  
4AA NAA  N  N N 12  
4AA HAB  H  N N 13  
4AA HAG  H  N N 14  
4AA HAF  H  N N 15  
4AA HAD  H  N N 16  
4AA HAA1 H  N N 17  
4AA HAA2 H  N N 18  
ALA N    N  N N 19  
ALA CA   C  N S 20  
ALA C    C  N N 21  
ALA O    O  N N 22  
ALA CB   C  N N 23  
ALA OXT  O  N N 24  
ALA H    H  N N 25  
ALA H2   H  N N 26  
ALA HA   H  N N 27  
ALA HB1  H  N N 28  
ALA HB2  H  N N 29  
ALA HB3  H  N N 30  
ALA HXT  H  N N 31  
ARG N    N  N N 32  
ARG CA   C  N S 33  
ARG C    C  N N 34  
ARG O    O  N N 35  
ARG CB   C  N N 36  
ARG CG   C  N N 37  
ARG CD   C  N N 38  
ARG NE   N  N N 39  
ARG CZ   C  N N 40  
ARG NH1  N  N N 41  
ARG NH2  N  N N 42  
ARG OXT  O  N N 43  
ARG H    H  N N 44  
ARG H2   H  N N 45  
ARG HA   H  N N 46  
ARG HB2  H  N N 47  
ARG HB3  H  N N 48  
ARG HG2  H  N N 49  
ARG HG3  H  N N 50  
ARG HD2  H  N N 51  
ARG HD3  H  N N 52  
ARG HE   H  N N 53  
ARG HH11 H  N N 54  
ARG HH12 H  N N 55  
ARG HH21 H  N N 56  
ARG HH22 H  N N 57  
ARG HXT  H  N N 58  
ASN N    N  N N 59  
ASN CA   C  N S 60  
ASN C    C  N N 61  
ASN O    O  N N 62  
ASN CB   C  N N 63  
ASN CG   C  N N 64  
ASN OD1  O  N N 65  
ASN ND2  N  N N 66  
ASN OXT  O  N N 67  
ASN H    H  N N 68  
ASN H2   H  N N 69  
ASN HA   H  N N 70  
ASN HB2  H  N N 71  
ASN HB3  H  N N 72  
ASN HD21 H  N N 73  
ASN HD22 H  N N 74  
ASN HXT  H  N N 75  
ASP N    N  N N 76  
ASP CA   C  N S 77  
ASP C    C  N N 78  
ASP O    O  N N 79  
ASP CB   C  N N 80  
ASP CG   C  N N 81  
ASP OD1  O  N N 82  
ASP OD2  O  N N 83  
ASP OXT  O  N N 84  
ASP H    H  N N 85  
ASP H2   H  N N 86  
ASP HA   H  N N 87  
ASP HB2  H  N N 88  
ASP HB3  H  N N 89  
ASP HD2  H  N N 90  
ASP HXT  H  N N 91  
CYS N    N  N N 92  
CYS CA   C  N R 93  
CYS C    C  N N 94  
CYS O    O  N N 95  
CYS CB   C  N N 96  
CYS SG   S  N N 97  
CYS OXT  O  N N 98  
CYS H    H  N N 99  
CYS H2   H  N N 100 
CYS HA   H  N N 101 
CYS HB2  H  N N 102 
CYS HB3  H  N N 103 
CYS HG   H  N N 104 
CYS HXT  H  N N 105 
FE  FE   FE N N 106 
GLN N    N  N N 107 
GLN CA   C  N S 108 
GLN C    C  N N 109 
GLN O    O  N N 110 
GLN CB   C  N N 111 
GLN CG   C  N N 112 
GLN CD   C  N N 113 
GLN OE1  O  N N 114 
GLN NE2  N  N N 115 
GLN OXT  O  N N 116 
GLN H    H  N N 117 
GLN H2   H  N N 118 
GLN HA   H  N N 119 
GLN HB2  H  N N 120 
GLN HB3  H  N N 121 
GLN HG2  H  N N 122 
GLN HG3  H  N N 123 
GLN HE21 H  N N 124 
GLN HE22 H  N N 125 
GLN HXT  H  N N 126 
GLU N    N  N N 127 
GLU CA   C  N S 128 
GLU C    C  N N 129 
GLU O    O  N N 130 
GLU CB   C  N N 131 
GLU CG   C  N N 132 
GLU CD   C  N N 133 
GLU OE1  O  N N 134 
GLU OE2  O  N N 135 
GLU OXT  O  N N 136 
GLU H    H  N N 137 
GLU H2   H  N N 138 
GLU HA   H  N N 139 
GLU HB2  H  N N 140 
GLU HB3  H  N N 141 
GLU HG2  H  N N 142 
GLU HG3  H  N N 143 
GLU HE2  H  N N 144 
GLU HXT  H  N N 145 
GLY N    N  N N 146 
GLY CA   C  N N 147 
GLY C    C  N N 148 
GLY O    O  N N 149 
GLY OXT  O  N N 150 
GLY H    H  N N 151 
GLY H2   H  N N 152 
GLY HA2  H  N N 153 
GLY HA3  H  N N 154 
GLY HXT  H  N N 155 
HIS N    N  N N 156 
HIS CA   C  N S 157 
HIS C    C  N N 158 
HIS O    O  N N 159 
HIS CB   C  N N 160 
HIS CG   C  Y N 161 
HIS ND1  N  Y N 162 
HIS CD2  C  Y N 163 
HIS CE1  C  Y N 164 
HIS NE2  N  Y N 165 
HIS OXT  O  N N 166 
HIS H    H  N N 167 
HIS H2   H  N N 168 
HIS HA   H  N N 169 
HIS HB2  H  N N 170 
HIS HB3  H  N N 171 
HIS HD1  H  N N 172 
HIS HD2  H  N N 173 
HIS HE1  H  N N 174 
HIS HE2  H  N N 175 
HIS HXT  H  N N 176 
HOH O    O  N N 177 
HOH H1   H  N N 178 
HOH H2   H  N N 179 
ILE N    N  N N 180 
ILE CA   C  N S 181 
ILE C    C  N N 182 
ILE O    O  N N 183 
ILE CB   C  N S 184 
ILE CG1  C  N N 185 
ILE CG2  C  N N 186 
ILE CD1  C  N N 187 
ILE OXT  O  N N 188 
ILE H    H  N N 189 
ILE H2   H  N N 190 
ILE HA   H  N N 191 
ILE HB   H  N N 192 
ILE HG12 H  N N 193 
ILE HG13 H  N N 194 
ILE HG21 H  N N 195 
ILE HG22 H  N N 196 
ILE HG23 H  N N 197 
ILE HD11 H  N N 198 
ILE HD12 H  N N 199 
ILE HD13 H  N N 200 
ILE HXT  H  N N 201 
LEU N    N  N N 202 
LEU CA   C  N S 203 
LEU C    C  N N 204 
LEU O    O  N N 205 
LEU CB   C  N N 206 
LEU CG   C  N N 207 
LEU CD1  C  N N 208 
LEU CD2  C  N N 209 
LEU OXT  O  N N 210 
LEU H    H  N N 211 
LEU H2   H  N N 212 
LEU HA   H  N N 213 
LEU HB2  H  N N 214 
LEU HB3  H  N N 215 
LEU HG   H  N N 216 
LEU HD11 H  N N 217 
LEU HD12 H  N N 218 
LEU HD13 H  N N 219 
LEU HD21 H  N N 220 
LEU HD22 H  N N 221 
LEU HD23 H  N N 222 
LEU HXT  H  N N 223 
LYS N    N  N N 224 
LYS CA   C  N S 225 
LYS C    C  N N 226 
LYS O    O  N N 227 
LYS CB   C  N N 228 
LYS CG   C  N N 229 
LYS CD   C  N N 230 
LYS CE   C  N N 231 
LYS NZ   N  N N 232 
LYS OXT  O  N N 233 
LYS H    H  N N 234 
LYS H2   H  N N 235 
LYS HA   H  N N 236 
LYS HB2  H  N N 237 
LYS HB3  H  N N 238 
LYS HG2  H  N N 239 
LYS HG3  H  N N 240 
LYS HD2  H  N N 241 
LYS HD3  H  N N 242 
LYS HE2  H  N N 243 
LYS HE3  H  N N 244 
LYS HZ1  H  N N 245 
LYS HZ2  H  N N 246 
LYS HZ3  H  N N 247 
LYS HXT  H  N N 248 
MET N    N  N N 249 
MET CA   C  N S 250 
MET C    C  N N 251 
MET O    O  N N 252 
MET CB   C  N N 253 
MET CG   C  N N 254 
MET SD   S  N N 255 
MET CE   C  N N 256 
MET OXT  O  N N 257 
MET H    H  N N 258 
MET H2   H  N N 259 
MET HA   H  N N 260 
MET HB2  H  N N 261 
MET HB3  H  N N 262 
MET HG2  H  N N 263 
MET HG3  H  N N 264 
MET HE1  H  N N 265 
MET HE2  H  N N 266 
MET HE3  H  N N 267 
MET HXT  H  N N 268 
NO  N    N  N N 269 
NO  O    O  N N 270 
PHE N    N  N N 271 
PHE CA   C  N S 272 
PHE C    C  N N 273 
PHE O    O  N N 274 
PHE CB   C  N N 275 
PHE CG   C  Y N 276 
PHE CD1  C  Y N 277 
PHE CD2  C  Y N 278 
PHE CE1  C  Y N 279 
PHE CE2  C  Y N 280 
PHE CZ   C  Y N 281 
PHE OXT  O  N N 282 
PHE H    H  N N 283 
PHE H2   H  N N 284 
PHE HA   H  N N 285 
PHE HB2  H  N N 286 
PHE HB3  H  N N 287 
PHE HD1  H  N N 288 
PHE HD2  H  N N 289 
PHE HE1  H  N N 290 
PHE HE2  H  N N 291 
PHE HZ   H  N N 292 
PHE HXT  H  N N 293 
PRO N    N  N N 294 
PRO CA   C  N S 295 
PRO C    C  N N 296 
PRO O    O  N N 297 
PRO CB   C  N N 298 
PRO CG   C  N N 299 
PRO CD   C  N N 300 
PRO OXT  O  N N 301 
PRO H    H  N N 302 
PRO HA   H  N N 303 
PRO HB2  H  N N 304 
PRO HB3  H  N N 305 
PRO HG2  H  N N 306 
PRO HG3  H  N N 307 
PRO HD2  H  N N 308 
PRO HD3  H  N N 309 
PRO HXT  H  N N 310 
SER N    N  N N 311 
SER CA   C  N S 312 
SER C    C  N N 313 
SER O    O  N N 314 
SER CB   C  N N 315 
SER OG   O  N N 316 
SER OXT  O  N N 317 
SER H    H  N N 318 
SER H2   H  N N 319 
SER HA   H  N N 320 
SER HB2  H  N N 321 
SER HB3  H  N N 322 
SER HG   H  N N 323 
SER HXT  H  N N 324 
THR N    N  N N 325 
THR CA   C  N S 326 
THR C    C  N N 327 
THR O    O  N N 328 
THR CB   C  N R 329 
THR OG1  O  N N 330 
THR CG2  C  N N 331 
THR OXT  O  N N 332 
THR H    H  N N 333 
THR H2   H  N N 334 
THR HA   H  N N 335 
THR HB   H  N N 336 
THR HG1  H  N N 337 
THR HG21 H  N N 338 
THR HG22 H  N N 339 
THR HG23 H  N N 340 
THR HXT  H  N N 341 
TRP N    N  N N 342 
TRP CA   C  N S 343 
TRP C    C  N N 344 
TRP O    O  N N 345 
TRP CB   C  N N 346 
TRP CG   C  Y N 347 
TRP CD1  C  Y N 348 
TRP CD2  C  Y N 349 
TRP NE1  N  Y N 350 
TRP CE2  C  Y N 351 
TRP CE3  C  Y N 352 
TRP CZ2  C  Y N 353 
TRP CZ3  C  Y N 354 
TRP CH2  C  Y N 355 
TRP OXT  O  N N 356 
TRP H    H  N N 357 
TRP H2   H  N N 358 
TRP HA   H  N N 359 
TRP HB2  H  N N 360 
TRP HB3  H  N N 361 
TRP HD1  H  N N 362 
TRP HE1  H  N N 363 
TRP HE3  H  N N 364 
TRP HZ2  H  N N 365 
TRP HZ3  H  N N 366 
TRP HH2  H  N N 367 
TRP HXT  H  N N 368 
TRS C    C  N N 369 
TRS C1   C  N N 370 
TRS C2   C  N N 371 
TRS C3   C  N N 372 
TRS N    N  N N 373 
TRS O1   O  N N 374 
TRS O2   O  N N 375 
TRS O3   O  N N 376 
TRS H11  H  N N 377 
TRS H12  H  N N 378 
TRS H21  H  N N 379 
TRS H22  H  N N 380 
TRS H31  H  N N 381 
TRS H32  H  N N 382 
TRS HN1  H  N N 383 
TRS HN2  H  N N 384 
TRS HN3  H  N N 385 
TRS HO1  H  N N 386 
TRS HO2  H  N N 387 
TRS HO3  H  N N 388 
TYR N    N  N N 389 
TYR CA   C  N S 390 
TYR C    C  N N 391 
TYR O    O  N N 392 
TYR CB   C  N N 393 
TYR CG   C  Y N 394 
TYR CD1  C  Y N 395 
TYR CD2  C  Y N 396 
TYR CE1  C  Y N 397 
TYR CE2  C  Y N 398 
TYR CZ   C  Y N 399 
TYR OH   O  N N 400 
TYR OXT  O  N N 401 
TYR H    H  N N 402 
TYR H2   H  N N 403 
TYR HA   H  N N 404 
TYR HB2  H  N N 405 
TYR HB3  H  N N 406 
TYR HD1  H  N N 407 
TYR HD2  H  N N 408 
TYR HE1  H  N N 409 
TYR HE2  H  N N 410 
TYR HH   H  N N 411 
TYR HXT  H  N N 412 
VAL N    N  N N 413 
VAL CA   C  N S 414 
VAL C    C  N N 415 
VAL O    O  N N 416 
VAL CB   C  N N 417 
VAL CG1  C  N N 418 
VAL CG2  C  N N 419 
VAL OXT  O  N N 420 
VAL H    H  N N 421 
VAL H2   H  N N 422 
VAL HA   H  N N 423 
VAL HB   H  N N 424 
VAL HG11 H  N N 425 
VAL HG12 H  N N 426 
VAL HG13 H  N N 427 
VAL HG21 H  N N 428 
VAL HG22 H  N N 429 
VAL HG23 H  N N 430 
VAL HXT  H  N N 431 
# 
loop_
_chem_comp_bond.comp_id 
_chem_comp_bond.atom_id_1 
_chem_comp_bond.atom_id_2 
_chem_comp_bond.value_order 
_chem_comp_bond.pdbx_aromatic_flag 
_chem_comp_bond.pdbx_stereo_config 
_chem_comp_bond.pdbx_ordinal 
4AA OAB CAH  sing N N 1   
4AA OAB HAB  sing N N 2   
4AA CAH OAC  doub N N 3   
4AA CAH CAL  sing N N 4   
4AA CAL CAG  doub Y N 5   
4AA CAL CAI  sing Y N 6   
4AA CAG CAF  sing Y N 7   
4AA CAG HAG  sing N N 8   
4AA CAF CAJ  doub Y N 9   
4AA CAF HAF  sing N N 10  
4AA CAJ CLAE sing N N 11  
4AA CAJ CAK  sing Y N 12  
4AA CAK OAD  sing N N 13  
4AA CAK CAI  doub Y N 14  
4AA OAD HAD  sing N N 15  
4AA CAI NAA  sing N N 16  
4AA NAA HAA1 sing N N 17  
4AA NAA HAA2 sing N N 18  
ALA N   CA   sing N N 19  
ALA N   H    sing N N 20  
ALA N   H2   sing N N 21  
ALA CA  C    sing N N 22  
ALA CA  CB   sing N N 23  
ALA CA  HA   sing N N 24  
ALA C   O    doub N N 25  
ALA C   OXT  sing N N 26  
ALA CB  HB1  sing N N 27  
ALA CB  HB2  sing N N 28  
ALA CB  HB3  sing N N 29  
ALA OXT HXT  sing N N 30  
ARG N   CA   sing N N 31  
ARG N   H    sing N N 32  
ARG N   H2   sing N N 33  
ARG CA  C    sing N N 34  
ARG CA  CB   sing N N 35  
ARG CA  HA   sing N N 36  
ARG C   O    doub N N 37  
ARG C   OXT  sing N N 38  
ARG CB  CG   sing N N 39  
ARG CB  HB2  sing N N 40  
ARG CB  HB3  sing N N 41  
ARG CG  CD   sing N N 42  
ARG CG  HG2  sing N N 43  
ARG CG  HG3  sing N N 44  
ARG CD  NE   sing N N 45  
ARG CD  HD2  sing N N 46  
ARG CD  HD3  sing N N 47  
ARG NE  CZ   sing N N 48  
ARG NE  HE   sing N N 49  
ARG CZ  NH1  sing N N 50  
ARG CZ  NH2  doub N N 51  
ARG NH1 HH11 sing N N 52  
ARG NH1 HH12 sing N N 53  
ARG NH2 HH21 sing N N 54  
ARG NH2 HH22 sing N N 55  
ARG OXT HXT  sing N N 56  
ASN N   CA   sing N N 57  
ASN N   H    sing N N 58  
ASN N   H2   sing N N 59  
ASN CA  C    sing N N 60  
ASN CA  CB   sing N N 61  
ASN CA  HA   sing N N 62  
ASN C   O    doub N N 63  
ASN C   OXT  sing N N 64  
ASN CB  CG   sing N N 65  
ASN CB  HB2  sing N N 66  
ASN CB  HB3  sing N N 67  
ASN CG  OD1  doub N N 68  
ASN CG  ND2  sing N N 69  
ASN ND2 HD21 sing N N 70  
ASN ND2 HD22 sing N N 71  
ASN OXT HXT  sing N N 72  
ASP N   CA   sing N N 73  
ASP N   H    sing N N 74  
ASP N   H2   sing N N 75  
ASP CA  C    sing N N 76  
ASP CA  CB   sing N N 77  
ASP CA  HA   sing N N 78  
ASP C   O    doub N N 79  
ASP C   OXT  sing N N 80  
ASP CB  CG   sing N N 81  
ASP CB  HB2  sing N N 82  
ASP CB  HB3  sing N N 83  
ASP CG  OD1  doub N N 84  
ASP CG  OD2  sing N N 85  
ASP OD2 HD2  sing N N 86  
ASP OXT HXT  sing N N 87  
CYS N   CA   sing N N 88  
CYS N   H    sing N N 89  
CYS N   H2   sing N N 90  
CYS CA  C    sing N N 91  
CYS CA  CB   sing N N 92  
CYS CA  HA   sing N N 93  
CYS C   O    doub N N 94  
CYS C   OXT  sing N N 95  
CYS CB  SG   sing N N 96  
CYS CB  HB2  sing N N 97  
CYS CB  HB3  sing N N 98  
CYS SG  HG   sing N N 99  
CYS OXT HXT  sing N N 100 
GLN N   CA   sing N N 101 
GLN N   H    sing N N 102 
GLN N   H2   sing N N 103 
GLN CA  C    sing N N 104 
GLN CA  CB   sing N N 105 
GLN CA  HA   sing N N 106 
GLN C   O    doub N N 107 
GLN C   OXT  sing N N 108 
GLN CB  CG   sing N N 109 
GLN CB  HB2  sing N N 110 
GLN CB  HB3  sing N N 111 
GLN CG  CD   sing N N 112 
GLN CG  HG2  sing N N 113 
GLN CG  HG3  sing N N 114 
GLN CD  OE1  doub N N 115 
GLN CD  NE2  sing N N 116 
GLN NE2 HE21 sing N N 117 
GLN NE2 HE22 sing N N 118 
GLN OXT HXT  sing N N 119 
GLU N   CA   sing N N 120 
GLU N   H    sing N N 121 
GLU N   H2   sing N N 122 
GLU CA  C    sing N N 123 
GLU CA  CB   sing N N 124 
GLU CA  HA   sing N N 125 
GLU C   O    doub N N 126 
GLU C   OXT  sing N N 127 
GLU CB  CG   sing N N 128 
GLU CB  HB2  sing N N 129 
GLU CB  HB3  sing N N 130 
GLU CG  CD   sing N N 131 
GLU CG  HG2  sing N N 132 
GLU CG  HG3  sing N N 133 
GLU CD  OE1  doub N N 134 
GLU CD  OE2  sing N N 135 
GLU OE2 HE2  sing N N 136 
GLU OXT HXT  sing N N 137 
GLY N   CA   sing N N 138 
GLY N   H    sing N N 139 
GLY N   H2   sing N N 140 
GLY CA  C    sing N N 141 
GLY CA  HA2  sing N N 142 
GLY CA  HA3  sing N N 143 
GLY C   O    doub N N 144 
GLY C   OXT  sing N N 145 
GLY OXT HXT  sing N N 146 
HIS N   CA   sing N N 147 
HIS N   H    sing N N 148 
HIS N   H2   sing N N 149 
HIS CA  C    sing N N 150 
HIS CA  CB   sing N N 151 
HIS CA  HA   sing N N 152 
HIS C   O    doub N N 153 
HIS C   OXT  sing N N 154 
HIS CB  CG   sing N N 155 
HIS CB  HB2  sing N N 156 
HIS CB  HB3  sing N N 157 
HIS CG  ND1  sing Y N 158 
HIS CG  CD2  doub Y N 159 
HIS ND1 CE1  doub Y N 160 
HIS ND1 HD1  sing N N 161 
HIS CD2 NE2  sing Y N 162 
HIS CD2 HD2  sing N N 163 
HIS CE1 NE2  sing Y N 164 
HIS CE1 HE1  sing N N 165 
HIS NE2 HE2  sing N N 166 
HIS OXT HXT  sing N N 167 
HOH O   H1   sing N N 168 
HOH O   H2   sing N N 169 
ILE N   CA   sing N N 170 
ILE N   H    sing N N 171 
ILE N   H2   sing N N 172 
ILE CA  C    sing N N 173 
ILE CA  CB   sing N N 174 
ILE CA  HA   sing N N 175 
ILE C   O    doub N N 176 
ILE C   OXT  sing N N 177 
ILE CB  CG1  sing N N 178 
ILE CB  CG2  sing N N 179 
ILE CB  HB   sing N N 180 
ILE CG1 CD1  sing N N 181 
ILE CG1 HG12 sing N N 182 
ILE CG1 HG13 sing N N 183 
ILE CG2 HG21 sing N N 184 
ILE CG2 HG22 sing N N 185 
ILE CG2 HG23 sing N N 186 
ILE CD1 HD11 sing N N 187 
ILE CD1 HD12 sing N N 188 
ILE CD1 HD13 sing N N 189 
ILE OXT HXT  sing N N 190 
LEU N   CA   sing N N 191 
LEU N   H    sing N N 192 
LEU N   H2   sing N N 193 
LEU CA  C    sing N N 194 
LEU CA  CB   sing N N 195 
LEU CA  HA   sing N N 196 
LEU C   O    doub N N 197 
LEU C   OXT  sing N N 198 
LEU CB  CG   sing N N 199 
LEU CB  HB2  sing N N 200 
LEU CB  HB3  sing N N 201 
LEU CG  CD1  sing N N 202 
LEU CG  CD2  sing N N 203 
LEU CG  HG   sing N N 204 
LEU CD1 HD11 sing N N 205 
LEU CD1 HD12 sing N N 206 
LEU CD1 HD13 sing N N 207 
LEU CD2 HD21 sing N N 208 
LEU CD2 HD22 sing N N 209 
LEU CD2 HD23 sing N N 210 
LEU OXT HXT  sing N N 211 
LYS N   CA   sing N N 212 
LYS N   H    sing N N 213 
LYS N   H2   sing N N 214 
LYS CA  C    sing N N 215 
LYS CA  CB   sing N N 216 
LYS CA  HA   sing N N 217 
LYS C   O    doub N N 218 
LYS C   OXT  sing N N 219 
LYS CB  CG   sing N N 220 
LYS CB  HB2  sing N N 221 
LYS CB  HB3  sing N N 222 
LYS CG  CD   sing N N 223 
LYS CG  HG2  sing N N 224 
LYS CG  HG3  sing N N 225 
LYS CD  CE   sing N N 226 
LYS CD  HD2  sing N N 227 
LYS CD  HD3  sing N N 228 
LYS CE  NZ   sing N N 229 
LYS CE  HE2  sing N N 230 
LYS CE  HE3  sing N N 231 
LYS NZ  HZ1  sing N N 232 
LYS NZ  HZ2  sing N N 233 
LYS NZ  HZ3  sing N N 234 
LYS OXT HXT  sing N N 235 
MET N   CA   sing N N 236 
MET N   H    sing N N 237 
MET N   H2   sing N N 238 
MET CA  C    sing N N 239 
MET CA  CB   sing N N 240 
MET CA  HA   sing N N 241 
MET C   O    doub N N 242 
MET C   OXT  sing N N 243 
MET CB  CG   sing N N 244 
MET CB  HB2  sing N N 245 
MET CB  HB3  sing N N 246 
MET CG  SD   sing N N 247 
MET CG  HG2  sing N N 248 
MET CG  HG3  sing N N 249 
MET SD  CE   sing N N 250 
MET CE  HE1  sing N N 251 
MET CE  HE2  sing N N 252 
MET CE  HE3  sing N N 253 
MET OXT HXT  sing N N 254 
NO  N   O    doub N N 255 
PHE N   CA   sing N N 256 
PHE N   H    sing N N 257 
PHE N   H2   sing N N 258 
PHE CA  C    sing N N 259 
PHE CA  CB   sing N N 260 
PHE CA  HA   sing N N 261 
PHE C   O    doub N N 262 
PHE C   OXT  sing N N 263 
PHE CB  CG   sing N N 264 
PHE CB  HB2  sing N N 265 
PHE CB  HB3  sing N N 266 
PHE CG  CD1  doub Y N 267 
PHE CG  CD2  sing Y N 268 
PHE CD1 CE1  sing Y N 269 
PHE CD1 HD1  sing N N 270 
PHE CD2 CE2  doub Y N 271 
PHE CD2 HD2  sing N N 272 
PHE CE1 CZ   doub Y N 273 
PHE CE1 HE1  sing N N 274 
PHE CE2 CZ   sing Y N 275 
PHE CE2 HE2  sing N N 276 
PHE CZ  HZ   sing N N 277 
PHE OXT HXT  sing N N 278 
PRO N   CA   sing N N 279 
PRO N   CD   sing N N 280 
PRO N   H    sing N N 281 
PRO CA  C    sing N N 282 
PRO CA  CB   sing N N 283 
PRO CA  HA   sing N N 284 
PRO C   O    doub N N 285 
PRO C   OXT  sing N N 286 
PRO CB  CG   sing N N 287 
PRO CB  HB2  sing N N 288 
PRO CB  HB3  sing N N 289 
PRO CG  CD   sing N N 290 
PRO CG  HG2  sing N N 291 
PRO CG  HG3  sing N N 292 
PRO CD  HD2  sing N N 293 
PRO CD  HD3  sing N N 294 
PRO OXT HXT  sing N N 295 
SER N   CA   sing N N 296 
SER N   H    sing N N 297 
SER N   H2   sing N N 298 
SER CA  C    sing N N 299 
SER CA  CB   sing N N 300 
SER CA  HA   sing N N 301 
SER C   O    doub N N 302 
SER C   OXT  sing N N 303 
SER CB  OG   sing N N 304 
SER CB  HB2  sing N N 305 
SER CB  HB3  sing N N 306 
SER OG  HG   sing N N 307 
SER OXT HXT  sing N N 308 
THR N   CA   sing N N 309 
THR N   H    sing N N 310 
THR N   H2   sing N N 311 
THR CA  C    sing N N 312 
THR CA  CB   sing N N 313 
THR CA  HA   sing N N 314 
THR C   O    doub N N 315 
THR C   OXT  sing N N 316 
THR CB  OG1  sing N N 317 
THR CB  CG2  sing N N 318 
THR CB  HB   sing N N 319 
THR OG1 HG1  sing N N 320 
THR CG2 HG21 sing N N 321 
THR CG2 HG22 sing N N 322 
THR CG2 HG23 sing N N 323 
THR OXT HXT  sing N N 324 
TRP N   CA   sing N N 325 
TRP N   H    sing N N 326 
TRP N   H2   sing N N 327 
TRP CA  C    sing N N 328 
TRP CA  CB   sing N N 329 
TRP CA  HA   sing N N 330 
TRP C   O    doub N N 331 
TRP C   OXT  sing N N 332 
TRP CB  CG   sing N N 333 
TRP CB  HB2  sing N N 334 
TRP CB  HB3  sing N N 335 
TRP CG  CD1  doub Y N 336 
TRP CG  CD2  sing Y N 337 
TRP CD1 NE1  sing Y N 338 
TRP CD1 HD1  sing N N 339 
TRP CD2 CE2  doub Y N 340 
TRP CD2 CE3  sing Y N 341 
TRP NE1 CE2  sing Y N 342 
TRP NE1 HE1  sing N N 343 
TRP CE2 CZ2  sing Y N 344 
TRP CE3 CZ3  doub Y N 345 
TRP CE3 HE3  sing N N 346 
TRP CZ2 CH2  doub Y N 347 
TRP CZ2 HZ2  sing N N 348 
TRP CZ3 CH2  sing Y N 349 
TRP CZ3 HZ3  sing N N 350 
TRP CH2 HH2  sing N N 351 
TRP OXT HXT  sing N N 352 
TRS C   C1   sing N N 353 
TRS C   C2   sing N N 354 
TRS C   C3   sing N N 355 
TRS C   N    sing N N 356 
TRS C1  O1   sing N N 357 
TRS C1  H11  sing N N 358 
TRS C1  H12  sing N N 359 
TRS C2  O2   sing N N 360 
TRS C2  H21  sing N N 361 
TRS C2  H22  sing N N 362 
TRS C3  O3   sing N N 363 
TRS C3  H31  sing N N 364 
TRS C3  H32  sing N N 365 
TRS N   HN1  sing N N 366 
TRS N   HN2  sing N N 367 
TRS N   HN3  sing N N 368 
TRS O1  HO1  sing N N 369 
TRS O2  HO2  sing N N 370 
TRS O3  HO3  sing N N 371 
TYR N   CA   sing N N 372 
TYR N   H    sing N N 373 
TYR N   H2   sing N N 374 
TYR CA  C    sing N N 375 
TYR CA  CB   sing N N 376 
TYR CA  HA   sing N N 377 
TYR C   O    doub N N 378 
TYR C   OXT  sing N N 379 
TYR CB  CG   sing N N 380 
TYR CB  HB2  sing N N 381 
TYR CB  HB3  sing N N 382 
TYR CG  CD1  doub Y N 383 
TYR CG  CD2  sing Y N 384 
TYR CD1 CE1  sing Y N 385 
TYR CD1 HD1  sing N N 386 
TYR CD2 CE2  doub Y N 387 
TYR CD2 HD2  sing N N 388 
TYR CE1 CZ   doub Y N 389 
TYR CE1 HE1  sing N N 390 
TYR CE2 CZ   sing Y N 391 
TYR CE2 HE2  sing N N 392 
TYR CZ  OH   sing N N 393 
TYR OH  HH   sing N N 394 
TYR OXT HXT  sing N N 395 
VAL N   CA   sing N N 396 
VAL N   H    sing N N 397 
VAL N   H2   sing N N 398 
VAL CA  C    sing N N 399 
VAL CA  CB   sing N N 400 
VAL CA  HA   sing N N 401 
VAL C   O    doub N N 402 
VAL C   OXT  sing N N 403 
VAL CB  CG1  sing N N 404 
VAL CB  CG2  sing N N 405 
VAL CB  HB   sing N N 406 
VAL CG1 HG11 sing N N 407 
VAL CG1 HG12 sing N N 408 
VAL CG1 HG13 sing N N 409 
VAL CG2 HG21 sing N N 410 
VAL CG2 HG22 sing N N 411 
VAL CG2 HG23 sing N N 412 
VAL OXT HXT  sing N N 413 
# 
_atom_sites.entry_id                    1YFX 
_atom_sites.fract_transf_matrix[1][1]   0.00185260 
_atom_sites.fract_transf_matrix[1][2]   0.01410294 
_atom_sites.fract_transf_matrix[1][3]   -0.01397867 
_atom_sites.fract_transf_matrix[2][1]   -0.01098862 
_atom_sites.fract_transf_matrix[2][2]   0.01660793 
_atom_sites.fract_transf_matrix[2][3]   0.00107246 
_atom_sites.fract_transf_matrix[3][1]   0.00311367 
_atom_sites.fract_transf_matrix[3][2]   0.00190913 
_atom_sites.fract_transf_matrix[3][3]   0.00233876 
_atom_sites.fract_transf_vector[1]      0.391540 
_atom_sites.fract_transf_vector[2]      0.467085 
_atom_sites.fract_transf_vector[3]      0.017661 
# 
loop_
_atom_type.symbol 
C  
CL 
FE 
N  
O  
S  
# 
loop_
_atom_site.group_PDB 
_atom_site.id 
_atom_site.type_symbol 
_atom_site.label_atom_id 
_atom_site.label_alt_id 
_atom_site.label_comp_id 
_atom_site.label_asym_id 
_atom_site.label_entity_id 
_atom_site.label_seq_id 
_atom_site.pdbx_PDB_ins_code 
_atom_site.Cartn_x 
_atom_site.Cartn_y 
_atom_site.Cartn_z 
_atom_site.occupancy 
_atom_site.B_iso_or_equiv 
_atom_site.pdbx_formal_charge 
_atom_site.auth_seq_id 
_atom_site.auth_comp_id 
_atom_site.auth_asym_id 
_atom_site.auth_atom_id 
_atom_site.pdbx_PDB_model_num 
ATOM   1    N  N    . MET A 1 1   ? 13.239  29.536  -1.201  1.00 71.48 ? 1   MET A N    1 
ATOM   2    C  CA   . MET A 1 1   ? 11.889  29.718  -0.592  1.00 71.49 ? 1   MET A CA   1 
ATOM   3    C  C    . MET A 1 1   ? 11.309  28.396  -0.091  1.00 69.09 ? 1   MET A C    1 
ATOM   4    O  O    . MET A 1 1   ? 11.813  27.318  -0.418  1.00 67.54 ? 1   MET A O    1 
ATOM   5    C  CB   . MET A 1 1   ? 10.922  30.337  -1.610  1.00 74.14 ? 1   MET A CB   1 
ATOM   6    C  CG   . MET A 1 1   ? 10.779  29.549  -2.907  1.00 78.74 ? 1   MET A CG   1 
ATOM   7    S  SD   . MET A 1 1   ? 9.091   29.564  -3.573  1.00 85.73 ? 1   MET A SD   1 
ATOM   8    C  CE   . MET A 1 1   ? 8.822   31.346  -3.791  1.00 83.54 ? 1   MET A CE   1 
ATOM   9    N  N    . LEU A 1 2   ? 10.248  28.491  0.708   1.00 66.36 ? 2   LEU A N    1 
ATOM   10   C  CA   . LEU A 1 2   ? 9.584   27.311  1.244   1.00 63.07 ? 2   LEU A CA   1 
ATOM   11   C  C    . LEU A 1 2   ? 8.635   26.750  0.186   1.00 60.92 ? 2   LEU A C    1 
ATOM   12   O  O    . LEU A 1 2   ? 7.419   26.941  0.250   1.00 59.52 ? 2   LEU A O    1 
ATOM   13   C  CB   . LEU A 1 2   ? 8.812   27.668  2.520   1.00 62.45 ? 2   LEU A CB   1 
ATOM   14   C  CG   . LEU A 1 2   ? 9.634   28.225  3.690   1.00 62.67 ? 2   LEU A CG   1 
ATOM   15   C  CD1  . LEU A 1 2   ? 8.716   28.558  4.868   1.00 62.54 ? 2   LEU A CD1  1 
ATOM   16   C  CD2  . LEU A 1 2   ? 10.678  27.208  4.105   1.00 61.78 ? 2   LEU A CD2  1 
ATOM   17   N  N    . THR A 1 3   ? 9.216   26.062  -0.791  1.00 57.81 ? 3   THR A N    1 
ATOM   18   C  CA   . THR A 1 3   ? 8.485   25.453  -1.896  1.00 56.29 ? 3   THR A CA   1 
ATOM   19   C  C    . THR A 1 3   ? 7.247   24.664  -1.455  1.00 54.43 ? 3   THR A C    1 
ATOM   20   O  O    . THR A 1 3   ? 6.253   24.595  -2.185  1.00 52.48 ? 3   THR A O    1 
ATOM   21   C  CB   . THR A 1 3   ? 9.411   24.495  -2.684  1.00 57.40 ? 3   THR A CB   1 
ATOM   22   O  OG1  . THR A 1 3   ? 10.630  25.171  -3.013  1.00 60.13 ? 3   THR A OG1  1 
ATOM   23   C  CG2  . THR A 1 3   ? 8.743   24.029  -3.966  1.00 58.37 ? 3   THR A CG2  1 
ATOM   24   N  N    . TYR A 1 4   ? 7.305   24.078  -0.261  1.00 52.47 ? 4   TYR A N    1 
ATOM   25   C  CA   . TYR A 1 4   ? 6.196   23.270  0.246   1.00 50.05 ? 4   TYR A CA   1 
ATOM   26   C  C    . TYR A 1 4   ? 5.308   23.970  1.267   1.00 49.62 ? 4   TYR A C    1 
ATOM   27   O  O    . TYR A 1 4   ? 4.509   23.324  1.946   1.00 48.28 ? 4   TYR A O    1 
ATOM   28   C  CB   . TYR A 1 4   ? 6.734   21.972  0.850   1.00 47.11 ? 4   TYR A CB   1 
ATOM   29   C  CG   . TYR A 1 4   ? 7.666   21.226  -0.080  1.00 44.81 ? 4   TYR A CG   1 
ATOM   30   C  CD1  . TYR A 1 4   ? 7.223   20.750  -1.309  1.00 43.17 ? 4   TYR A CD1  1 
ATOM   31   C  CD2  . TYR A 1 4   ? 8.994   21.002  0.272   1.00 43.88 ? 4   TYR A CD2  1 
ATOM   32   C  CE1  . TYR A 1 4   ? 8.074   20.072  -2.163  1.00 43.32 ? 4   TYR A CE1  1 
ATOM   33   C  CE2  . TYR A 1 4   ? 9.854   20.323  -0.572  1.00 41.22 ? 4   TYR A CE2  1 
ATOM   34   C  CZ   . TYR A 1 4   ? 9.392   19.858  -1.786  1.00 44.34 ? 4   TYR A CZ   1 
ATOM   35   O  OH   . TYR A 1 4   ? 10.247  19.163  -2.614  1.00 44.70 ? 4   TYR A OH   1 
ATOM   36   N  N    . GLY A 1 5   ? 5.449   25.289  1.372   1.00 48.60 ? 5   GLY A N    1 
ATOM   37   C  CA   . GLY A 1 5   ? 4.634   26.042  2.305   1.00 47.65 ? 5   GLY A CA   1 
ATOM   38   C  C    . GLY A 1 5   ? 5.154   26.076  3.727   1.00 47.02 ? 5   GLY A C    1 
ATOM   39   O  O    . GLY A 1 5   ? 6.212   25.535  4.034   1.00 49.31 ? 5   GLY A O    1 
ATOM   40   N  N    . ALA A 1 6   ? 4.395   26.721  4.602   1.00 45.85 ? 6   ALA A N    1 
ATOM   41   C  CA   . ALA A 1 6   ? 4.769   26.841  6.000   1.00 46.57 ? 6   ALA A CA   1 
ATOM   42   C  C    . ALA A 1 6   ? 4.243   25.655  6.814   1.00 46.39 ? 6   ALA A C    1 
ATOM   43   O  O    . ALA A 1 6   ? 3.473   24.833  6.313   1.00 43.54 ? 6   ALA A O    1 
ATOM   44   C  CB   . ALA A 1 6   ? 4.216   28.143  6.564   1.00 47.15 ? 6   ALA A CB   1 
ATOM   45   N  N    . PRO A 1 7   ? 4.666   25.547  8.082   1.00 44.43 ? 7   PRO A N    1 
ATOM   46   C  CA   . PRO A 1 7   ? 4.182   24.432  8.901   1.00 46.40 ? 7   PRO A CA   1 
ATOM   47   C  C    . PRO A 1 7   ? 2.674   24.583  9.112   1.00 46.51 ? 7   PRO A C    1 
ATOM   48   O  O    . PRO A 1 7   ? 2.137   25.687  8.989   1.00 46.19 ? 7   PRO A O    1 
ATOM   49   C  CB   . PRO A 1 7   ? 4.958   24.599  10.203  1.00 46.42 ? 7   PRO A CB   1 
ATOM   50   C  CG   . PRO A 1 7   ? 6.233   25.285  9.751   1.00 46.11 ? 7   PRO A CG   1 
ATOM   51   C  CD   . PRO A 1 7   ? 5.710   26.306  8.786   1.00 42.70 ? 7   PRO A CD   1 
ATOM   52   N  N    . PHE A 1 8   ? 1.991   23.480  9.410   1.00 45.85 ? 8   PHE A N    1 
ATOM   53   C  CA   . PHE A 1 8   ? 0.553   23.524  9.657   1.00 45.44 ? 8   PHE A CA   1 
ATOM   54   C  C    . PHE A 1 8   ? 0.118   22.374  10.573  1.00 47.18 ? 8   PHE A C    1 
ATOM   55   O  O    . PHE A 1 8   ? 0.792   21.339  10.649  1.00 46.33 ? 8   PHE A O    1 
ATOM   56   C  CB   . PHE A 1 8   ? -0.215  23.517  8.330   1.00 42.71 ? 8   PHE A CB   1 
ATOM   57   C  CG   . PHE A 1 8   ? -0.025  22.268  7.512   1.00 43.78 ? 8   PHE A CG   1 
ATOM   58   C  CD1  . PHE A 1 8   ? -0.785  21.129  7.770   1.00 42.77 ? 8   PHE A CD1  1 
ATOM   59   C  CD2  . PHE A 1 8   ? 0.888   22.242  6.464   1.00 40.21 ? 8   PHE A CD2  1 
ATOM   60   C  CE1  . PHE A 1 8   ? -0.642  19.989  6.994   1.00 42.29 ? 8   PHE A CE1  1 
ATOM   61   C  CE2  . PHE A 1 8   ? 1.036   21.103  5.681   1.00 44.23 ? 8   PHE A CE2  1 
ATOM   62   C  CZ   . PHE A 1 8   ? 0.269   19.975  5.944   1.00 41.59 ? 8   PHE A CZ   1 
ATOM   63   N  N    . ASN A 1 9   ? -0.994  22.568  11.284  1.00 46.47 ? 9   ASN A N    1 
ATOM   64   C  CA   . ASN A 1 9   ? -1.469  21.556  12.218  1.00 45.22 ? 9   ASN A CA   1 
ATOM   65   C  C    . ASN A 1 9   ? -1.880  20.300  11.460  1.00 44.98 ? 9   ASN A C    1 
ATOM   66   O  O    . ASN A 1 9   ? -2.716  20.356  10.558  1.00 45.79 ? 9   ASN A O    1 
ATOM   67   C  CB   . ASN A 1 9   ? -2.625  22.116  13.057  1.00 44.57 ? 9   ASN A CB   1 
ATOM   68   C  CG   . ASN A 1 9   ? -2.959  21.231  14.240  1.00 44.62 ? 9   ASN A CG   1 
ATOM   69   O  OD1  . ASN A 1 9   ? -3.722  20.276  14.117  1.00 47.69 ? 9   ASN A OD1  1 
ATOM   70   N  ND2  . ASN A 1 9   ? -2.365  21.529  15.391  1.00 44.62 ? 9   ASN A ND2  1 
ATOM   71   N  N    . PHE A 1 10  ? -1.282  19.166  11.822  1.00 43.70 ? 10  PHE A N    1 
ATOM   72   C  CA   . PHE A 1 10  ? -1.561  17.906  11.130  1.00 44.39 ? 10  PHE A CA   1 
ATOM   73   C  C    . PHE A 1 10  ? -2.884  17.235  11.504  1.00 43.36 ? 10  PHE A C    1 
ATOM   74   O  O    . PHE A 1 10  ? -3.590  16.718  10.639  1.00 43.58 ? 10  PHE A O    1 
ATOM   75   C  CB   . PHE A 1 10  ? -0.393  16.934  11.331  1.00 44.01 ? 10  PHE A CB   1 
ATOM   76   C  CG   . PHE A 1 10  ? -0.343  15.827  10.313  1.00 41.81 ? 10  PHE A CG   1 
ATOM   77   C  CD1  . PHE A 1 10  ? -0.854  16.017  9.035   1.00 40.90 ? 10  PHE A CD1  1 
ATOM   78   C  CD2  . PHE A 1 10  ? 0.255   14.609  10.620  1.00 43.26 ? 10  PHE A CD2  1 
ATOM   79   C  CE1  . PHE A 1 10  ? -0.771  15.016  8.076   1.00 41.04 ? 10  PHE A CE1  1 
ATOM   80   C  CE2  . PHE A 1 10  ? 0.343   13.598  9.670   1.00 41.87 ? 10  PHE A CE2  1 
ATOM   81   C  CZ   . PHE A 1 10  ? -0.169  13.802  8.396   1.00 43.73 ? 10  PHE A CZ   1 
ATOM   82   N  N    . PRO A 1 11  ? -3.226  17.208  12.798  1.00 43.44 ? 11  PRO A N    1 
ATOM   83   C  CA   . PRO A 1 11  ? -4.490  16.586  13.208  1.00 43.86 ? 11  PRO A CA   1 
ATOM   84   C  C    . PRO A 1 11  ? -5.647  17.272  12.485  1.00 45.00 ? 11  PRO A C    1 
ATOM   85   O  O    . PRO A 1 11  ? -6.567  16.620  11.991  1.00 44.85 ? 11  PRO A O    1 
ATOM   86   C  CB   . PRO A 1 11  ? -4.518  16.840  14.708  1.00 42.01 ? 11  PRO A CB   1 
ATOM   87   C  CG   . PRO A 1 11  ? -3.087  16.744  15.072  1.00 42.19 ? 11  PRO A CG   1 
ATOM   88   C  CD   . PRO A 1 11  ? -2.395  17.523  13.970  1.00 41.36 ? 11  PRO A CD   1 
ATOM   89   N  N    . ARG A 1 12  ? -5.583  18.599  12.427  1.00 47.82 ? 12  ARG A N    1 
ATOM   90   C  CA   . ARG A 1 12  ? -6.609  19.392  11.760  1.00 48.90 ? 12  ARG A CA   1 
ATOM   91   C  C    . ARG A 1 12  ? -6.674  19.079  10.269  1.00 48.00 ? 12  ARG A C    1 
ATOM   92   O  O    . ARG A 1 12  ? -7.757  18.934  9.709   1.00 50.14 ? 12  ARG A O    1 
ATOM   93   C  CB   . ARG A 1 12  ? -6.335  20.886  11.961  1.00 51.65 ? 12  ARG A CB   1 
ATOM   94   C  CG   . ARG A 1 12  ? -7.216  21.785  11.117  1.00 54.54 ? 12  ARG A CG   1 
ATOM   95   C  CD   . ARG A 1 12  ? -6.895  23.245  11.350  1.00 58.52 ? 12  ARG A CD   1 
ATOM   96   N  NE   . ARG A 1 12  ? -7.803  24.121  10.618  1.00 62.07 ? 12  ARG A NE   1 
ATOM   97   C  CZ   . ARG A 1 12  ? -7.699  25.446  10.588  1.00 63.06 ? 12  ARG A CZ   1 
ATOM   98   N  NH1  . ARG A 1 12  ? -6.722  26.049  11.252  1.00 63.34 ? 12  ARG A NH1  1 
ATOM   99   N  NH2  . ARG A 1 12  ? -8.566  26.166  9.891   1.00 64.22 ? 12  ARG A NH2  1 
ATOM   100  N  N    . TRP A 1 13  ? -5.514  18.989  9.622   1.00 47.64 ? 13  TRP A N    1 
ATOM   101  C  CA   . TRP A 1 13  ? -5.459  18.670  8.194   1.00 45.35 ? 13  TRP A CA   1 
ATOM   102  C  C    . TRP A 1 13  ? -6.144  17.325  7.955   1.00 45.91 ? 13  TRP A C    1 
ATOM   103  O  O    . TRP A 1 13  ? -6.906  17.161  7.000   1.00 45.91 ? 13  TRP A O    1 
ATOM   104  C  CB   . TRP A 1 13  ? -4.005  18.569  7.725   1.00 43.85 ? 13  TRP A CB   1 
ATOM   105  C  CG   . TRP A 1 13  ? -3.845  18.277  6.253   1.00 40.33 ? 13  TRP A CG   1 
ATOM   106  C  CD1  . TRP A 1 13  ? -3.731  19.190  5.244   1.00 39.36 ? 13  TRP A CD1  1 
ATOM   107  C  CD2  . TRP A 1 13  ? -3.759  16.983  5.632   1.00 40.44 ? 13  TRP A CD2  1 
ATOM   108  N  NE1  . TRP A 1 13  ? -3.572  18.550  4.036   1.00 40.67 ? 13  TRP A NE1  1 
ATOM   109  C  CE2  . TRP A 1 13  ? -3.586  17.194  4.245   1.00 40.65 ? 13  TRP A CE2  1 
ATOM   110  C  CE3  . TRP A 1 13  ? -3.812  15.671  6.113   1.00 40.50 ? 13  TRP A CE3  1 
ATOM   111  C  CZ2  . TRP A 1 13  ? -3.462  16.140  3.336   1.00 41.41 ? 13  TRP A CZ2  1 
ATOM   112  C  CZ3  . TRP A 1 13  ? -3.692  14.619  5.207   1.00 39.87 ? 13  TRP A CZ3  1 
ATOM   113  C  CH2  . TRP A 1 13  ? -3.518  14.862  3.833   1.00 40.84 ? 13  TRP A CH2  1 
ATOM   114  N  N    . ILE A 1 14  ? -5.862  16.359  8.825   1.00 45.79 ? 14  ILE A N    1 
ATOM   115  C  CA   . ILE A 1 14  ? -6.455  15.039  8.682   1.00 46.55 ? 14  ILE A CA   1 
ATOM   116  C  C    . ILE A 1 14  ? -7.976  15.118  8.843   1.00 47.92 ? 14  ILE A C    1 
ATOM   117  O  O    . ILE A 1 14  ? -8.714  14.515  8.060   1.00 49.52 ? 14  ILE A O    1 
ATOM   118  C  CB   . ILE A 1 14  ? -5.851  14.036  9.695   1.00 44.41 ? 14  ILE A CB   1 
ATOM   119  C  CG1  . ILE A 1 14  ? -4.346  13.891  9.439   1.00 44.96 ? 14  ILE A CG1  1 
ATOM   120  C  CG2  . ILE A 1 14  ? -6.520  12.673  9.541   1.00 44.81 ? 14  ILE A CG2  1 
ATOM   121  C  CD1  . ILE A 1 14  ? -3.629  12.927  10.375  1.00 40.53 ? 14  ILE A CD1  1 
ATOM   122  N  N    . ASP A 1 15  ? -8.443  15.867  9.840   1.00 48.30 ? 15  ASP A N    1 
ATOM   123  C  CA   . ASP A 1 15  ? -9.883  16.026  10.057  1.00 49.46 ? 15  ASP A CA   1 
ATOM   124  C  C    . ASP A 1 15  ? -10.552 16.586  8.804   1.00 51.33 ? 15  ASP A C    1 
ATOM   125  O  O    . ASP A 1 15  ? -11.631 16.150  8.421   1.00 53.49 ? 15  ASP A O    1 
ATOM   126  C  CB   . ASP A 1 15  ? -10.168 16.976  11.227  1.00 47.78 ? 15  ASP A CB   1 
ATOM   127  C  CG   . ASP A 1 15  ? -9.782  16.392  12.566  1.00 51.11 ? 15  ASP A CG   1 
ATOM   128  O  OD1  . ASP A 1 15  ? -9.754  15.152  12.683  1.00 53.36 ? 15  ASP A OD1  1 
ATOM   129  O  OD2  . ASP A 1 15  ? -9.517  17.167  13.512  1.00 55.52 ? 15  ASP A OD2  1 
ATOM   130  N  N    . GLU A 1 16  ? -9.899  17.550  8.162   1.00 52.59 ? 16  GLU A N    1 
ATOM   131  C  CA   . GLU A 1 16  ? -10.456 18.178  6.972   1.00 53.06 ? 16  GLU A CA   1 
ATOM   132  C  C    . GLU A 1 16  ? -10.414 17.371  5.685   1.00 51.41 ? 16  GLU A C    1 
ATOM   133  O  O    . GLU A 1 16  ? -11.199 17.628  4.777   1.00 51.48 ? 16  GLU A O    1 
ATOM   134  C  CB   . GLU A 1 16  ? -9.789  19.530  6.738   1.00 54.60 ? 16  GLU A CB   1 
ATOM   135  C  CG   . GLU A 1 16  ? -10.082 20.530  7.832   1.00 59.79 ? 16  GLU A CG   1 
ATOM   136  C  CD   . GLU A 1 16  ? -9.516  21.905  7.536   1.00 64.01 ? 16  GLU A CD   1 
ATOM   137  O  OE1  . GLU A 1 16  ? -9.671  22.806  8.389   1.00 65.90 ? 16  GLU A OE1  1 
ATOM   138  O  OE2  . GLU A 1 16  ? -8.916  22.083  6.451   1.00 67.06 ? 16  GLU A OE2  1 
ATOM   139  N  N    . HIS A 1 17  ? -9.508  16.406  5.585   1.00 51.32 ? 17  HIS A N    1 
ATOM   140  C  CA   . HIS A 1 17  ? -9.430  15.602  4.372   1.00 50.83 ? 17  HIS A CA   1 
ATOM   141  C  C    . HIS A 1 17  ? -9.892  14.176  4.621   1.00 52.56 ? 17  HIS A C    1 
ATOM   142  O  O    . HIS A 1 17  ? -9.751  13.309  3.757   1.00 51.30 ? 17  HIS A O    1 
ATOM   143  C  CB   . HIS A 1 17  ? -8.003  15.585  3.829   1.00 52.77 ? 17  HIS A CB   1 
ATOM   144  C  CG   . HIS A 1 17  ? -7.504  16.929  3.399   1.00 56.73 ? 17  HIS A CG   1 
ATOM   145  N  ND1  . HIS A 1 17  ? -7.181  17.924  4.297   1.00 55.44 ? 17  HIS A ND1  1 
ATOM   146  C  CD2  . HIS A 1 17  ? -7.293  17.448  2.166   1.00 56.50 ? 17  HIS A CD2  1 
ATOM   147  C  CE1  . HIS A 1 17  ? -6.792  18.999  3.634   1.00 57.49 ? 17  HIS A CE1  1 
ATOM   148  N  NE2  . HIS A 1 17  ? -6.851  18.737  2.340   1.00 57.10 ? 17  HIS A NE2  1 
ATOM   149  N  N    . ALA A 1 18  ? -10.444 13.939  5.807   1.00 53.17 ? 18  ALA A N    1 
ATOM   150  C  CA   . ALA A 1 18  ? -10.926 12.614  6.177   1.00 56.59 ? 18  ALA A CA   1 
ATOM   151  C  C    . ALA A 1 18  ? -11.815 12.031  5.087   1.00 57.80 ? 18  ALA A C    1 
ATOM   152  O  O    . ALA A 1 18  ? -11.597 10.914  4.625   1.00 58.41 ? 18  ALA A O    1 
ATOM   153  C  CB   . ALA A 1 18  ? -11.690 12.685  7.494   1.00 55.77 ? 18  ALA A CB   1 
ATOM   154  N  N    . HIS A 1 19  ? -12.806 12.804  4.661   1.00 59.52 ? 19  HIS A N    1 
ATOM   155  C  CA   . HIS A 1 19  ? -13.732 12.355  3.629   1.00 61.46 ? 19  HIS A CA   1 
ATOM   156  C  C    . HIS A 1 19  ? -13.074 12.047  2.280   1.00 61.19 ? 19  HIS A C    1 
ATOM   157  O  O    . HIS A 1 19  ? -13.684 11.415  1.423   1.00 62.04 ? 19  HIS A O    1 
ATOM   158  C  CB   . HIS A 1 19  ? -14.833 13.402  3.450   1.00 61.90 ? 19  HIS A CB   1 
ATOM   159  C  CG   . HIS A 1 19  ? -14.319 14.756  3.080   1.00 63.54 ? 19  HIS A CG   1 
ATOM   160  N  ND1  . HIS A 1 19  ? -14.207 15.179  1.773   1.00 63.08 ? 19  HIS A ND1  1 
ATOM   161  C  CD2  . HIS A 1 19  ? -13.849 15.770  3.847   1.00 63.91 ? 19  HIS A CD2  1 
ATOM   162  C  CE1  . HIS A 1 19  ? -13.690 16.395  1.749   1.00 63.94 ? 19  HIS A CE1  1 
ATOM   163  N  NE2  . HIS A 1 19  ? -13.462 16.776  2.993   1.00 65.77 ? 19  HIS A NE2  1 
ATOM   164  N  N    . LEU A 1 20  ? -11.833 12.483  2.092   1.00 62.75 ? 20  LEU A N    1 
ATOM   165  C  CA   . LEU A 1 20  ? -11.123 12.235  0.833   1.00 63.16 ? 20  LEU A CA   1 
ATOM   166  C  C    . LEU A 1 20  ? -10.384 10.899  0.788   1.00 63.42 ? 20  LEU A C    1 
ATOM   167  O  O    . LEU A 1 20  ? -9.968  10.454  -0.280  1.00 64.05 ? 20  LEU A O    1 
ATOM   168  C  CB   . LEU A 1 20  ? -10.133 13.370  0.547   1.00 63.85 ? 20  LEU A CB   1 
ATOM   169  C  CG   . LEU A 1 20  ? -10.623 14.635  -0.173  1.00 64.76 ? 20  LEU A CG   1 
ATOM   170  C  CD1  . LEU A 1 20  ? -12.131 14.598  -0.378  1.00 65.02 ? 20  LEU A CD1  1 
ATOM   171  C  CD2  . LEU A 1 20  ? -10.217 15.853  0.634   1.00 64.25 ? 20  LEU A CD2  1 
ATOM   172  N  N    . LEU A 1 21  ? -10.218 10.263  1.943   1.00 63.54 ? 21  LEU A N    1 
ATOM   173  C  CA   . LEU A 1 21  ? -9.531  8.977   2.013   1.00 63.76 ? 21  LEU A CA   1 
ATOM   174  C  C    . LEU A 1 21  ? -10.508 7.860   1.645   1.00 65.22 ? 21  LEU A C    1 
ATOM   175  O  O    . LEU A 1 21  ? -11.352 7.464   2.455   1.00 66.61 ? 21  LEU A O    1 
ATOM   176  C  CB   . LEU A 1 21  ? -8.992  8.751   3.426   1.00 61.75 ? 21  LEU A CB   1 
ATOM   177  C  CG   . LEU A 1 21  ? -8.091  9.858   3.982   1.00 61.24 ? 21  LEU A CG   1 
ATOM   178  C  CD1  . LEU A 1 21  ? -7.712  9.538   5.413   1.00 59.25 ? 21  LEU A CD1  1 
ATOM   179  C  CD2  . LEU A 1 21  ? -6.854  9.991   3.120   1.00 57.63 ? 21  LEU A CD2  1 
ATOM   180  N  N    . LYS A 1 22  ? -10.396 7.349   0.423   1.00 65.23 ? 22  LYS A N    1 
ATOM   181  C  CA   . LYS A 1 22  ? -11.297 6.299   -0.033  1.00 64.32 ? 22  LYS A CA   1 
ATOM   182  C  C    . LYS A 1 22  ? -10.592 5.102   -0.662  1.00 62.44 ? 22  LYS A C    1 
ATOM   183  O  O    . LYS A 1 22  ? -9.444  5.199   -1.099  1.00 62.16 ? 22  LYS A O    1 
ATOM   184  C  CB   . LYS A 1 22  ? -12.303 6.875   -1.031  1.00 66.83 ? 22  LYS A CB   1 
ATOM   185  C  CG   . LYS A 1 22  ? -13.122 8.029   -0.480  1.00 69.46 ? 22  LYS A CG   1 
ATOM   186  C  CD   . LYS A 1 22  ? -14.396 8.236   -1.281  1.00 71.29 ? 22  LYS A CD   1 
ATOM   187  C  CE   . LYS A 1 22  ? -15.328 7.041   -1.135  1.00 73.07 ? 22  LYS A CE   1 
ATOM   188  N  NZ   . LYS A 1 22  ? -15.679 6.785   0.291   1.00 74.11 ? 22  LYS A NZ   1 
ATOM   189  N  N    . PRO A 1 23  ? -11.283 3.949   -0.709  1.00 60.92 ? 23  PRO A N    1 
ATOM   190  C  CA   . PRO A 1 23  ? -10.764 2.700   -1.279  1.00 58.27 ? 23  PRO A CA   1 
ATOM   191  C  C    . PRO A 1 23  ? -10.452 2.846   -2.767  1.00 56.45 ? 23  PRO A C    1 
ATOM   192  O  O    . PRO A 1 23  ? -10.933 3.770   -3.424  1.00 57.28 ? 23  PRO A O    1 
ATOM   193  C  CB   . PRO A 1 23  ? -11.901 1.710   -1.036  1.00 58.81 ? 23  PRO A CB   1 
ATOM   194  C  CG   . PRO A 1 23  ? -12.561 2.240   0.193   1.00 61.17 ? 23  PRO A CG   1 
ATOM   195  C  CD   . PRO A 1 23  ? -12.596 3.721   -0.079  1.00 60.40 ? 23  PRO A CD   1 
ATOM   196  N  N    . PRO A 1 24  ? -9.651  1.923   -3.318  1.00 54.17 ? 24  PRO A N    1 
ATOM   197  C  CA   . PRO A 1 24  ? -9.065  0.796   -2.578  1.00 52.70 ? 24  PRO A CA   1 
ATOM   198  C  C    . PRO A 1 24  ? -7.870  1.149   -1.670  1.00 51.49 ? 24  PRO A C    1 
ATOM   199  O  O    . PRO A 1 24  ? -7.712  0.560   -0.606  1.00 50.76 ? 24  PRO A O    1 
ATOM   200  C  CB   . PRO A 1 24  ? -8.688  -0.180  -3.689  1.00 52.05 ? 24  PRO A CB   1 
ATOM   201  C  CG   . PRO A 1 24  ? -8.312  0.743   -4.821  1.00 50.98 ? 24  PRO A CG   1 
ATOM   202  C  CD   . PRO A 1 24  ? -9.416  1.786   -4.766  1.00 52.51 ? 24  PRO A CD   1 
ATOM   203  N  N    . VAL A 1 25  ? -7.053  2.119   -2.076  1.00 49.44 ? 25  VAL A N    1 
ATOM   204  C  CA   . VAL A 1 25  ? -5.876  2.499   -1.294  1.00 48.01 ? 25  VAL A CA   1 
ATOM   205  C  C    . VAL A 1 25  ? -6.119  3.297   -0.003  1.00 47.50 ? 25  VAL A C    1 
ATOM   206  O  O    . VAL A 1 25  ? -5.474  3.030   1.013   1.00 46.21 ? 25  VAL A O    1 
ATOM   207  C  CB   . VAL A 1 25  ? -4.870  3.288   -2.152  1.00 47.46 ? 25  VAL A CB   1 
ATOM   208  C  CG1  . VAL A 1 25  ? -3.582  3.516   -1.358  1.00 49.28 ? 25  VAL A CG1  1 
ATOM   209  C  CG2  . VAL A 1 25  ? -4.575  2.531   -3.440  1.00 46.73 ? 25  VAL A CG2  1 
ATOM   210  N  N    . GLY A 1 26  ? -7.030  4.269   -0.046  1.00 45.71 ? 26  GLY A N    1 
ATOM   211  C  CA   . GLY A 1 26  ? -7.319  5.088   1.123   1.00 47.58 ? 26  GLY A CA   1 
ATOM   212  C  C    . GLY A 1 26  ? -6.271  6.176   1.254   1.00 48.37 ? 26  GLY A C    1 
ATOM   213  O  O    . GLY A 1 26  ? -6.088  6.788   2.308   1.00 46.71 ? 26  GLY A O    1 
ATOM   214  N  N    . ASN A 1 27  ? -5.606  6.408   0.127   1.00 50.09 ? 27  ASN A N    1 
ATOM   215  C  CA   . ASN A 1 27  ? -4.509  7.355   -0.046  1.00 50.45 ? 27  ASN A CA   1 
ATOM   216  C  C    . ASN A 1 27  ? -4.783  8.851   -0.175  1.00 50.02 ? 27  ASN A C    1 
ATOM   217  O  O    . ASN A 1 27  ? -5.804  9.271   -0.709  1.00 51.15 ? 27  ASN A O    1 
ATOM   218  C  CB   . ASN A 1 27  ? -3.715  6.923   -1.279  1.00 50.29 ? 27  ASN A CB   1 
ATOM   219  C  CG   . ASN A 1 27  ? -2.339  6.480   -0.934  1.00 52.41 ? 27  ASN A CG   1 
ATOM   220  O  OD1  . ASN A 1 27  ? -2.009  6.341   0.241   1.00 57.20 ? 27  ASN A OD1  1 
ATOM   221  N  ND2  . ASN A 1 27  ? -1.515  6.246   -1.945  1.00 51.84 ? 27  ASN A ND2  1 
ATOM   222  N  N    . ARG A 1 28  ? -3.825  9.643   0.303   1.00 50.86 ? 28  ARG A N    1 
ATOM   223  C  CA   . ARG A 1 28  ? -3.865  11.102  0.218   1.00 49.36 ? 28  ARG A CA   1 
ATOM   224  C  C    . ARG A 1 28  ? -2.459  11.642  0.466   1.00 47.68 ? 28  ARG A C    1 
ATOM   225  O  O    . ARG A 1 28  ? -1.905  11.477  1.554   1.00 47.65 ? 28  ARG A O    1 
ATOM   226  C  CB   . ARG A 1 28  ? -4.825  11.700  1.247   1.00 51.82 ? 28  ARG A CB   1 
ATOM   227  C  CG   . ARG A 1 28  ? -4.925  13.225  1.185   1.00 54.28 ? 28  ARG A CG   1 
ATOM   228  C  CD   . ARG A 1 28  ? -5.490  13.684  -0.147  1.00 57.64 ? 28  ARG A CD   1 
ATOM   229  N  NE   . ARG A 1 28  ? -5.764  15.119  -0.198  1.00 58.83 ? 28  ARG A NE   1 
ATOM   230  C  CZ   . ARG A 1 28  ? -6.522  15.695  -1.130  1.00 61.59 ? 28  ARG A CZ   1 
ATOM   231  N  NH1  . ARG A 1 28  ? -7.080  14.952  -2.081  1.00 60.33 ? 28  ARG A NH1  1 
ATOM   232  N  NH2  . ARG A 1 28  ? -6.725  17.008  -1.121  1.00 62.03 ? 28  ARG A NH2  1 
ATOM   233  N  N    . GLN A 1 29  ? -1.886  12.280  -0.548  1.00 45.91 ? 29  GLN A N    1 
ATOM   234  C  CA   . GLN A 1 29  ? -0.544  12.843  -0.451  1.00 45.58 ? 29  GLN A CA   1 
ATOM   235  C  C    . GLN A 1 29  ? -0.593  14.267  0.112   1.00 44.61 ? 29  GLN A C    1 
ATOM   236  O  O    . GLN A 1 29  ? -1.385  15.088  -0.337  1.00 45.34 ? 29  GLN A O    1 
ATOM   237  C  CB   . GLN A 1 29  ? 0.110   12.842  -1.835  1.00 45.81 ? 29  GLN A CB   1 
ATOM   238  C  CG   . GLN A 1 29  ? 1.616   12.952  -1.790  1.00 51.99 ? 29  GLN A CG   1 
ATOM   239  C  CD   . GLN A 1 29  ? 2.273   12.627  -3.119  1.00 51.97 ? 29  GLN A CD   1 
ATOM   240  O  OE1  . GLN A 1 29  ? 1.890   11.673  -3.797  1.00 53.06 ? 29  GLN A OE1  1 
ATOM   241  N  NE2  . GLN A 1 29  ? 3.285   13.408  -3.486  1.00 52.46 ? 29  GLN A NE2  1 
ATOM   242  N  N    . VAL A 1 30  ? 0.263   14.560  1.086   1.00 43.79 ? 30  VAL A N    1 
ATOM   243  C  CA   . VAL A 1 30  ? 0.289   15.880  1.706   1.00 42.91 ? 30  VAL A CA   1 
ATOM   244  C  C    . VAL A 1 30  ? 0.916   16.988  0.847   1.00 45.73 ? 30  VAL A C    1 
ATOM   245  O  O    . VAL A 1 30  ? 0.339   18.062  0.695   1.00 46.42 ? 30  VAL A O    1 
ATOM   246  C  CB   . VAL A 1 30  ? 1.019   15.829  3.062   1.00 41.91 ? 30  VAL A CB   1 
ATOM   247  C  CG1  . VAL A 1 30  ? 0.967   17.184  3.724   1.00 37.11 ? 30  VAL A CG1  1 
ATOM   248  C  CG2  . VAL A 1 30  ? 0.374   14.765  3.967   1.00 42.00 ? 30  VAL A CG2  1 
ATOM   249  N  N    . TRP A 1 31  ? 2.103   16.741  0.307   1.00 46.09 ? 31  TRP A N    1 
ATOM   250  C  CA   . TRP A 1 31  ? 2.779   17.726  -0.531  1.00 47.00 ? 31  TRP A CA   1 
ATOM   251  C  C    . TRP A 1 31  ? 3.020   17.123  -1.901  1.00 47.88 ? 31  TRP A C    1 
ATOM   252  O  O    . TRP A 1 31  ? 3.254   15.924  -2.025  1.00 49.56 ? 31  TRP A O    1 
ATOM   253  C  CB   . TRP A 1 31  ? 4.122   18.135  0.083   1.00 43.70 ? 31  TRP A CB   1 
ATOM   254  C  CG   . TRP A 1 31  ? 4.008   18.864  1.380   1.00 42.93 ? 31  TRP A CG   1 
ATOM   255  C  CD1  . TRP A 1 31  ? 3.636   20.161  1.560   1.00 41.82 ? 31  TRP A CD1  1 
ATOM   256  C  CD2  . TRP A 1 31  ? 4.277   18.336  2.687   1.00 42.89 ? 31  TRP A CD2  1 
ATOM   257  N  NE1  . TRP A 1 31  ? 3.658   20.479  2.898   1.00 43.37 ? 31  TRP A NE1  1 
ATOM   258  C  CE2  . TRP A 1 31  ? 4.046   19.377  3.611   1.00 42.04 ? 31  TRP A CE2  1 
ATOM   259  C  CE3  . TRP A 1 31  ? 4.688   17.081  3.164   1.00 40.67 ? 31  TRP A CE3  1 
ATOM   260  C  CZ2  . TRP A 1 31  ? 4.212   19.204  4.989   1.00 41.37 ? 31  TRP A CZ2  1 
ATOM   261  C  CZ3  . TRP A 1 31  ? 4.850   16.909  4.534   1.00 41.95 ? 31  TRP A CZ3  1 
ATOM   262  C  CH2  . TRP A 1 31  ? 4.613   17.965  5.430   1.00 42.53 ? 31  TRP A CH2  1 
ATOM   263  N  N    . GLN A 1 32  ? 2.965   17.956  -2.932  1.00 49.17 ? 32  GLN A N    1 
ATOM   264  C  CA   . GLN A 1 32  ? 3.176   17.480  -4.286  1.00 50.91 ? 32  GLN A CA   1 
ATOM   265  C  C    . GLN A 1 32  ? 4.594   17.745  -4.772  1.00 51.94 ? 32  GLN A C    1 
ATOM   266  O  O    . GLN A 1 32  ? 5.252   18.693  -4.338  1.00 50.66 ? 32  GLN A O    1 
ATOM   267  C  CB   . GLN A 1 32  ? 2.186   18.148  -5.243  1.00 51.88 ? 32  GLN A CB   1 
ATOM   268  C  CG   . GLN A 1 32  ? 0.720   17.860  -4.953  1.00 53.37 ? 32  GLN A CG   1 
ATOM   269  C  CD   . GLN A 1 32  ? 0.341   16.426  -5.251  1.00 54.61 ? 32  GLN A CD   1 
ATOM   270  O  OE1  . GLN A 1 32  ? 0.566   15.931  -6.356  1.00 55.69 ? 32  GLN A OE1  1 
ATOM   271  N  NE2  . GLN A 1 32  ? -0.245  15.753  -4.270  1.00 56.23 ? 32  GLN A NE2  1 
ATOM   272  N  N    . ASP A 1 33  ? 5.047   16.884  -5.677  1.00 52.99 ? 33  ASP A N    1 
ATOM   273  C  CA   . ASP A 1 33  ? 6.363   16.991  -6.293  1.00 54.34 ? 33  ASP A CA   1 
ATOM   274  C  C    . ASP A 1 33  ? 7.517   17.184  -5.327  1.00 53.32 ? 33  ASP A C    1 
ATOM   275  O  O    . ASP A 1 33  ? 8.295   18.126  -5.468  1.00 54.08 ? 33  ASP A O    1 
ATOM   276  C  CB   . ASP A 1 33  ? 6.365   18.135  -7.311  1.00 57.37 ? 33  ASP A CB   1 
ATOM   277  C  CG   . ASP A 1 33  ? 5.254   18.009  -8.337  1.00 59.30 ? 33  ASP A CG   1 
ATOM   278  O  OD1  . ASP A 1 33  ? 5.126   16.931  -8.966  1.00 59.64 ? 33  ASP A OD1  1 
ATOM   279  O  OD2  . ASP A 1 33  ? 4.512   18.997  -8.516  1.00 58.65 ? 33  ASP A OD2  1 
ATOM   280  N  N    . SER A 1 34  ? 7.640   16.283  -4.359  1.00 51.78 ? 34  SER A N    1 
ATOM   281  C  CA   . SER A 1 34  ? 8.714   16.349  -3.380  1.00 48.07 ? 34  SER A CA   1 
ATOM   282  C  C    . SER A 1 34  ? 9.455   15.020  -3.397  1.00 47.34 ? 34  SER A C    1 
ATOM   283  O  O    . SER A 1 34  ? 8.911   14.015  -3.848  1.00 47.35 ? 34  SER A O    1 
ATOM   284  C  CB   . SER A 1 34  ? 8.137   16.627  -1.990  1.00 48.60 ? 34  SER A CB   1 
ATOM   285  O  OG   . SER A 1 34  ? 7.096   15.720  -1.680  1.00 48.97 ? 34  SER A OG   1 
ATOM   286  N  N    . ASP A 1 35  ? 10.699  15.006  -2.930  1.00 44.72 ? 35  ASP A N    1 
ATOM   287  C  CA   . ASP A 1 35  ? 11.454  13.759  -2.923  1.00 43.20 ? 35  ASP A CA   1 
ATOM   288  C  C    . ASP A 1 35  ? 10.827  12.823  -1.885  1.00 42.22 ? 35  ASP A C    1 
ATOM   289  O  O    . ASP A 1 35  ? 10.711  11.625  -2.125  1.00 44.12 ? 35  ASP A O    1 
ATOM   290  C  CB   . ASP A 1 35  ? 12.925  14.012  -2.599  1.00 40.59 ? 35  ASP A CB   1 
ATOM   291  C  CG   . ASP A 1 35  ? 13.733  12.731  -2.538  1.00 40.21 ? 35  ASP A CG   1 
ATOM   292  O  OD1  . ASP A 1 35  ? 14.478  12.548  -1.560  1.00 42.99 ? 35  ASP A OD1  1 
ATOM   293  O  OD2  . ASP A 1 35  ? 13.629  11.903  -3.462  1.00 41.46 ? 35  ASP A OD2  1 
ATOM   294  N  N    . PHE A 1 36  ? 10.432  13.372  -0.737  1.00 40.55 ? 36  PHE A N    1 
ATOM   295  C  CA   . PHE A 1 36  ? 9.773   12.570  0.293   1.00 41.34 ? 36  PHE A CA   1 
ATOM   296  C  C    . PHE A 1 36  ? 8.282   12.539  -0.067  1.00 41.88 ? 36  PHE A C    1 
ATOM   297  O  O    . PHE A 1 36  ? 7.641   13.593  -0.214  1.00 41.83 ? 36  PHE A O    1 
ATOM   298  C  CB   . PHE A 1 36  ? 9.941   13.197  1.686   1.00 40.13 ? 36  PHE A CB   1 
ATOM   299  C  CG   . PHE A 1 36  ? 11.204  12.785  2.409   1.00 44.37 ? 36  PHE A CG   1 
ATOM   300  C  CD1  . PHE A 1 36  ? 12.006  13.739  3.033   1.00 45.50 ? 36  PHE A CD1  1 
ATOM   301  C  CD2  . PHE A 1 36  ? 11.570  11.442  2.504   1.00 48.18 ? 36  PHE A CD2  1 
ATOM   302  C  CE1  . PHE A 1 36  ? 13.154  13.374  3.744   1.00 44.96 ? 36  PHE A CE1  1 
ATOM   303  C  CE2  . PHE A 1 36  ? 12.720  11.058  3.215   1.00 50.02 ? 36  PHE A CE2  1 
ATOM   304  C  CZ   . PHE A 1 36  ? 13.516  12.036  3.837   1.00 48.47 ? 36  PHE A CZ   1 
ATOM   305  N  N    . ILE A 1 37  ? 7.745   11.337  -0.248  1.00 38.19 ? 37  ILE A N    1 
ATOM   306  C  CA   . ILE A 1 37  ? 6.335   11.178  -0.560  1.00 37.99 ? 37  ILE A CA   1 
ATOM   307  C  C    . ILE A 1 37  ? 5.638   10.989  0.787   1.00 38.48 ? 37  ILE A C    1 
ATOM   308  O  O    . ILE A 1 37  ? 5.739   9.930   1.417   1.00 39.02 ? 37  ILE A O    1 
ATOM   309  C  CB   . ILE A 1 37  ? 6.105   9.962   -1.480  1.00 38.45 ? 37  ILE A CB   1 
ATOM   310  C  CG1  . ILE A 1 37  ? 6.960   10.108  -2.740  1.00 39.18 ? 37  ILE A CG1  1 
ATOM   311  C  CG2  . ILE A 1 37  ? 4.640   9.873   -1.891  1.00 38.72 ? 37  ILE A CG2  1 
ATOM   312  C  CD1  . ILE A 1 37  ? 6.782   8.988   -3.729  1.00 40.72 ? 37  ILE A CD1  1 
ATOM   313  N  N    . VAL A 1 38  ? 4.969   12.046  1.240   1.00 37.54 ? 38  VAL A N    1 
ATOM   314  C  CA   . VAL A 1 38  ? 4.273   12.030  2.518   1.00 38.40 ? 38  VAL A CA   1 
ATOM   315  C  C    . VAL A 1 38  ? 2.784   11.831  2.313   1.00 40.64 ? 38  VAL A C    1 
ATOM   316  O  O    . VAL A 1 38  ? 2.103   12.650  1.681   1.00 40.24 ? 38  VAL A O    1 
ATOM   317  C  CB   . VAL A 1 38  ? 4.504   13.336  3.287   1.00 36.89 ? 38  VAL A CB   1 
ATOM   318  C  CG1  . VAL A 1 38  ? 3.785   13.288  4.624   1.00 37.13 ? 38  VAL A CG1  1 
ATOM   319  C  CG2  . VAL A 1 38  ? 5.986   13.551  3.494   1.00 39.03 ? 38  VAL A CG2  1 
ATOM   320  N  N    . THR A 1 39  ? 2.275   10.735  2.860   1.00 40.41 ? 39  THR A N    1 
ATOM   321  C  CA   . THR A 1 39  ? 0.871   10.417  2.700   1.00 41.31 ? 39  THR A CA   1 
ATOM   322  C  C    . THR A 1 39  ? 0.188   10.012  3.992   1.00 41.13 ? 39  THR A C    1 
ATOM   323  O  O    . THR A 1 39  ? 0.820   9.596   4.966   1.00 39.01 ? 39  THR A O    1 
ATOM   324  C  CB   . THR A 1 39  ? 0.678   9.241   1.723   1.00 41.75 ? 39  THR A CB   1 
ATOM   325  O  OG1  . THR A 1 39  ? 1.152   8.038   2.344   1.00 45.50 ? 39  THR A OG1  1 
ATOM   326  C  CG2  . THR A 1 39  ? 1.453   9.471   0.431   1.00 38.01 ? 39  THR A CG2  1 
ATOM   327  N  N    . VAL A 1 40  ? -1.128  10.158  3.980   1.00 43.14 ? 40  VAL A N    1 
ATOM   328  C  CA   . VAL A 1 40  ? -1.958  9.747   5.092   1.00 42.36 ? 40  VAL A CA   1 
ATOM   329  C  C    . VAL A 1 40  ? -2.874  8.719   4.449   1.00 42.54 ? 40  VAL A C    1 
ATOM   330  O  O    . VAL A 1 40  ? -3.431  8.960   3.372   1.00 41.74 ? 40  VAL A O    1 
ATOM   331  C  CB   . VAL A 1 40  ? -2.799  10.890  5.648   1.00 43.84 ? 40  VAL A CB   1 
ATOM   332  C  CG1  . VAL A 1 40  ? -3.760  10.347  6.702   1.00 41.09 ? 40  VAL A CG1  1 
ATOM   333  C  CG2  . VAL A 1 40  ? -1.881  11.959  6.256   1.00 44.03 ? 40  VAL A CG2  1 
ATOM   334  N  N    . VAL A 1 41  ? -3.001  7.567   5.092   1.00 41.20 ? 41  VAL A N    1 
ATOM   335  C  CA   . VAL A 1 41  ? -3.840  6.500   4.581   1.00 41.80 ? 41  VAL A CA   1 
ATOM   336  C  C    . VAL A 1 41  ? -4.886  6.132   5.624   1.00 41.08 ? 41  VAL A C    1 
ATOM   337  O  O    . VAL A 1 41  ? -4.551  5.882   6.784   1.00 39.70 ? 41  VAL A O    1 
ATOM   338  C  CB   . VAL A 1 41  ? -3.009  5.242   4.268   1.00 41.08 ? 41  VAL A CB   1 
ATOM   339  C  CG1  . VAL A 1 41  ? -3.816  4.304   3.393   1.00 43.35 ? 41  VAL A CG1  1 
ATOM   340  C  CG2  . VAL A 1 41  ? -1.701  5.630   3.599   1.00 40.00 ? 41  VAL A CG2  1 
ATOM   341  N  N    . GLY A 1 42  ? -6.144  6.097   5.199   1.00 41.13 ? 42  GLY A N    1 
ATOM   342  C  CA   . GLY A 1 42  ? -7.227  5.758   6.102   1.00 44.21 ? 42  GLY A CA   1 
ATOM   343  C  C    . GLY A 1 42  ? -7.899  4.452   5.729   1.00 44.75 ? 42  GLY A C    1 
ATOM   344  O  O    . GLY A 1 42  ? -7.369  3.670   4.945   1.00 45.58 ? 42  GLY A O    1 
ATOM   345  N  N    . GLY A 1 43  ? -9.078  4.212   6.289   1.00 46.29 ? 43  GLY A N    1 
ATOM   346  C  CA   . GLY A 1 43  ? -9.790  2.987   5.988   1.00 44.88 ? 43  GLY A CA   1 
ATOM   347  C  C    . GLY A 1 43  ? -11.271 3.245   5.842   1.00 45.87 ? 43  GLY A C    1 
ATOM   348  O  O    . GLY A 1 43  ? -11.720 4.368   6.066   1.00 46.26 ? 43  GLY A O    1 
ATOM   349  N  N    . PRO A 1 44  ? -12.060 2.227   5.465   1.00 45.42 ? 44  PRO A N    1 
ATOM   350  C  CA   . PRO A 1 44  ? -11.603 0.861   5.175   1.00 46.05 ? 44  PRO A CA   1 
ATOM   351  C  C    . PRO A 1 44  ? -10.997 0.788   3.780   1.00 46.21 ? 44  PRO A C    1 
ATOM   352  O  O    . PRO A 1 44  ? -11.586 1.295   2.831   1.00 47.11 ? 44  PRO A O    1 
ATOM   353  C  CB   . PRO A 1 44  ? -12.890 0.028   5.253   1.00 45.47 ? 44  PRO A CB   1 
ATOM   354  C  CG   . PRO A 1 44  ? -13.905 0.942   5.923   1.00 48.33 ? 44  PRO A CG   1 
ATOM   355  C  CD   . PRO A 1 44  ? -13.526 2.302   5.410   1.00 45.57 ? 44  PRO A CD   1 
ATOM   356  N  N    . ASN A 1 45  ? -9.835  0.159   3.645   1.00 46.10 ? 45  ASN A N    1 
ATOM   357  C  CA   . ASN A 1 45  ? -9.220  0.044   2.325   1.00 48.58 ? 45  ASN A CA   1 
ATOM   358  C  C    . ASN A 1 45  ? -9.541  -1.331  1.740   1.00 50.24 ? 45  ASN A C    1 
ATOM   359  O  O    . ASN A 1 45  ? -10.252 -2.121  2.356   1.00 51.03 ? 45  ASN A O    1 
ATOM   360  C  CB   . ASN A 1 45  ? -7.699  0.261   2.414   1.00 44.20 ? 45  ASN A CB   1 
ATOM   361  C  CG   . ASN A 1 45  ? -6.977  -0.888  3.096   1.00 46.30 ? 45  ASN A CG   1 
ATOM   362  O  OD1  . ASN A 1 45  ? -7.588  -1.689  3.805   1.00 43.22 ? 45  ASN A OD1  1 
ATOM   363  N  ND2  . ASN A 1 45  ? -5.660  -0.966  2.893   1.00 42.74 ? 45  ASN A ND2  1 
ATOM   364  N  N    . HIS A 1 46  ? -9.035  -1.609  0.545   1.00 50.74 ? 46  HIS A N    1 
ATOM   365  C  CA   . HIS A 1 46  ? -9.271  -2.896  -0.088  1.00 50.88 ? 46  HIS A CA   1 
ATOM   366  C  C    . HIS A 1 46  ? -8.023  -3.281  -0.857  1.00 50.43 ? 46  HIS A C    1 
ATOM   367  O  O    . HIS A 1 46  ? -7.851  -2.896  -2.014  1.00 50.09 ? 46  HIS A O    1 
ATOM   368  C  CB   . HIS A 1 46  ? -10.452 -2.828  -1.052  1.00 53.99 ? 46  HIS A CB   1 
ATOM   369  C  CG   . HIS A 1 46  ? -10.858 -4.165  -1.591  1.00 58.22 ? 46  HIS A CG   1 
ATOM   370  N  ND1  . HIS A 1 46  ? -11.597 -4.312  -2.743  1.00 60.10 ? 46  HIS A ND1  1 
ATOM   371  C  CD2  . HIS A 1 46  ? -10.637 -5.416  -1.122  1.00 59.74 ? 46  HIS A CD2  1 
ATOM   372  C  CE1  . HIS A 1 46  ? -11.813 -5.598  -2.964  1.00 61.81 ? 46  HIS A CE1  1 
ATOM   373  N  NE2  . HIS A 1 46  ? -11.241 -6.290  -1.993  1.00 61.20 ? 46  HIS A NE2  1 
ATOM   374  N  N    . ARG A 1 47  ? -7.159  -4.050  -0.202  1.00 49.01 ? 47  ARG A N    1 
ATOM   375  C  CA   . ARG A 1 47  ? -5.900  -4.485  -0.784  1.00 46.77 ? 47  ARG A CA   1 
ATOM   376  C  C    . ARG A 1 47  ? -5.781  -6.008  -0.723  1.00 47.14 ? 47  ARG A C    1 
ATOM   377  O  O    . ARG A 1 47  ? -5.922  -6.605  0.342   1.00 46.46 ? 47  ARG A O    1 
ATOM   378  C  CB   . ARG A 1 47  ? -4.732  -3.855  -0.012  1.00 46.26 ? 47  ARG A CB   1 
ATOM   379  C  CG   . ARG A 1 47  ? -4.737  -2.318  0.064   1.00 46.27 ? 47  ARG A CG   1 
ATOM   380  C  CD   . ARG A 1 47  ? -4.438  -1.676  -1.290  1.00 44.39 ? 47  ARG A CD   1 
ATOM   381  N  NE   . ARG A 1 47  ? -3.108  -2.016  -1.799  1.00 44.46 ? 47  ARG A NE   1 
ATOM   382  C  CZ   . ARG A 1 47  ? -1.977  -1.395  -1.465  1.00 44.58 ? 47  ARG A CZ   1 
ATOM   383  N  NH1  . ARG A 1 47  ? -1.981  -0.374  -0.612  1.00 41.10 ? 47  ARG A NH1  1 
ATOM   384  N  NH2  . ARG A 1 47  ? -0.832  -1.804  -1.988  1.00 44.02 ? 47  ARG A NH2  1 
ATOM   385  N  N    . THR A 1 48  ? -5.526  -6.633  -1.866  1.00 45.71 ? 48  THR A N    1 
ATOM   386  C  CA   . THR A 1 48  ? -5.364  -8.083  -1.920  1.00 45.00 ? 48  THR A CA   1 
ATOM   387  C  C    . THR A 1 48  ? -3.974  -8.340  -2.462  1.00 43.04 ? 48  THR A C    1 
ATOM   388  O  O    . THR A 1 48  ? -3.518  -9.472  -2.548  1.00 45.35 ? 48  THR A O    1 
ATOM   389  C  CB   . THR A 1 48  ? -6.406  -8.754  -2.857  1.00 45.33 ? 48  THR A CB   1 
ATOM   390  O  OG1  . THR A 1 48  ? -6.161  -8.367  -4.214  1.00 46.16 ? 48  THR A OG1  1 
ATOM   391  C  CG2  . THR A 1 48  ? -7.817  -8.333  -2.470  1.00 44.65 ? 48  THR A CG2  1 
ATOM   392  N  N    . ASP A 1 49  ? -3.304  -7.244  -2.788  1.00 43.62 ? 49  ASP A N    1 
ATOM   393  C  CA   . ASP A 1 49  ? -1.966  -7.238  -3.354  1.00 41.64 ? 49  ASP A CA   1 
ATOM   394  C  C    . ASP A 1 49  ? -0.852  -7.066  -2.316  1.00 41.98 ? 49  ASP A C    1 
ATOM   395  O  O    . ASP A 1 49  ? -1.069  -6.505  -1.237  1.00 38.52 ? 49  ASP A O    1 
ATOM   396  C  CB   . ASP A 1 49  ? -1.878  -6.079  -4.342  1.00 43.69 ? 49  ASP A CB   1 
ATOM   397  C  CG   . ASP A 1 49  ? -1.871  -4.724  -3.638  1.00 42.08 ? 49  ASP A CG   1 
ATOM   398  O  OD1  . ASP A 1 49  ? -0.770  -4.198  -3.398  1.00 41.49 ? 49  ASP A OD1  1 
ATOM   399  O  OD2  . ASP A 1 49  ? -2.960  -4.197  -3.303  1.00 42.09 ? 49  ASP A OD2  1 
ATOM   400  N  N    . TYR A 1 50  ? 0.339   -7.546  -2.669  1.00 41.05 ? 50  TYR A N    1 
ATOM   401  C  CA   . TYR A 1 50  ? 1.530   -7.415  -1.831  1.00 42.52 ? 50  TYR A CA   1 
ATOM   402  C  C    . TYR A 1 50  ? 2.455   -6.472  -2.593  1.00 41.72 ? 50  TYR A C    1 
ATOM   403  O  O    . TYR A 1 50  ? 2.814   -6.738  -3.744  1.00 41.40 ? 50  TYR A O    1 
ATOM   404  C  CB   . TYR A 1 50  ? 2.239   -8.761  -1.647  1.00 41.99 ? 50  TYR A CB   1 
ATOM   405  C  CG   . TYR A 1 50  ? 1.612   -9.650  -0.606  1.00 47.27 ? 50  TYR A CG   1 
ATOM   406  C  CD1  . TYR A 1 50  ? 2.143   -9.724  0.682   1.00 46.13 ? 50  TYR A CD1  1 
ATOM   407  C  CD2  . TYR A 1 50  ? 0.474   -10.406 -0.899  1.00 46.30 ? 50  TYR A CD2  1 
ATOM   408  C  CE1  . TYR A 1 50  ? 1.557   -10.527 1.653   1.00 44.67 ? 50  TYR A CE1  1 
ATOM   409  C  CE2  . TYR A 1 50  ? -0.122  -11.213 0.070   1.00 45.78 ? 50  TYR A CE2  1 
ATOM   410  C  CZ   . TYR A 1 50  ? 0.426   -11.267 1.344   1.00 47.47 ? 50  TYR A CZ   1 
ATOM   411  O  OH   . TYR A 1 50  ? -0.166  -12.042 2.317   1.00 45.97 ? 50  TYR A OH   1 
ATOM   412  N  N    . HIS A 1 51  ? 2.836   -5.378  -1.947  1.00 39.90 ? 51  HIS A N    1 
ATOM   413  C  CA   . HIS A 1 51  ? 3.701   -4.387  -2.562  1.00 41.39 ? 51  HIS A CA   1 
ATOM   414  C  C    . HIS A 1 51  ? 5.165   -4.740  -2.368  1.00 41.24 ? 51  HIS A C    1 
ATOM   415  O  O    . HIS A 1 51  ? 5.578   -5.186  -1.297  1.00 44.41 ? 51  HIS A O    1 
ATOM   416  C  CB   . HIS A 1 51  ? 3.424   -3.000  -1.966  1.00 39.21 ? 51  HIS A CB   1 
ATOM   417  C  CG   . HIS A 1 51  ? 4.191   -1.890  -2.621  1.00 42.25 ? 51  HIS A CG   1 
ATOM   418  N  ND1  . HIS A 1 51  ? 4.374   -0.660  -2.027  1.00 42.76 ? 51  HIS A ND1  1 
ATOM   419  C  CD2  . HIS A 1 51  ? 4.796   -1.811  -3.830  1.00 44.93 ? 51  HIS A CD2  1 
ATOM   420  C  CE1  . HIS A 1 51  ? 5.059   0.127   -2.836  1.00 40.93 ? 51  HIS A CE1  1 
ATOM   421  N  NE2  . HIS A 1 51  ? 5.327   -0.545  -3.939  1.00 45.74 ? 51  HIS A NE2  1 
ATOM   422  N  N    . ASP A 1 52  ? 5.944   -4.543  -3.422  1.00 41.23 ? 52  ASP A N    1 
ATOM   423  C  CA   . ASP A 1 52  ? 7.370   -4.800  -3.381  1.00 41.17 ? 52  ASP A CA   1 
ATOM   424  C  C    . ASP A 1 52  ? 8.032   -3.462  -3.669  1.00 41.48 ? 52  ASP A C    1 
ATOM   425  O  O    . ASP A 1 52  ? 8.284   -3.104  -4.826  1.00 38.05 ? 52  ASP A O    1 
ATOM   426  C  CB   . ASP A 1 52  ? 7.745   -5.834  -4.435  1.00 43.51 ? 52  ASP A CB   1 
ATOM   427  C  CG   . ASP A 1 52  ? 9.229   -6.027  -4.550  1.00 46.69 ? 52  ASP A CG   1 
ATOM   428  O  OD1  . ASP A 1 52  ? 9.961   -5.565  -3.649  1.00 48.92 ? 52  ASP A OD1  1 
ATOM   429  O  OD2  . ASP A 1 52  ? 9.666   -6.649  -5.540  1.00 49.35 ? 52  ASP A OD2  1 
ATOM   430  N  N    . ASP A 1 53  ? 8.291   -2.719  -2.597  1.00 40.57 ? 53  ASP A N    1 
ATOM   431  C  CA   . ASP A 1 53  ? 8.890   -1.401  -2.695  1.00 39.78 ? 53  ASP A CA   1 
ATOM   432  C  C    . ASP A 1 53  ? 10.411  -1.515  -2.691  1.00 40.19 ? 53  ASP A C    1 
ATOM   433  O  O    . ASP A 1 53  ? 10.987  -2.126  -1.800  1.00 40.36 ? 53  ASP A O    1 
ATOM   434  C  CB   . ASP A 1 53  ? 8.393   -0.552  -1.522  1.00 41.19 ? 53  ASP A CB   1 
ATOM   435  C  CG   . ASP A 1 53  ? 8.643   0.928   -1.718  1.00 40.29 ? 53  ASP A CG   1 
ATOM   436  O  OD1  . ASP A 1 53  ? 7.858   1.729   -1.181  1.00 39.75 ? 53  ASP A OD1  1 
ATOM   437  O  OD2  . ASP A 1 53  ? 9.622   1.288   -2.400  1.00 41.77 ? 53  ASP A OD2  1 
ATOM   438  N  N    . PRO A 1 54  ? 11.083  -0.939  -3.701  1.00 37.90 ? 54  PRO A N    1 
ATOM   439  C  CA   . PRO A 1 54  ? 12.544  -1.007  -3.766  1.00 39.10 ? 54  PRO A CA   1 
ATOM   440  C  C    . PRO A 1 54  ? 13.236  -0.170  -2.688  1.00 40.30 ? 54  PRO A C    1 
ATOM   441  O  O    . PRO A 1 54  ? 14.432  -0.318  -2.445  1.00 40.84 ? 54  PRO A O    1 
ATOM   442  C  CB   . PRO A 1 54  ? 12.846  -0.508  -5.178  1.00 37.80 ? 54  PRO A CB   1 
ATOM   443  C  CG   . PRO A 1 54  ? 11.756  0.458   -5.426  1.00 38.33 ? 54  PRO A CG   1 
ATOM   444  C  CD   . PRO A 1 54  ? 10.541  -0.266  -4.890  1.00 38.12 ? 54  PRO A CD   1 
ATOM   445  N  N    . LEU A 1 55  ? 12.470  0.702   -2.037  1.00 41.74 ? 55  LEU A N    1 
ATOM   446  C  CA   . LEU A 1 55  ? 12.994  1.566   -0.982  1.00 40.82 ? 55  LEU A CA   1 
ATOM   447  C  C    . LEU A 1 55  ? 12.224  1.301   0.321   1.00 40.19 ? 55  LEU A C    1 
ATOM   448  O  O    . LEU A 1 55  ? 11.244  0.556   0.323   1.00 39.23 ? 55  LEU A O    1 
ATOM   449  C  CB   . LEU A 1 55  ? 12.858  3.036   -1.413  1.00 42.23 ? 55  LEU A CB   1 
ATOM   450  C  CG   . LEU A 1 55  ? 13.589  3.377   -2.731  1.00 42.54 ? 55  LEU A CG   1 
ATOM   451  C  CD1  . LEU A 1 55  ? 13.237  4.787   -3.213  1.00 43.47 ? 55  LEU A CD1  1 
ATOM   452  C  CD2  . LEU A 1 55  ? 15.083  3.257   -2.517  1.00 38.97 ? 55  LEU A CD2  1 
ATOM   453  N  N    . GLU A 1 56  ? 12.665  1.908   1.417   1.00 40.21 ? 56  GLU A N    1 
ATOM   454  C  CA   . GLU A 1 56  ? 12.018  1.711   2.712   1.00 39.85 ? 56  GLU A CA   1 
ATOM   455  C  C    . GLU A 1 56  ? 10.741  2.530   2.785   1.00 40.59 ? 56  GLU A C    1 
ATOM   456  O  O    . GLU A 1 56  ? 10.533  3.456   1.989   1.00 38.36 ? 56  GLU A O    1 
ATOM   457  C  CB   . GLU A 1 56  ? 12.940  2.154   3.858   1.00 40.47 ? 56  GLU A CB   1 
ATOM   458  C  CG   . GLU A 1 56  ? 14.418  1.876   3.642   1.00 41.93 ? 56  GLU A CG   1 
ATOM   459  C  CD   . GLU A 1 56  ? 15.276  2.342   4.806   1.00 42.00 ? 56  GLU A CD   1 
ATOM   460  O  OE1  . GLU A 1 56  ? 14.937  3.361   5.444   1.00 44.19 ? 56  GLU A OE1  1 
ATOM   461  O  OE2  . GLU A 1 56  ? 16.302  1.700   5.076   1.00 42.90 ? 56  GLU A OE2  1 
ATOM   462  N  N    . GLU A 1 57  ? 9.891   2.177   3.740   1.00 38.08 ? 57  GLU A N    1 
ATOM   463  C  CA   . GLU A 1 57  ? 8.640   2.883   3.957   1.00 37.81 ? 57  GLU A CA   1 
ATOM   464  C  C    . GLU A 1 57  ? 8.514   3.119   5.458   1.00 38.99 ? 57  GLU A C    1 
ATOM   465  O  O    . GLU A 1 57  ? 8.722   2.198   6.248   1.00 36.59 ? 57  GLU A O    1 
ATOM   466  C  CB   . GLU A 1 57  ? 7.449   2.051   3.477   1.00 40.06 ? 57  GLU A CB   1 
ATOM   467  C  CG   . GLU A 1 57  ? 7.515   1.599   2.023   1.00 39.88 ? 57  GLU A CG   1 
ATOM   468  C  CD   . GLU A 1 57  ? 6.229   0.945   1.549   1.00 41.86 ? 57  GLU A CD   1 
ATOM   469  O  OE1  . GLU A 1 57  ? 6.189   0.512   0.381   1.00 45.05 ? 57  GLU A OE1  1 
ATOM   470  O  OE2  . GLU A 1 57  ? 5.255   0.863   2.327   1.00 41.37 ? 57  GLU A OE2  1 
ATOM   471  N  N    . PHE A 1 58  ? 8.197   4.352   5.853   1.00 37.43 ? 58  PHE A N    1 
ATOM   472  C  CA   . PHE A 1 58  ? 8.028   4.683   7.267   1.00 36.02 ? 58  PHE A CA   1 
ATOM   473  C  C    . PHE A 1 58  ? 6.541   4.698   7.603   1.00 36.60 ? 58  PHE A C    1 
ATOM   474  O  O    . PHE A 1 58  ? 5.726   5.224   6.841   1.00 38.55 ? 58  PHE A O    1 
ATOM   475  C  CB   . PHE A 1 58  ? 8.627   6.058   7.580   1.00 34.42 ? 58  PHE A CB   1 
ATOM   476  C  CG   . PHE A 1 58  ? 8.293   6.568   8.957   1.00 35.21 ? 58  PHE A CG   1 
ATOM   477  C  CD1  . PHE A 1 58  ? 9.006   6.137   10.072  1.00 34.34 ? 58  PHE A CD1  1 
ATOM   478  C  CD2  . PHE A 1 58  ? 7.243   7.462   9.142   1.00 34.99 ? 58  PHE A CD2  1 
ATOM   479  C  CE1  . PHE A 1 58  ? 8.676   6.590   11.350  1.00 38.45 ? 58  PHE A CE1  1 
ATOM   480  C  CE2  . PHE A 1 58  ? 6.903   7.919   10.413  1.00 36.08 ? 58  PHE A CE2  1 
ATOM   481  C  CZ   . PHE A 1 58  ? 7.620   7.485   11.523  1.00 35.95 ? 58  PHE A CZ   1 
ATOM   482  N  N    . PHE A 1 59  ? 6.184   4.139   8.749   1.00 34.02 ? 59  PHE A N    1 
ATOM   483  C  CA   . PHE A 1 59  ? 4.791   4.110   9.151   1.00 33.79 ? 59  PHE A CA   1 
ATOM   484  C  C    . PHE A 1 59  ? 4.600   4.707   10.544  1.00 34.88 ? 59  PHE A C    1 
ATOM   485  O  O    . PHE A 1 59  ? 5.421   4.518   11.436  1.00 35.42 ? 59  PHE A O    1 
ATOM   486  C  CB   . PHE A 1 59  ? 4.266   2.671   9.183   1.00 35.08 ? 59  PHE A CB   1 
ATOM   487  C  CG   . PHE A 1 59  ? 4.197   1.990   7.836   1.00 35.31 ? 59  PHE A CG   1 
ATOM   488  C  CD1  . PHE A 1 59  ? 2.989   1.900   7.148   1.00 37.89 ? 59  PHE A CD1  1 
ATOM   489  C  CD2  . PHE A 1 59  ? 5.325   1.403   7.277   1.00 35.14 ? 59  PHE A CD2  1 
ATOM   490  C  CE1  . PHE A 1 59  ? 2.902   1.230   5.924   1.00 39.78 ? 59  PHE A CE1  1 
ATOM   491  C  CE2  . PHE A 1 59  ? 5.254   0.732   6.054   1.00 35.89 ? 59  PHE A CE2  1 
ATOM   492  C  CZ   . PHE A 1 59  ? 4.042   0.644   5.378   1.00 38.64 ? 59  PHE A CZ   1 
ATOM   493  N  N    . TYR A 1 60  ? 3.514   5.437   10.722  1.00 34.40 ? 60  TYR A N    1 
ATOM   494  C  CA   . TYR A 1 60  ? 3.185   5.983   12.024  1.00 35.96 ? 60  TYR A CA   1 
ATOM   495  C  C    . TYR A 1 60  ? 1.668   5.977   12.095  1.00 36.11 ? 60  TYR A C    1 
ATOM   496  O  O    . TYR A 1 60  ? 1.003   6.873   11.551  1.00 35.12 ? 60  TYR A O    1 
ATOM   497  C  CB   . TYR A 1 60  ? 3.731   7.399   12.189  1.00 36.72 ? 60  TYR A CB   1 
ATOM   498  C  CG   . TYR A 1 60  ? 3.598   7.917   13.594  1.00 38.23 ? 60  TYR A CG   1 
ATOM   499  C  CD1  . TYR A 1 60  ? 3.123   7.093   14.618  1.00 40.33 ? 60  TYR A CD1  1 
ATOM   500  C  CD2  . TYR A 1 60  ? 3.935   9.231   13.910  1.00 38.82 ? 60  TYR A CD2  1 
ATOM   501  C  CE1  . TYR A 1 60  ? 2.986   7.559   15.913  1.00 43.93 ? 60  TYR A CE1  1 
ATOM   502  C  CE2  . TYR A 1 60  ? 3.802   9.710   15.209  1.00 43.30 ? 60  TYR A CE2  1 
ATOM   503  C  CZ   . TYR A 1 60  ? 3.327   8.867   16.202  1.00 42.80 ? 60  TYR A CZ   1 
ATOM   504  O  OH   . TYR A 1 60  ? 3.187   9.323   17.486  1.00 47.64 ? 60  TYR A OH   1 
ATOM   505  N  N    . GLN A 1 61  ? 1.118   4.948   12.740  1.00 35.49 ? 61  GLN A N    1 
ATOM   506  C  CA   . GLN A 1 61  ? -0.331  4.818   12.846  1.00 37.15 ? 61  GLN A CA   1 
ATOM   507  C  C    . GLN A 1 61  ? -0.815  5.828   13.865  1.00 38.64 ? 61  GLN A C    1 
ATOM   508  O  O    . GLN A 1 61  ? -0.722  5.606   15.066  1.00 41.86 ? 61  GLN A O    1 
ATOM   509  C  CB   . GLN A 1 61  ? -0.737  3.392   13.264  1.00 35.39 ? 61  GLN A CB   1 
ATOM   510  C  CG   . GLN A 1 61  ? -2.248  3.113   13.131  1.00 32.28 ? 61  GLN A CG   1 
ATOM   511  C  CD   . GLN A 1 61  ? -2.737  3.056   11.679  1.00 36.08 ? 61  GLN A CD   1 
ATOM   512  O  OE1  . GLN A 1 61  ? -3.815  3.561   11.351  1.00 38.41 ? 61  GLN A OE1  1 
ATOM   513  N  NE2  . GLN A 1 61  ? -1.956  2.424   10.811  1.00 35.65 ? 61  GLN A NE2  1 
ATOM   514  N  N    . LEU A 1 62  ? -1.329  6.942   13.362  1.00 41.77 ? 62  LEU A N    1 
ATOM   515  C  CA   . LEU A 1 62  ? -1.807  8.033   14.200  1.00 41.88 ? 62  LEU A CA   1 
ATOM   516  C  C    . LEU A 1 62  ? -3.169  7.770   14.807  1.00 43.05 ? 62  LEU A C    1 
ATOM   517  O  O    . LEU A 1 62  ? -3.369  7.988   15.995  1.00 44.30 ? 62  LEU A O    1 
ATOM   518  C  CB   . LEU A 1 62  ? -1.878  9.323   13.386  1.00 42.53 ? 62  LEU A CB   1 
ATOM   519  C  CG   . LEU A 1 62  ? -0.638  9.763   12.608  1.00 42.43 ? 62  LEU A CG   1 
ATOM   520  C  CD1  . LEU A 1 62  ? -0.899  11.122  11.965  1.00 44.27 ? 62  LEU A CD1  1 
ATOM   521  C  CD2  . LEU A 1 62  ? 0.540   9.850   13.524  1.00 40.47 ? 62  LEU A CD2  1 
ATOM   522  N  N    . ARG A 1 63  ? -4.110  7.322   13.984  1.00 42.20 ? 63  ARG A N    1 
ATOM   523  C  CA   . ARG A 1 63  ? -5.456  7.048   14.461  1.00 43.60 ? 63  ARG A CA   1 
ATOM   524  C  C    . ARG A 1 63  ? -5.909  5.644   14.080  1.00 44.95 ? 63  ARG A C    1 
ATOM   525  O  O    . ARG A 1 63  ? -5.705  5.199   12.944  1.00 44.73 ? 63  ARG A O    1 
ATOM   526  C  CB   . ARG A 1 63  ? -6.439  8.072   13.884  1.00 42.45 ? 63  ARG A CB   1 
ATOM   527  C  CG   . ARG A 1 63  ? -6.092  9.524   14.225  1.00 45.38 ? 63  ARG A CG   1 
ATOM   528  C  CD   . ARG A 1 63  ? -7.078  10.491  13.598  1.00 44.42 ? 63  ARG A CD   1 
ATOM   529  N  NE   . ARG A 1 63  ? -6.669  11.883  13.771  1.00 47.46 ? 63  ARG A NE   1 
ATOM   530  C  CZ   . ARG A 1 63  ? -7.330  12.923  13.267  1.00 47.33 ? 63  ARG A CZ   1 
ATOM   531  N  NH1  . ARG A 1 63  ? -8.435  12.732  12.558  1.00 43.58 ? 63  ARG A NH1  1 
ATOM   532  N  NH2  . ARG A 1 63  ? -6.878  14.155  13.459  1.00 47.24 ? 63  ARG A NH2  1 
ATOM   533  N  N    . GLY A 1 64  ? -6.508  4.952   15.048  1.00 44.29 ? 64  GLY A N    1 
ATOM   534  C  CA   . GLY A 1 64  ? -7.023  3.619   14.813  1.00 43.26 ? 64  GLY A CA   1 
ATOM   535  C  C    . GLY A 1 64  ? -5.990  2.516   14.708  1.00 43.62 ? 64  GLY A C    1 
ATOM   536  O  O    . GLY A 1 64  ? -4.810  2.719   14.982  1.00 43.88 ? 64  GLY A O    1 
ATOM   537  N  N    . ASN A 1 65  ? -6.448  1.344   14.289  1.00 43.98 ? 65  ASN A N    1 
ATOM   538  C  CA   . ASN A 1 65  ? -5.579  0.183   14.163  1.00 42.33 ? 65  ASN A CA   1 
ATOM   539  C  C    . ASN A 1 65  ? -5.622  -0.371  12.755  1.00 41.29 ? 65  ASN A C    1 
ATOM   540  O  O    . ASN A 1 65  ? -6.632  -0.258  12.060  1.00 40.62 ? 65  ASN A O    1 
ATOM   541  C  CB   . ASN A 1 65  ? -6.031  -0.904  15.137  1.00 44.20 ? 65  ASN A CB   1 
ATOM   542  C  CG   . ASN A 1 65  ? -6.277  -0.367  16.536  1.00 43.19 ? 65  ASN A CG   1 
ATOM   543  O  OD1  . ASN A 1 65  ? -5.339  -0.079  17.275  1.00 43.41 ? 65  ASN A OD1  1 
ATOM   544  N  ND2  . ASN A 1 65  ? -7.550  -0.215  16.893  1.00 42.38 ? 65  ASN A ND2  1 
ATOM   545  N  N    . ALA A 1 66  ? -4.519  -0.985  12.348  1.00 41.53 ? 66  ALA A N    1 
ATOM   546  C  CA   . ALA A 1 66  ? -4.409  -1.592  11.032  1.00 40.30 ? 66  ALA A CA   1 
ATOM   547  C  C    . ALA A 1 66  ? -3.340  -2.674  11.146  1.00 40.58 ? 66  ALA A C    1 
ATOM   548  O  O    . ALA A 1 66  ? -2.791  -2.880  12.216  1.00 38.71 ? 66  ALA A O    1 
ATOM   549  C  CB   . ALA A 1 66  ? -3.988  -0.538  10.012  1.00 39.99 ? 66  ALA A CB   1 
ATOM   550  N  N    . TYR A 1 67  ? -3.056  -3.379  10.053  1.00 42.33 ? 67  TYR A N    1 
ATOM   551  C  CA   . TYR A 1 67  ? -2.000  -4.390  10.080  1.00 42.04 ? 67  TYR A CA   1 
ATOM   552  C  C    . TYR A 1 67  ? -1.455  -4.653  8.684   1.00 41.39 ? 67  TYR A C    1 
ATOM   553  O  O    . TYR A 1 67  ? -2.102  -4.364  7.679   1.00 41.70 ? 67  TYR A O    1 
ATOM   554  C  CB   . TYR A 1 67  ? -2.464  -5.716  10.722  1.00 38.42 ? 67  TYR A CB   1 
ATOM   555  C  CG   . TYR A 1 67  ? -3.610  -6.426  10.033  1.00 40.41 ? 67  TYR A CG   1 
ATOM   556  C  CD1  . TYR A 1 67  ? -4.929  -6.004  10.213  1.00 38.45 ? 67  TYR A CD1  1 
ATOM   557  C  CD2  . TYR A 1 67  ? -3.374  -7.526  9.198   1.00 40.23 ? 67  TYR A CD2  1 
ATOM   558  C  CE1  . TYR A 1 67  ? -5.985  -6.654  9.583   1.00 41.80 ? 67  TYR A CE1  1 
ATOM   559  C  CE2  . TYR A 1 67  ? -4.425  -8.185  8.559   1.00 40.91 ? 67  TYR A CE2  1 
ATOM   560  C  CZ   . TYR A 1 67  ? -5.725  -7.742  8.757   1.00 41.84 ? 67  TYR A CZ   1 
ATOM   561  O  OH   . TYR A 1 67  ? -6.769  -8.379  8.135   1.00 44.34 ? 67  TYR A OH   1 
ATOM   562  N  N    . LEU A 1 68  ? -0.241  -5.176  8.640   1.00 40.32 ? 68  LEU A N    1 
ATOM   563  C  CA   . LEU A 1 68  ? 0.396   -5.480  7.381   1.00 40.97 ? 68  LEU A CA   1 
ATOM   564  C  C    . LEU A 1 68  ? 0.540   -6.986  7.221   1.00 41.86 ? 68  LEU A C    1 
ATOM   565  O  O    . LEU A 1 68  ? 1.130   -7.653  8.073   1.00 39.26 ? 68  LEU A O    1 
ATOM   566  C  CB   . LEU A 1 68  ? 1.782   -4.838  7.326   1.00 39.17 ? 68  LEU A CB   1 
ATOM   567  C  CG   . LEU A 1 68  ? 1.837   -3.313  7.490   1.00 41.12 ? 68  LEU A CG   1 
ATOM   568  C  CD1  . LEU A 1 68  ? 3.274   -2.848  7.431   1.00 37.91 ? 68  LEU A CD1  1 
ATOM   569  C  CD2  . LEU A 1 68  ? 1.019   -2.641  6.398   1.00 38.42 ? 68  LEU A CD2  1 
ATOM   570  N  N    . ASN A 1 69  ? -0.034  -7.528  6.152   1.00 41.49 ? 69  ASN A N    1 
ATOM   571  C  CA   . ASN A 1 69  ? 0.141   -8.947  5.882   1.00 43.90 ? 69  ASN A CA   1 
ATOM   572  C  C    . ASN A 1 69  ? 1.513   -8.978  5.217   1.00 44.22 ? 69  ASN A C    1 
ATOM   573  O  O    . ASN A 1 69  ? 1.797   -8.150  4.353   1.00 44.73 ? 69  ASN A O    1 
ATOM   574  C  CB   . ASN A 1 69  ? -0.944  -9.477  4.937   1.00 43.05 ? 69  ASN A CB   1 
ATOM   575  C  CG   . ASN A 1 69  ? -2.229  -9.814  5.666   1.00 46.49 ? 69  ASN A CG   1 
ATOM   576  O  OD1  . ASN A 1 69  ? -2.201  -10.225 6.829   1.00 45.60 ? 69  ASN A OD1  1 
ATOM   577  N  ND2  . ASN A 1 69  ? -3.363  -9.659  4.987   1.00 48.67 ? 69  ASN A ND2  1 
ATOM   578  N  N    . LEU A 1 70  ? 2.369   -9.905  5.636   1.00 44.72 ? 70  LEU A N    1 
ATOM   579  C  CA   . LEU A 1 70  ? 3.724   -9.996  5.101   1.00 48.71 ? 70  LEU A CA   1 
ATOM   580  C  C    . LEU A 1 70  ? 4.144   -11.417 4.720   1.00 52.73 ? 70  LEU A C    1 
ATOM   581  O  O    . LEU A 1 70  ? 3.393   -12.374 4.878   1.00 52.71 ? 70  LEU A O    1 
ATOM   582  C  CB   . LEU A 1 70  ? 4.727   -9.497  6.148   1.00 46.34 ? 70  LEU A CB   1 
ATOM   583  C  CG   . LEU A 1 70  ? 4.529   -8.167  6.882   1.00 45.99 ? 70  LEU A CG   1 
ATOM   584  C  CD1  . LEU A 1 70  ? 5.388   -8.156  8.135   1.00 45.01 ? 70  LEU A CD1  1 
ATOM   585  C  CD2  . LEU A 1 70  ? 4.883   -7.003  5.974   1.00 44.54 ? 70  LEU A CD2  1 
ATOM   586  N  N    . TRP A 1 71  ? 5.369   -11.509 4.207   1.00 58.11 ? 71  TRP A N    1 
ATOM   587  C  CA   . TRP A 1 71  ? 6.041   -12.762 3.850   1.00 62.36 ? 71  TRP A CA   1 
ATOM   588  C  C    . TRP A 1 71  ? 7.412   -12.516 4.486   1.00 65.51 ? 71  TRP A C    1 
ATOM   589  O  O    . TRP A 1 71  ? 8.093   -11.556 4.120   1.00 65.40 ? 71  TRP A O    1 
ATOM   590  C  CB   . TRP A 1 71  ? 6.220   -12.923 2.337   1.00 62.24 ? 71  TRP A CB   1 
ATOM   591  C  CG   . TRP A 1 71  ? 4.999   -13.357 1.588   1.00 63.48 ? 71  TRP A CG   1 
ATOM   592  C  CD1  . TRP A 1 71  ? 4.139   -12.559 0.901   1.00 64.43 ? 71  TRP A CD1  1 
ATOM   593  C  CD2  . TRP A 1 71  ? 4.508   -14.697 1.443   1.00 64.84 ? 71  TRP A CD2  1 
ATOM   594  N  NE1  . TRP A 1 71  ? 3.139   -13.314 0.334   1.00 65.61 ? 71  TRP A NE1  1 
ATOM   595  C  CE2  . TRP A 1 71  ? 3.341   -14.630 0.652   1.00 64.14 ? 71  TRP A CE2  1 
ATOM   596  C  CE3  . TRP A 1 71  ? 4.939   -15.947 1.907   1.00 65.27 ? 71  TRP A CE3  1 
ATOM   597  C  CZ2  . TRP A 1 71  ? 2.598   -15.763 0.311   1.00 64.04 ? 71  TRP A CZ2  1 
ATOM   598  C  CZ3  . TRP A 1 71  ? 4.197   -17.076 1.567   1.00 64.27 ? 71  TRP A CZ3  1 
ATOM   599  C  CH2  . TRP A 1 71  ? 3.040   -16.973 0.775   1.00 64.04 ? 71  TRP A CH2  1 
ATOM   600  N  N    . VAL A 1 72  ? 7.816   -13.353 5.438   1.00 68.87 ? 72  VAL A N    1 
ATOM   601  C  CA   . VAL A 1 72  ? 9.101   -13.145 6.107   1.00 73.16 ? 72  VAL A CA   1 
ATOM   602  C  C    . VAL A 1 72  ? 10.237  -14.032 5.599   1.00 75.17 ? 72  VAL A C    1 
ATOM   603  O  O    . VAL A 1 72  ? 11.414  -13.698 5.749   1.00 75.83 ? 72  VAL A O    1 
ATOM   604  C  CB   . VAL A 1 72  ? 8.965   -13.329 7.637   1.00 73.67 ? 72  VAL A CB   1 
ATOM   605  C  CG1  . VAL A 1 72  ? 8.796   -14.803 7.975   1.00 74.30 ? 72  VAL A CG1  1 
ATOM   606  C  CG2  . VAL A 1 72  ? 10.180  -12.734 8.340   1.00 74.49 ? 72  VAL A CG2  1 
ATOM   607  N  N    . ASP A 1 73  ? 9.882   -15.167 5.010   1.00 78.18 ? 73  ASP A N    1 
ATOM   608  C  CA   . ASP A 1 73  ? 10.868  -16.091 4.457   1.00 80.35 ? 73  ASP A CA   1 
ATOM   609  C  C    . ASP A 1 73  ? 10.217  -16.806 3.288   1.00 81.12 ? 73  ASP A C    1 
ATOM   610  O  O    . ASP A 1 73  ? 10.787  -16.916 2.203   1.00 81.92 ? 73  ASP A O    1 
ATOM   611  C  CB   . ASP A 1 73  ? 11.315  -17.108 5.515   1.00 80.09 ? 73  ASP A CB   1 
ATOM   612  C  CG   . ASP A 1 73  ? 12.565  -16.665 6.259   1.00 81.15 ? 73  ASP A CG   1 
ATOM   613  O  OD1  . ASP A 1 73  ? 13.642  -16.608 5.627   1.00 81.19 ? 73  ASP A OD1  1 
ATOM   614  O  OD2  . ASP A 1 73  ? 12.472  -16.371 7.470   1.00 80.05 ? 73  ASP A OD2  1 
ATOM   615  N  N    . GLY A 1 74  ? 9.000   -17.270 3.540   1.00 81.20 ? 74  GLY A N    1 
ATOM   616  C  CA   . GLY A 1 74  ? 8.215   -17.977 2.551   1.00 81.01 ? 74  GLY A CA   1 
ATOM   617  C  C    . GLY A 1 74  ? 6.907   -18.235 3.263   1.00 81.45 ? 74  GLY A C    1 
ATOM   618  O  O    . GLY A 1 74  ? 6.024   -18.935 2.766   1.00 82.31 ? 74  GLY A O    1 
ATOM   619  N  N    . ARG A 1 75  ? 6.800   -17.648 4.451   1.00 80.64 ? 75  ARG A N    1 
ATOM   620  C  CA   . ARG A 1 75  ? 5.618   -17.784 5.287   1.00 79.50 ? 75  ARG A CA   1 
ATOM   621  C  C    . ARG A 1 75  ? 4.898   -16.448 5.420   1.00 78.42 ? 75  ARG A C    1 
ATOM   622  O  O    . ARG A 1 75  ? 5.531   -15.400 5.558   1.00 77.27 ? 75  ARG A O    1 
ATOM   623  C  CB   . ARG A 1 75  ? 6.017   -18.300 6.669   1.00 80.76 ? 75  ARG A CB   1 
ATOM   624  N  N    . ARG A 1 76  ? 3.571   -16.494 5.370   1.00 77.06 ? 76  ARG A N    1 
ATOM   625  C  CA   . ARG A 1 76  ? 2.761   -15.296 5.504   1.00 76.24 ? 76  ARG A CA   1 
ATOM   626  C  C    . ARG A 1 76  ? 2.799   -14.842 6.956   1.00 74.22 ? 76  ARG A C    1 
ATOM   627  O  O    . ARG A 1 76  ? 2.587   -15.637 7.869   1.00 74.29 ? 76  ARG A O    1 
ATOM   628  C  CB   . ARG A 1 76  ? 1.323   -15.586 5.080   1.00 78.21 ? 76  ARG A CB   1 
ATOM   629  C  CG   . ARG A 1 76  ? 1.201   -15.998 3.625   1.00 81.95 ? 76  ARG A CG   1 
ATOM   630  C  CD   . ARG A 1 76  ? -0.240  -16.272 3.234   1.00 84.03 ? 76  ARG A CD   1 
ATOM   631  N  NE   . ARG A 1 76  ? -0.364  -16.591 1.814   1.00 85.99 ? 76  ARG A NE   1 
ATOM   632  C  CZ   . ARG A 1 76  ? -1.509  -16.906 1.216   1.00 87.06 ? 76  ARG A CZ   1 
ATOM   633  N  NH1  . ARG A 1 76  ? -2.638  -16.947 1.913   1.00 87.29 ? 76  ARG A NH1  1 
ATOM   634  N  NH2  . ARG A 1 76  ? -1.527  -17.179 -0.081  1.00 88.00 ? 76  ARG A NH2  1 
ATOM   635  N  N    . GLU A 1 77  ? 3.079   -13.563 7.170   1.00 71.29 ? 77  GLU A N    1 
ATOM   636  C  CA   . GLU A 1 77  ? 3.153   -13.026 8.520   1.00 68.24 ? 77  GLU A CA   1 
ATOM   637  C  C    . GLU A 1 77  ? 2.219   -11.841 8.680   1.00 65.08 ? 77  GLU A C    1 
ATOM   638  O  O    . GLU A 1 77  ? 1.698   -11.306 7.703   1.00 63.74 ? 77  GLU A O    1 
ATOM   639  C  CB   . GLU A 1 77  ? 4.585   -12.597 8.829   1.00 69.69 ? 77  GLU A CB   1 
ATOM   640  C  CG   . GLU A 1 77  ? 5.606   -13.706 8.638   1.00 72.92 ? 77  GLU A CG   1 
ATOM   641  C  CD   . GLU A 1 77  ? 5.817   -14.533 9.891   1.00 74.87 ? 77  GLU A CD   1 
ATOM   642  O  OE1  . GLU A 1 77  ? 6.502   -14.039 10.815  1.00 75.64 ? 77  GLU A OE1  1 
ATOM   643  O  OE2  . GLU A 1 77  ? 5.297   -15.670 9.954   1.00 76.30 ? 77  GLU A OE2  1 
ATOM   644  N  N    . ARG A 1 78  ? 2.003   -11.440 9.923   1.00 61.23 ? 78  ARG A N    1 
ATOM   645  C  CA   . ARG A 1 78  ? 1.143   -10.308 10.209  1.00 58.37 ? 78  ARG A CA   1 
ATOM   646  C  C    . ARG A 1 78  ? 1.803   -9.360  11.198  1.00 56.08 ? 78  ARG A C    1 
ATOM   647  O  O    . ARG A 1 78  ? 2.066   -9.729  12.337  1.00 56.35 ? 78  ARG A O    1 
ATOM   648  C  CB   . ARG A 1 78  ? -0.204  -10.786 10.758  1.00 57.01 ? 78  ARG A CB   1 
ATOM   649  C  CG   . ARG A 1 78  ? -0.941  -9.729  11.561  1.00 57.18 ? 78  ARG A CG   1 
ATOM   650  C  CD   . ARG A 1 78  ? -2.435  -9.997  11.655  1.00 56.96 ? 78  ARG A CD   1 
ATOM   651  N  NE   . ARG A 1 78  ? -3.093  -8.989  12.484  1.00 57.10 ? 78  ARG A NE   1 
ATOM   652  C  CZ   . ARG A 1 78  ? -4.399  -8.737  12.479  1.00 56.01 ? 78  ARG A CZ   1 
ATOM   653  N  NH1  . ARG A 1 78  ? -5.210  -9.423  11.685  1.00 57.11 ? 78  ARG A NH1  1 
ATOM   654  N  NH2  . ARG A 1 78  ? -4.896  -7.786  13.261  1.00 55.03 ? 78  ARG A NH2  1 
ATOM   655  N  N    . ALA A 1 79  ? 2.092   -8.146  10.743  1.00 53.35 ? 79  ALA A N    1 
ATOM   656  C  CA   . ALA A 1 79  ? 2.697   -7.132  11.593  1.00 50.75 ? 79  ALA A CA   1 
ATOM   657  C  C    . ALA A 1 79  ? 1.612   -6.102  11.881  1.00 50.04 ? 79  ALA A C    1 
ATOM   658  O  O    . ALA A 1 79  ? 1.227   -5.323  11.003  1.00 47.48 ? 79  ALA A O    1 
ATOM   659  C  CB   . ALA A 1 79  ? 3.879   -6.476  10.886  1.00 51.14 ? 79  ALA A CB   1 
ATOM   660  N  N    . ASP A 1 80  ? 1.102   -6.120  13.108  1.00 47.71 ? 80  ASP A N    1 
ATOM   661  C  CA   . ASP A 1 80  ? 0.054   -5.199  13.514  1.00 47.16 ? 80  ASP A CA   1 
ATOM   662  C  C    . ASP A 1 80  ? 0.542   -3.770  13.712  1.00 45.16 ? 80  ASP A C    1 
ATOM   663  O  O    . ASP A 1 80  ? 1.647   -3.544  14.199  1.00 45.05 ? 80  ASP A O    1 
ATOM   664  C  CB   . ASP A 1 80  ? -0.595  -5.696  14.804  1.00 49.33 ? 80  ASP A CB   1 
ATOM   665  C  CG   . ASP A 1 80  ? -1.575  -6.824  14.558  1.00 54.14 ? 80  ASP A CG   1 
ATOM   666  O  OD1  . ASP A 1 80  ? -2.783  -6.543  14.388  1.00 54.86 ? 80  ASP A OD1  1 
ATOM   667  O  OD2  . ASP A 1 80  ? -1.137  -7.994  14.519  1.00 59.62 ? 80  ASP A OD2  1 
ATOM   668  N  N    . LEU A 1 81  ? -0.282  -2.812  13.301  1.00 43.56 ? 81  LEU A N    1 
ATOM   669  C  CA   . LEU A 1 81  ? 0.041   -1.404  13.478  1.00 42.01 ? 81  LEU A CA   1 
ATOM   670  C  C    . LEU A 1 81  ? -0.993  -0.838  14.451  1.00 40.90 ? 81  LEU A C    1 
ATOM   671  O  O    . LEU A 1 81  ? -1.994  -0.268  14.033  1.00 39.74 ? 81  LEU A O    1 
ATOM   672  C  CB   . LEU A 1 81  ? -0.029  -0.639  12.145  1.00 40.58 ? 81  LEU A CB   1 
ATOM   673  C  CG   . LEU A 1 81  ? 1.045   -0.913  11.079  1.00 40.34 ? 81  LEU A CG   1 
ATOM   674  C  CD1  . LEU A 1 81  ? 0.760   -0.086  9.834   1.00 38.42 ? 81  LEU A CD1  1 
ATOM   675  C  CD2  . LEU A 1 81  ? 2.417   -0.580  11.616  1.00 35.43 ? 81  LEU A CD2  1 
ATOM   676  N  N    . LYS A 1 82  ? -0.771  -1.026  15.748  1.00 42.30 ? 82  LYS A N    1 
ATOM   677  C  CA   . LYS A 1 82  ? -1.710  -0.496  16.730  1.00 44.61 ? 82  LYS A CA   1 
ATOM   678  C  C    . LYS A 1 82  ? -1.539  1.014   16.791  1.00 43.08 ? 82  LYS A C    1 
ATOM   679  O  O    . LYS A 1 82  ? -0.433  1.529   16.627  1.00 41.31 ? 82  LYS A O    1 
ATOM   680  C  CB   . LYS A 1 82  ? -1.461  -1.091  18.120  1.00 46.87 ? 82  LYS A CB   1 
ATOM   681  C  CG   . LYS A 1 82  ? -2.270  -2.355  18.450  1.00 52.39 ? 82  LYS A CG   1 
ATOM   682  C  CD   . LYS A 1 82  ? -1.851  -3.553  17.612  1.00 56.80 ? 82  LYS A CD   1 
ATOM   683  C  CE   . LYS A 1 82  ? -1.776  -4.842  18.448  1.00 59.68 ? 82  LYS A CE   1 
ATOM   684  N  NZ   . LYS A 1 82  ? -3.090  -5.302  18.989  1.00 60.41 ? 82  LYS A NZ   1 
ATOM   685  N  N    . GLU A 1 83  ? -2.636  1.723   17.021  1.00 44.18 ? 83  GLU A N    1 
ATOM   686  C  CA   . GLU A 1 83  ? -2.567  3.172   17.106  1.00 42.24 ? 83  GLU A CA   1 
ATOM   687  C  C    . GLU A 1 83  ? -1.416  3.603   17.999  1.00 41.65 ? 83  GLU A C    1 
ATOM   688  O  O    . GLU A 1 83  ? -1.320  3.180   19.159  1.00 39.72 ? 83  GLU A O    1 
ATOM   689  C  CB   . GLU A 1 83  ? -3.866  3.736   17.657  1.00 43.40 ? 83  GLU A CB   1 
ATOM   690  C  CG   . GLU A 1 83  ? -3.771  5.208   17.932  1.00 45.60 ? 83  GLU A CG   1 
ATOM   691  C  CD   . GLU A 1 83  ? -5.027  5.752   18.541  1.00 48.28 ? 83  GLU A CD   1 
ATOM   692  O  OE1  . GLU A 1 83  ? -6.017  5.910   17.796  1.00 49.15 ? 83  GLU A OE1  1 
ATOM   693  O  OE2  . GLU A 1 83  ? -5.020  6.008   19.768  1.00 50.94 ? 83  GLU A OE2  1 
ATOM   694  N  N    . GLY A 1 84  ? -0.539  4.441   17.453  1.00 38.66 ? 84  GLY A N    1 
ATOM   695  C  CA   . GLY A 1 84  ? 0.600   4.919   18.212  1.00 37.86 ? 84  GLY A CA   1 
ATOM   696  C  C    . GLY A 1 84  ? 1.901   4.260   17.794  1.00 37.53 ? 84  GLY A C    1 
ATOM   697  O  O    . GLY A 1 84  ? 2.972   4.734   18.135  1.00 39.25 ? 84  GLY A O    1 
ATOM   698  N  N    . ASP A 1 85  ? 1.801   3.167   17.049  1.00 38.15 ? 85  ASP A N    1 
ATOM   699  C  CA   . ASP A 1 85  ? 2.973   2.432   16.585  1.00 38.84 ? 85  ASP A CA   1 
ATOM   700  C  C    . ASP A 1 85  ? 3.658   3.107   15.401  1.00 36.76 ? 85  ASP A C    1 
ATOM   701  O  O    . ASP A 1 85  ? 3.001   3.726   14.570  1.00 36.26 ? 85  ASP A O    1 
ATOM   702  C  CB   . ASP A 1 85  ? 2.578   1.018   16.119  1.00 40.44 ? 85  ASP A CB   1 
ATOM   703  C  CG   . ASP A 1 85  ? 2.223   0.077   17.266  1.00 39.34 ? 85  ASP A CG   1 
ATOM   704  O  OD1  . ASP A 1 85  ? 1.660   -1.005  16.978  1.00 43.34 ? 85  ASP A OD1  1 
ATOM   705  O  OD2  . ASP A 1 85  ? 2.508   0.392   18.436  1.00 39.96 ? 85  ASP A OD2  1 
ATOM   706  N  N    . ILE A 1 86  ? 4.980   2.989   15.352  1.00 36.21 ? 86  ILE A N    1 
ATOM   707  C  CA   . ILE A 1 86  ? 5.773   3.477   14.230  1.00 37.90 ? 86  ILE A CA   1 
ATOM   708  C  C    . ILE A 1 86  ? 6.479   2.212   13.744  1.00 39.20 ? 86  ILE A C    1 
ATOM   709  O  O    . ILE A 1 86  ? 6.628   1.253   14.507  1.00 39.36 ? 86  ILE A O    1 
ATOM   710  C  CB   . ILE A 1 86  ? 6.831   4.536   14.610  1.00 37.51 ? 86  ILE A CB   1 
ATOM   711  C  CG1  . ILE A 1 86  ? 7.566   4.133   15.883  1.00 38.31 ? 86  ILE A CG1  1 
ATOM   712  C  CG2  . ILE A 1 86  ? 6.178   5.898   14.736  1.00 39.55 ? 86  ILE A CG2  1 
ATOM   713  C  CD1  . ILE A 1 86  ? 8.848   4.919   16.069  1.00 41.77 ? 86  ILE A CD1  1 
ATOM   714  N  N    . PHE A 1 87  ? 6.921   2.206   12.493  1.00 38.12 ? 87  PHE A N    1 
ATOM   715  C  CA   . PHE A 1 87  ? 7.551   1.024   11.920  1.00 38.96 ? 87  PHE A CA   1 
ATOM   716  C  C    . PHE A 1 87  ? 8.297   1.414   10.651  1.00 40.97 ? 87  PHE A C    1 
ATOM   717  O  O    . PHE A 1 87  ? 7.802   2.224   9.861   1.00 40.99 ? 87  PHE A O    1 
ATOM   718  C  CB   . PHE A 1 87  ? 6.438   0.011   11.599  1.00 37.79 ? 87  PHE A CB   1 
ATOM   719  C  CG   . PHE A 1 87  ? 6.890   -1.207  10.840  1.00 37.55 ? 87  PHE A CG   1 
ATOM   720  C  CD1  . PHE A 1 87  ? 7.829   -2.081  11.379  1.00 35.72 ? 87  PHE A CD1  1 
ATOM   721  C  CD2  . PHE A 1 87  ? 6.314   -1.518  9.608   1.00 37.10 ? 87  PHE A CD2  1 
ATOM   722  C  CE1  . PHE A 1 87  ? 8.185   -3.249  10.706  1.00 39.96 ? 87  PHE A CE1  1 
ATOM   723  C  CE2  . PHE A 1 87  ? 6.661   -2.686  8.921   1.00 39.13 ? 87  PHE A CE2  1 
ATOM   724  C  CZ   . PHE A 1 87  ? 7.596   -3.553  9.469   1.00 40.41 ? 87  PHE A CZ   1 
ATOM   725  N  N    . LEU A 1 88  ? 9.495   0.860   10.469  1.00 40.48 ? 88  LEU A N    1 
ATOM   726  C  CA   . LEU A 1 88  ? 10.288  1.125   9.276   1.00 40.28 ? 88  LEU A CA   1 
ATOM   727  C  C    . LEU A 1 88  ? 10.404  -0.216  8.548   1.00 42.54 ? 88  LEU A C    1 
ATOM   728  O  O    . LEU A 1 88  ? 10.908  -1.190  9.102   1.00 42.68 ? 88  LEU A O    1 
ATOM   729  C  CB   . LEU A 1 88  ? 11.674  1.653   9.658   1.00 39.27 ? 88  LEU A CB   1 
ATOM   730  C  CG   . LEU A 1 88  ? 12.557  2.097   8.482   1.00 41.16 ? 88  LEU A CG   1 
ATOM   731  C  CD1  . LEU A 1 88  ? 11.899  3.247   7.736   1.00 40.62 ? 88  LEU A CD1  1 
ATOM   732  C  CD2  . LEU A 1 88  ? 13.924  2.509   8.997   1.00 41.10 ? 88  LEU A CD2  1 
ATOM   733  N  N    . LEU A 1 89  ? 9.921   -0.273  7.311   1.00 41.96 ? 89  LEU A N    1 
ATOM   734  C  CA   . LEU A 1 89  ? 9.947   -1.513  6.541   1.00 39.90 ? 89  LEU A CA   1 
ATOM   735  C  C    . LEU A 1 89  ? 11.180  -1.598  5.647   1.00 39.92 ? 89  LEU A C    1 
ATOM   736  O  O    . LEU A 1 89  ? 11.438  -0.696  4.858   1.00 38.07 ? 89  LEU A O    1 
ATOM   737  C  CB   . LEU A 1 89  ? 8.683   -1.604  5.687   1.00 38.45 ? 89  LEU A CB   1 
ATOM   738  C  CG   . LEU A 1 89  ? 8.419   -2.837  4.815   1.00 40.75 ? 89  LEU A CG   1 
ATOM   739  C  CD1  . LEU A 1 89  ? 8.262   -4.091  5.671   1.00 38.74 ? 89  LEU A CD1  1 
ATOM   740  C  CD2  . LEU A 1 89  ? 7.148   -2.597  4.022   1.00 39.42 ? 89  LEU A CD2  1 
ATOM   741  N  N    . PRO A 1 90  ? 11.960  -2.686  5.762   1.00 37.79 ? 90  PRO A N    1 
ATOM   742  C  CA   . PRO A 1 90  ? 13.150  -2.806  4.917   1.00 38.39 ? 90  PRO A CA   1 
ATOM   743  C  C    . PRO A 1 90  ? 12.699  -2.848  3.456   1.00 38.16 ? 90  PRO A C    1 
ATOM   744  O  O    . PRO A 1 90  ? 11.573  -3.250  3.154   1.00 36.32 ? 90  PRO A O    1 
ATOM   745  C  CB   . PRO A 1 90  ? 13.768  -4.138  5.353   1.00 37.36 ? 90  PRO A CB   1 
ATOM   746  C  CG   . PRO A 1 90  ? 13.169  -4.400  6.700   1.00 38.57 ? 90  PRO A CG   1 
ATOM   747  C  CD   . PRO A 1 90  ? 11.757  -3.917  6.541   1.00 38.95 ? 90  PRO A CD   1 
ATOM   748  N  N    . PRO A 1 91  ? 13.577  -2.456  2.528   1.00 39.78 ? 91  PRO A N    1 
ATOM   749  C  CA   . PRO A 1 91  ? 13.185  -2.479  1.115   1.00 41.42 ? 91  PRO A CA   1 
ATOM   750  C  C    . PRO A 1 91  ? 12.836  -3.895  0.656   1.00 42.61 ? 91  PRO A C    1 
ATOM   751  O  O    . PRO A 1 91  ? 13.420  -4.869  1.132   1.00 43.27 ? 91  PRO A O    1 
ATOM   752  C  CB   . PRO A 1 91  ? 14.430  -1.951  0.396   1.00 41.88 ? 91  PRO A CB   1 
ATOM   753  C  CG   . PRO A 1 91  ? 15.191  -1.201  1.474   1.00 41.61 ? 91  PRO A CG   1 
ATOM   754  C  CD   . PRO A 1 91  ? 14.989  -2.073  2.682   1.00 39.64 ? 91  PRO A CD   1 
ATOM   755  N  N    . HIS A 1 92  ? 11.871  -4.004  -0.250  1.00 42.17 ? 92  HIS A N    1 
ATOM   756  C  CA   . HIS A 1 92  ? 11.475  -5.291  -0.818  1.00 43.75 ? 92  HIS A CA   1 
ATOM   757  C  C    . HIS A 1 92  ? 10.689  -6.284  0.034   1.00 43.37 ? 92  HIS A C    1 
ATOM   758  O  O    . HIS A 1 92  ? 10.288  -7.328  -0.476  1.00 44.41 ? 92  HIS A O    1 
ATOM   759  C  CB   . HIS A 1 92  ? 12.705  -6.003  -1.403  1.00 43.01 ? 92  HIS A CB   1 
ATOM   760  C  CG   . HIS A 1 92  ? 13.340  -5.263  -2.543  1.00 43.35 ? 92  HIS A CG   1 
ATOM   761  N  ND1  . HIS A 1 92  ? 12.671  -4.990  -3.717  1.00 44.85 ? 92  HIS A ND1  1 
ATOM   762  C  CD2  . HIS A 1 92  ? 14.574  -4.725  -2.679  1.00 42.23 ? 92  HIS A CD2  1 
ATOM   763  C  CE1  . HIS A 1 92  ? 13.466  -4.313  -4.527  1.00 44.85 ? 92  HIS A CE1  1 
ATOM   764  N  NE2  . HIS A 1 92  ? 14.627  -4.140  -3.922  1.00 45.30 ? 92  HIS A NE2  1 
ATOM   765  N  N    . VAL A 1 93  ? 10.460  -6.000  1.312   1.00 42.70 ? 93  VAL A N    1 
ATOM   766  C  CA   . VAL A 1 93  ? 9.669   -6.943  2.096   1.00 40.14 ? 93  VAL A CA   1 
ATOM   767  C  C    . VAL A 1 93  ? 8.237   -6.820  1.590   1.00 40.31 ? 93  VAL A C    1 
ATOM   768  O  O    . VAL A 1 93  ? 7.658   -5.732  1.599   1.00 40.69 ? 93  VAL A O    1 
ATOM   769  C  CB   . VAL A 1 93  ? 9.705   -6.650  3.609   1.00 38.63 ? 93  VAL A CB   1 
ATOM   770  C  CG1  . VAL A 1 93  ? 8.772   -7.607  4.334   1.00 38.18 ? 93  VAL A CG1  1 
ATOM   771  C  CG2  . VAL A 1 93  ? 11.107  -6.823  4.136   1.00 37.23 ? 93  VAL A CG2  1 
ATOM   772  N  N    . ARG A 1 94  ? 7.677   -7.940  1.139   1.00 38.76 ? 94  ARG A N    1 
ATOM   773  C  CA   . ARG A 1 94  ? 6.330   -7.958  0.593   1.00 40.90 ? 94  ARG A CA   1 
ATOM   774  C  C    . ARG A 1 94  ? 5.293   -7.649  1.671   1.00 42.26 ? 94  ARG A C    1 
ATOM   775  O  O    . ARG A 1 94  ? 5.293   -8.250  2.748   1.00 41.62 ? 94  ARG A O    1 
ATOM   776  C  CB   . ARG A 1 94  ? 6.063   -9.315  -0.060  1.00 42.39 ? 94  ARG A CB   1 
ATOM   777  C  CG   . ARG A 1 94  ? 7.179   -9.770  -1.031  1.00 43.56 ? 94  ARG A CG   1 
ATOM   778  C  CD   . ARG A 1 94  ? 7.346   -8.835  -2.215  1.00 45.88 ? 94  ARG A CD   1 
ATOM   779  N  NE   . ARG A 1 94  ? 8.010   -9.476  -3.356  1.00 50.02 ? 94  ARG A NE   1 
ATOM   780  C  CZ   . ARG A 1 94  ? 9.329   -9.594  -3.519  1.00 49.02 ? 94  ARG A CZ   1 
ATOM   781  N  NH1  . ARG A 1 94  ? 10.175  -9.113  -2.616  1.00 49.03 ? 94  ARG A NH1  1 
ATOM   782  N  NH2  . ARG A 1 94  ? 9.807   -10.195 -4.602  1.00 49.04 ? 94  ARG A NH2  1 
ATOM   783  N  N    . HIS A 1 95  ? 4.405   -6.710  1.370   1.00 39.71 ? 95  HIS A N    1 
ATOM   784  C  CA   . HIS A 1 95  ? 3.406   -6.297  2.342   1.00 39.54 ? 95  HIS A CA   1 
ATOM   785  C  C    . HIS A 1 95  ? 2.099   -5.898  1.698   1.00 39.67 ? 95  HIS A C    1 
ATOM   786  O  O    . HIS A 1 95  ? 2.079   -5.267  0.640   1.00 38.99 ? 95  HIS A O    1 
ATOM   787  C  CB   . HIS A 1 95  ? 3.939   -5.123  3.171   1.00 35.70 ? 95  HIS A CB   1 
ATOM   788  C  CG   . HIS A 1 95  ? 4.383   -3.960  2.340   1.00 38.36 ? 95  HIS A CG   1 
ATOM   789  N  ND1  . HIS A 1 95  ? 5.552   -3.971  1.609   1.00 38.13 ? 95  HIS A ND1  1 
ATOM   790  C  CD2  . HIS A 1 95  ? 3.788   -2.773  2.076   1.00 34.61 ? 95  HIS A CD2  1 
ATOM   791  C  CE1  . HIS A 1 95  ? 5.657   -2.842  0.932   1.00 37.26 ? 95  HIS A CE1  1 
ATOM   792  N  NE2  . HIS A 1 95  ? 4.600   -2.100  1.197   1.00 37.41 ? 95  HIS A NE2  1 
ATOM   793  N  N    . SER A 1 96  ? 1.008   -6.255  2.373   1.00 38.91 ? 96  SER A N    1 
ATOM   794  C  CA   . SER A 1 96  ? -0.341  -5.955  1.922   1.00 38.64 ? 96  SER A CA   1 
ATOM   795  C  C    . SER A 1 96  ? -1.037  -5.242  3.084   1.00 40.73 ? 96  SER A C    1 
ATOM   796  O  O    . SER A 1 96  ? -1.500  -5.888  4.027   1.00 41.76 ? 96  SER A O    1 
ATOM   797  C  CB   . SER A 1 96  ? -1.061  -7.263  1.581   1.00 35.12 ? 96  SER A CB   1 
ATOM   798  O  OG   . SER A 1 96  ? -2.330  -7.024  0.996   1.00 34.57 ? 96  SER A OG   1 
ATOM   799  N  N    . PRO A 1 97  ? -1.126  -3.901  3.032   1.00 41.53 ? 97  PRO A N    1 
ATOM   800  C  CA   . PRO A 1 97  ? -1.765  -3.130  4.107   1.00 41.65 ? 97  PRO A CA   1 
ATOM   801  C  C    . PRO A 1 97  ? -3.259  -3.371  4.249   1.00 39.38 ? 97  PRO A C    1 
ATOM   802  O  O    . PRO A 1 97  ? -4.015  -3.226  3.293   1.00 42.04 ? 97  PRO A O    1 
ATOM   803  C  CB   . PRO A 1 97  ? -1.452  -1.674  3.741   1.00 41.88 ? 97  PRO A CB   1 
ATOM   804  C  CG   . PRO A 1 97  ? -0.256  -1.779  2.801   1.00 44.53 ? 97  PRO A CG   1 
ATOM   805  C  CD   . PRO A 1 97  ? -0.609  -2.999  1.989   1.00 43.24 ? 97  PRO A CD   1 
ATOM   806  N  N    . GLN A 1 98  ? -3.675  -3.741  5.450   1.00 38.27 ? 98  GLN A N    1 
ATOM   807  C  CA   . GLN A 1 98  ? -5.081  -3.992  5.730   1.00 36.54 ? 98  GLN A CA   1 
ATOM   808  C  C    . GLN A 1 98  ? -5.522  -2.922  6.716   1.00 36.58 ? 98  GLN A C    1 
ATOM   809  O  O    . GLN A 1 98  ? -5.045  -2.859  7.845   1.00 37.32 ? 98  GLN A O    1 
ATOM   810  C  CB   . GLN A 1 98  ? -5.259  -5.394  6.321   1.00 39.97 ? 98  GLN A CB   1 
ATOM   811  C  CG   . GLN A 1 98  ? -4.762  -6.514  5.405   1.00 37.65 ? 98  GLN A CG   1 
ATOM   812  C  CD   . GLN A 1 98  ? -5.395  -6.464  4.023   1.00 37.61 ? 98  GLN A CD   1 
ATOM   813  O  OE1  . GLN A 1 98  ? -6.592  -6.248  3.890   1.00 38.85 ? 98  GLN A OE1  1 
ATOM   814  N  NE2  . GLN A 1 98  ? -4.593  -6.684  2.991   1.00 38.88 ? 98  GLN A NE2  1 
ATOM   815  N  N    . ARG A 1 99  ? -6.424  -2.066  6.268   1.00 37.65 ? 99  ARG A N    1 
ATOM   816  C  CA   . ARG A 1 99  ? -6.896  -0.966  7.089   1.00 40.52 ? 99  ARG A CA   1 
ATOM   817  C  C    . ARG A 1 99  ? -8.408  -1.043  7.121   1.00 41.00 ? 99  ARG A C    1 
ATOM   818  O  O    . ARG A 1 99  ? -9.094  -0.377  6.359   1.00 40.67 ? 99  ARG A O    1 
ATOM   819  C  CB   . ARG A 1 99  ? -6.397  0.347   6.480   1.00 38.35 ? 99  ARG A CB   1 
ATOM   820  C  CG   . ARG A 1 99  ? -4.862  0.351   6.312   1.00 37.83 ? 99  ARG A CG   1 
ATOM   821  C  CD   . ARG A 1 99  ? -4.301  1.650   5.711   1.00 37.61 ? 99  ARG A CD   1 
ATOM   822  N  NE   . ARG A 1 99  ? -2.835  1.650   5.717   1.00 35.34 ? 99  ARG A NE   1 
ATOM   823  C  CZ   . ARG A 1 99  ? -2.086  1.822   6.805   1.00 34.14 ? 99  ARG A CZ   1 
ATOM   824  N  NH1  . ARG A 1 99  ? -2.658  2.020   7.989   1.00 33.74 ? 99  ARG A NH1  1 
ATOM   825  N  NH2  . ARG A 1 99  ? -0.766  1.773   6.718   1.00 34.43 ? 99  ARG A NH2  1 
ATOM   826  N  N    . PRO A 1 100 ? -8.943  -1.874  8.024   1.00 43.32 ? 100 PRO A N    1 
ATOM   827  C  CA   . PRO A 1 100 ? -10.382 -2.087  8.182   1.00 44.54 ? 100 PRO A CA   1 
ATOM   828  C  C    . PRO A 1 100 ? -11.230 -1.017  8.868   1.00 46.75 ? 100 PRO A C    1 
ATOM   829  O  O    . PRO A 1 100 ? -12.432 -0.946  8.619   1.00 47.62 ? 100 PRO A O    1 
ATOM   830  C  CB   . PRO A 1 100 ? -10.439 -3.415  8.926   1.00 43.87 ? 100 PRO A CB   1 
ATOM   831  C  CG   . PRO A 1 100 ? -9.267  -3.323  9.836   1.00 42.22 ? 100 PRO A CG   1 
ATOM   832  C  CD   . PRO A 1 100 ? -8.181  -2.734  8.951   1.00 42.95 ? 100 PRO A CD   1 
ATOM   833  N  N    . GLU A 1 101 ? -10.646 -0.179  9.716   1.00 47.55 ? 101 GLU A N    1 
ATOM   834  C  CA   . GLU A 1 101 ? -11.493 0.797   10.389  1.00 49.49 ? 101 GLU A CA   1 
ATOM   835  C  C    . GLU A 1 101 ? -11.608 2.212   9.831   1.00 48.53 ? 101 GLU A C    1 
ATOM   836  O  O    . GLU A 1 101 ? -10.621 2.865   9.511   1.00 49.91 ? 101 GLU A O    1 
ATOM   837  C  CB   . GLU A 1 101 ? -11.161 0.843   11.889  1.00 49.99 ? 101 GLU A CB   1 
ATOM   838  C  CG   . GLU A 1 101 ? -9.701  0.916   12.270  1.00 52.78 ? 101 GLU A CG   1 
ATOM   839  C  CD   . GLU A 1 101 ? -9.489  0.599   13.750  1.00 55.08 ? 101 GLU A CD   1 
ATOM   840  O  OE1  . GLU A 1 101 ? -9.439  -0.597  14.110  1.00 56.47 ? 101 GLU A OE1  1 
ATOM   841  O  OE2  . GLU A 1 101 ? -9.389  1.542   14.560  1.00 56.05 ? 101 GLU A OE2  1 
ATOM   842  N  N    . ALA A 1 102 ? -12.854 2.664   9.712   1.00 47.47 ? 102 ALA A N    1 
ATOM   843  C  CA   . ALA A 1 102 ? -13.164 3.998   9.218   1.00 46.33 ? 102 ALA A CA   1 
ATOM   844  C  C    . ALA A 1 102 ? -12.612 5.011   10.205  1.00 45.05 ? 102 ALA A C    1 
ATOM   845  O  O    . ALA A 1 102 ? -12.494 4.716   11.389  1.00 46.44 ? 102 ALA A O    1 
ATOM   846  C  CB   . ALA A 1 102 ? -14.661 4.164   9.091   1.00 46.02 ? 102 ALA A CB   1 
ATOM   847  N  N    . GLY A 1 103 ? -12.268 6.200   9.719   1.00 45.36 ? 103 GLY A N    1 
ATOM   848  C  CA   . GLY A 1 103 ? -11.727 7.220   10.601  1.00 44.31 ? 103 GLY A CA   1 
ATOM   849  C  C    . GLY A 1 103 ? -10.306 6.909   11.026  1.00 44.67 ? 103 GLY A C    1 
ATOM   850  O  O    . GLY A 1 103 ? -9.745  7.570   11.897  1.00 45.27 ? 103 GLY A O    1 
ATOM   851  N  N    . SER A 1 104 ? -9.728  5.886   10.407  1.00 43.47 ? 104 SER A N    1 
ATOM   852  C  CA   . SER A 1 104 ? -8.366  5.473   10.704  1.00 43.63 ? 104 SER A CA   1 
ATOM   853  C  C    . SER A 1 104 ? -7.408  6.399   9.946   1.00 42.26 ? 104 SER A C    1 
ATOM   854  O  O    . SER A 1 104 ? -7.790  6.997   8.937   1.00 43.23 ? 104 SER A O    1 
ATOM   855  C  CB   . SER A 1 104 ? -8.165  4.026   10.235  1.00 44.17 ? 104 SER A CB   1 
ATOM   856  O  OG   . SER A 1 104 ? -7.092  3.426   10.925  1.00 50.34 ? 104 SER A OG   1 
ATOM   857  N  N    . ALA A 1 105 ? -6.170  6.506   10.417  1.00 41.46 ? 105 ALA A N    1 
ATOM   858  C  CA   . ALA A 1 105 ? -5.182  7.354   9.751   1.00 40.36 ? 105 ALA A CA   1 
ATOM   859  C  C    . ALA A 1 105 ? -3.754  6.965   10.104  1.00 39.00 ? 105 ALA A C    1 
ATOM   860  O  O    . ALA A 1 105 ? -3.363  6.959   11.269  1.00 39.06 ? 105 ALA A O    1 
ATOM   861  C  CB   . ALA A 1 105 ? -5.421  8.811   10.104  1.00 40.22 ? 105 ALA A CB   1 
ATOM   862  N  N    . CYS A 1 106 ? -2.972  6.647   9.080   1.00 38.64 ? 106 CYS A N    1 
ATOM   863  C  CA   . CYS A 1 106 ? -1.587  6.259   9.276   1.00 37.19 ? 106 CYS A CA   1 
ATOM   864  C  C    . CYS A 1 106 ? -0.694  7.101   8.389   1.00 39.10 ? 106 CYS A C    1 
ATOM   865  O  O    . CYS A 1 106 ? -0.931  7.216   7.187   1.00 40.92 ? 106 CYS A O    1 
ATOM   866  C  CB   . CYS A 1 106 ? -1.391  4.784   8.920   1.00 37.06 ? 106 CYS A CB   1 
ATOM   867  S  SG   . CYS A 1 106 ? 0.308   4.187   9.086   1.00 36.98 ? 106 CYS A SG   1 
ATOM   868  N  N    . LEU A 1 107 ? 0.323   7.706   8.990   1.00 38.05 ? 107 LEU A N    1 
ATOM   869  C  CA   . LEU A 1 107 ? 1.278   8.505   8.240   1.00 35.63 ? 107 LEU A CA   1 
ATOM   870  C  C    . LEU A 1 107 ? 2.223   7.520   7.543   1.00 36.44 ? 107 LEU A C    1 
ATOM   871  O  O    . LEU A 1 107 ? 2.850   6.690   8.200   1.00 34.93 ? 107 LEU A O    1 
ATOM   872  C  CB   . LEU A 1 107 ? 2.077   9.398   9.190   1.00 35.94 ? 107 LEU A CB   1 
ATOM   873  C  CG   . LEU A 1 107 ? 3.316   10.097  8.621   1.00 36.70 ? 107 LEU A CG   1 
ATOM   874  C  CD1  . LEU A 1 107 ? 2.903   11.111  7.557   1.00 34.54 ? 107 LEU A CD1  1 
ATOM   875  C  CD2  . LEU A 1 107 ? 4.077   10.769  9.748   1.00 36.98 ? 107 LEU A CD2  1 
ATOM   876  N  N    . VAL A 1 108 ? 2.303   7.593   6.218   1.00 34.84 ? 108 VAL A N    1 
ATOM   877  C  CA   . VAL A 1 108 ? 3.186   6.712   5.466   1.00 36.40 ? 108 VAL A CA   1 
ATOM   878  C  C    . VAL A 1 108 ? 4.121   7.589   4.630   1.00 37.51 ? 108 VAL A C    1 
ATOM   879  O  O    . VAL A 1 108 ? 3.670   8.385   3.802   1.00 38.35 ? 108 VAL A O    1 
ATOM   880  C  CB   . VAL A 1 108 ? 2.402   5.760   4.518   1.00 38.71 ? 108 VAL A CB   1 
ATOM   881  C  CG1  . VAL A 1 108 ? 3.383   4.948   3.693   1.00 37.92 ? 108 VAL A CG1  1 
ATOM   882  C  CG2  . VAL A 1 108 ? 1.485   4.825   5.320   1.00 38.04 ? 108 VAL A CG2  1 
ATOM   883  N  N    . ILE A 1 109 ? 5.419   7.458   4.872   1.00 36.10 ? 109 ILE A N    1 
ATOM   884  C  CA   . ILE A 1 109 ? 6.413   8.234   4.147   1.00 36.18 ? 109 ILE A CA   1 
ATOM   885  C  C    . ILE A 1 109 ? 7.300   7.296   3.340   1.00 38.04 ? 109 ILE A C    1 
ATOM   886  O  O    . ILE A 1 109 ? 7.796   6.293   3.862   1.00 38.34 ? 109 ILE A O    1 
ATOM   887  C  CB   . ILE A 1 109 ? 7.274   9.044   5.122   1.00 35.06 ? 109 ILE A CB   1 
ATOM   888  C  CG1  . ILE A 1 109 ? 6.386   10.057  5.845   1.00 33.19 ? 109 ILE A CG1  1 
ATOM   889  C  CG2  . ILE A 1 109 ? 8.431   9.706   4.392   1.00 30.81 ? 109 ILE A CG2  1 
ATOM   890  C  CD1  . ILE A 1 109 ? 7.093   10.809  6.942   1.00 35.80 ? 109 ILE A CD1  1 
ATOM   891  N  N    . GLU A 1 110 ? 7.475   7.620   2.063   1.00 37.57 ? 110 GLU A N    1 
ATOM   892  C  CA   . GLU A 1 110 ? 8.298   6.829   1.157   1.00 38.13 ? 110 GLU A CA   1 
ATOM   893  C  C    . GLU A 1 110 ? 9.171   7.812   0.370   1.00 41.00 ? 110 GLU A C    1 
ATOM   894  O  O    . GLU A 1 110 ? 9.142   9.016   0.641   1.00 37.71 ? 110 GLU A O    1 
ATOM   895  C  CB   . GLU A 1 110 ? 7.409   6.020   0.194   1.00 37.34 ? 110 GLU A CB   1 
ATOM   896  C  CG   . GLU A 1 110 ? 6.173   5.409   0.851   1.00 38.50 ? 110 GLU A CG   1 
ATOM   897  C  CD   . GLU A 1 110 ? 5.511   4.318   0.016   1.00 42.17 ? 110 GLU A CD   1 
ATOM   898  O  OE1  . GLU A 1 110 ? 5.747   4.267   -1.215  1.00 37.67 ? 110 GLU A OE1  1 
ATOM   899  O  OE2  . GLU A 1 110 ? 4.739   3.511   0.601   1.00 42.14 ? 110 GLU A OE2  1 
ATOM   900  N  N    . ARG A 1 111 ? 9.934   7.298   -0.597  1.00 40.27 ? 111 ARG A N    1 
ATOM   901  C  CA   . ARG A 1 111 ? 10.820  8.122   -1.429  1.00 44.15 ? 111 ARG A CA   1 
ATOM   902  C  C    . ARG A 1 111 ? 10.451  8.028   -2.904  1.00 43.44 ? 111 ARG A C    1 
ATOM   903  O  O    . ARG A 1 111 ? 9.895   7.025   -3.348  1.00 43.92 ? 111 ARG A O    1 
ATOM   904  C  CB   . ARG A 1 111 ? 12.283  7.659   -1.313  1.00 42.52 ? 111 ARG A CB   1 
ATOM   905  C  CG   . ARG A 1 111 ? 13.063  8.100   -0.087  1.00 46.87 ? 111 ARG A CG   1 
ATOM   906  C  CD   . ARG A 1 111 ? 14.496  7.544   -0.158  1.00 44.52 ? 111 ARG A CD   1 
ATOM   907  N  NE   . ARG A 1 111 ? 15.102  7.887   -1.441  1.00 43.33 ? 111 ARG A NE   1 
ATOM   908  C  CZ   . ARG A 1 111 ? 16.190  7.322   -1.951  1.00 43.02 ? 111 ARG A CZ   1 
ATOM   909  N  NH1  . ARG A 1 111 ? 16.827  6.365   -1.296  1.00 40.78 ? 111 ARG A NH1  1 
ATOM   910  N  NH2  . ARG A 1 111 ? 16.638  7.715   -3.135  1.00 45.56 ? 111 ARG A NH2  1 
ATOM   911  N  N    . GLN A 1 112 ? 10.775  9.075   -3.658  1.00 45.31 ? 112 GLN A N    1 
ATOM   912  C  CA   . GLN A 1 112 ? 10.548  9.086   -5.103  1.00 45.86 ? 112 GLN A CA   1 
ATOM   913  C  C    . GLN A 1 112 ? 11.524  8.052   -5.647  1.00 44.09 ? 112 GLN A C    1 
ATOM   914  O  O    . GLN A 1 112 ? 12.706  8.098   -5.320  1.00 45.77 ? 112 GLN A O    1 
ATOM   915  C  CB   . GLN A 1 112 ? 10.915  10.444  -5.704  1.00 48.32 ? 112 GLN A CB   1 
ATOM   916  C  CG   . GLN A 1 112 ? 9.890   11.528  -5.514  1.00 56.32 ? 112 GLN A CG   1 
ATOM   917  C  CD   . GLN A 1 112 ? 9.024   11.710  -6.739  1.00 59.75 ? 112 GLN A CD   1 
ATOM   918  O  OE1  . GLN A 1 112 ? 8.347   10.777  -7.181  1.00 62.91 ? 112 GLN A OE1  1 
ATOM   919  N  NE2  . GLN A 1 112 ? 9.042   12.915  -7.301  1.00 62.12 ? 112 GLN A NE2  1 
ATOM   920  N  N    . ARG A 1 113 ? 11.047  7.125   -6.466  1.00 45.41 ? 113 ARG A N    1 
ATOM   921  C  CA   . ARG A 1 113 ? 11.935  6.110   -7.016  1.00 48.02 ? 113 ARG A CA   1 
ATOM   922  C  C    . ARG A 1 113 ? 12.734  6.628   -8.208  1.00 49.83 ? 113 ARG A C    1 
ATOM   923  O  O    . ARG A 1 113 ? 12.177  7.222   -9.131  1.00 49.86 ? 113 ARG A O    1 
ATOM   924  C  CB   . ARG A 1 113 ? 11.149  4.872   -7.457  1.00 47.12 ? 113 ARG A CB   1 
ATOM   925  C  CG   . ARG A 1 113 ? 10.622  3.992   -6.336  1.00 44.56 ? 113 ARG A CG   1 
ATOM   926  C  CD   . ARG A 1 113 ? 9.570   4.698   -5.528  1.00 42.27 ? 113 ARG A CD   1 
ATOM   927  N  NE   . ARG A 1 113 ? 8.567   3.769   -5.017  1.00 38.41 ? 113 ARG A NE   1 
ATOM   928  C  CZ   . ARG A 1 113 ? 7.759   4.023   -3.991  1.00 38.77 ? 113 ARG A CZ   1 
ATOM   929  N  NH1  . ARG A 1 113 ? 7.834   5.185   -3.344  1.00 31.56 ? 113 ARG A NH1  1 
ATOM   930  N  NH2  . ARG A 1 113 ? 6.863   3.113   -3.622  1.00 39.46 ? 113 ARG A NH2  1 
ATOM   931  N  N    . PRO A 1 114 ? 14.058  6.413   -8.195  1.00 50.95 ? 114 PRO A N    1 
ATOM   932  C  CA   . PRO A 1 114 ? 14.941  6.848   -9.278  1.00 52.17 ? 114 PRO A CA   1 
ATOM   933  C  C    . PRO A 1 114 ? 14.589  6.070   -10.548 1.00 53.04 ? 114 PRO A C    1 
ATOM   934  O  O    . PRO A 1 114 ? 14.062  4.959   -10.467 1.00 52.62 ? 114 PRO A O    1 
ATOM   935  C  CB   . PRO A 1 114 ? 16.330  6.474   -8.765  1.00 52.68 ? 114 PRO A CB   1 
ATOM   936  C  CG   . PRO A 1 114 ? 16.181  6.546   -7.283  1.00 53.14 ? 114 PRO A CG   1 
ATOM   937  C  CD   . PRO A 1 114 ? 14.842  5.892   -7.062  1.00 52.28 ? 114 PRO A CD   1 
ATOM   938  N  N    . ALA A 1 115 ? 14.873  6.654   -11.709 1.00 53.00 ? 115 ALA A N    1 
ATOM   939  C  CA   . ALA A 1 115 ? 14.595  5.995   -12.984 1.00 53.13 ? 115 ALA A CA   1 
ATOM   940  C  C    . ALA A 1 115 ? 15.281  4.632   -12.997 1.00 52.43 ? 115 ALA A C    1 
ATOM   941  O  O    . ALA A 1 115 ? 16.441  4.519   -12.623 1.00 52.54 ? 115 ALA A O    1 
ATOM   942  C  CB   . ALA A 1 115 ? 15.111  6.848   -14.133 1.00 51.95 ? 115 ALA A CB   1 
ATOM   943  N  N    . GLY A 1 116 ? 14.560  3.597   -13.409 1.00 52.72 ? 116 GLY A N    1 
ATOM   944  C  CA   . GLY A 1 116 ? 15.158  2.273   -13.454 1.00 54.06 ? 116 GLY A CA   1 
ATOM   945  C  C    . GLY A 1 116 ? 14.857  1.432   -12.228 1.00 54.31 ? 116 GLY A C    1 
ATOM   946  O  O    . GLY A 1 116 ? 14.993  0.207   -12.245 1.00 54.28 ? 116 GLY A O    1 
ATOM   947  N  N    . MET A 1 117 ? 14.458  2.093   -11.150 1.00 53.67 ? 117 MET A N    1 
ATOM   948  C  CA   . MET A 1 117 ? 14.121  1.392   -9.925  1.00 52.47 ? 117 MET A CA   1 
ATOM   949  C  C    . MET A 1 117 ? 12.615  1.207   -9.957  1.00 49.79 ? 117 MET A C    1 
ATOM   950  O  O    . MET A 1 117 ? 11.853  2.154   -9.761  1.00 50.13 ? 117 MET A O    1 
ATOM   951  C  CB   . MET A 1 117 ? 14.531  2.222   -8.716  1.00 55.83 ? 117 MET A CB   1 
ATOM   952  C  CG   . MET A 1 117 ? 14.472  1.467   -7.414  1.00 57.59 ? 117 MET A CG   1 
ATOM   953  S  SD   . MET A 1 117 ? 15.137  2.488   -6.108  1.00 64.38 ? 117 MET A SD   1 
ATOM   954  C  CE   . MET A 1 117 ? 16.852  2.614   -6.634  1.00 58.38 ? 117 MET A CE   1 
ATOM   955  N  N    . LEU A 1 118 ? 12.184  -0.017  -10.212 1.00 46.74 ? 118 LEU A N    1 
ATOM   956  C  CA   . LEU A 1 118 ? 10.764  -0.274  -10.313 1.00 45.96 ? 118 LEU A CA   1 
ATOM   957  C  C    . LEU A 1 118 ? 10.152  -0.885  -9.066  1.00 45.23 ? 118 LEU A C    1 
ATOM   958  O  O    . LEU A 1 118 ? 10.835  -1.512  -8.254  1.00 43.95 ? 118 LEU A O    1 
ATOM   959  C  CB   . LEU A 1 118 ? 10.486  -1.193  -11.511 1.00 45.97 ? 118 LEU A CB   1 
ATOM   960  C  CG   . LEU A 1 118 ? 11.249  -0.891  -12.806 1.00 46.70 ? 118 LEU A CG   1 
ATOM   961  C  CD1  . LEU A 1 118 ? 10.715  -1.779  -13.921 1.00 48.33 ? 118 LEU A CD1  1 
ATOM   962  C  CD2  . LEU A 1 118 ? 11.091  0.577   -13.179 1.00 46.16 ? 118 LEU A CD2  1 
ATOM   963  N  N    . ASP A 1 119 ? 8.845   -0.676  -8.945  1.00 45.03 ? 119 ASP A N    1 
ATOM   964  C  CA   . ASP A 1 119 ? 8.035   -1.197  -7.859  1.00 44.33 ? 119 ASP A CA   1 
ATOM   965  C  C    . ASP A 1 119 ? 7.332   -2.433  -8.377  1.00 44.11 ? 119 ASP A C    1 
ATOM   966  O  O    . ASP A 1 119 ? 7.034   -2.537  -9.570  1.00 44.41 ? 119 ASP A O    1 
ATOM   967  C  CB   . ASP A 1 119 ? 6.976   -0.176  -7.450  1.00 44.99 ? 119 ASP A CB   1 
ATOM   968  C  CG   . ASP A 1 119 ? 7.510   0.858   -6.500  1.00 45.51 ? 119 ASP A CG   1 
ATOM   969  O  OD1  . ASP A 1 119 ? 7.180   0.775   -5.301  1.00 48.09 ? 119 ASP A OD1  1 
ATOM   970  O  OD2  . ASP A 1 119 ? 8.268   1.742   -6.945  1.00 44.72 ? 119 ASP A OD2  1 
ATOM   971  N  N    . GLY A 1 120 ? 7.072   -3.372  -7.480  1.00 42.70 ? 120 GLY A N    1 
ATOM   972  C  CA   . GLY A 1 120 ? 6.380   -4.573  -7.871  1.00 41.78 ? 120 GLY A CA   1 
ATOM   973  C  C    . GLY A 1 120 ? 5.102   -4.703  -7.072  1.00 42.01 ? 120 GLY A C    1 
ATOM   974  O  O    . GLY A 1 120 ? 5.026   -4.267  -5.925  1.00 40.35 ? 120 GLY A O    1 
ATOM   975  N  N    . PHE A 1 121 ? 4.091   -5.283  -7.699  1.00 42.48 ? 121 PHE A N    1 
ATOM   976  C  CA   . PHE A 1 121 ? 2.808   -5.529  -7.074  1.00 44.43 ? 121 PHE A CA   1 
ATOM   977  C  C    . PHE A 1 121 ? 2.535   -6.990  -7.358  1.00 46.38 ? 121 PHE A C    1 
ATOM   978  O  O    . PHE A 1 121 ? 2.538   -7.419  -8.513  1.00 46.93 ? 121 PHE A O    1 
ATOM   979  C  CB   . PHE A 1 121 ? 1.757   -4.607  -7.673  1.00 43.14 ? 121 PHE A CB   1 
ATOM   980  C  CG   . PHE A 1 121 ? 1.944   -3.178  -7.269  1.00 46.94 ? 121 PHE A CG   1 
ATOM   981  C  CD1  . PHE A 1 121 ? 1.433   -2.713  -6.060  1.00 46.13 ? 121 PHE A CD1  1 
ATOM   982  C  CD2  . PHE A 1 121 ? 2.710   -2.316  -8.047  1.00 44.48 ? 121 PHE A CD2  1 
ATOM   983  C  CE1  . PHE A 1 121 ? 1.688   -1.414  -5.628  1.00 46.31 ? 121 PHE A CE1  1 
ATOM   984  C  CE2  . PHE A 1 121 ? 2.971   -1.017  -7.624  1.00 45.30 ? 121 PHE A CE2  1 
ATOM   985  C  CZ   . PHE A 1 121 ? 2.460   -0.565  -6.412  1.00 46.82 ? 121 PHE A CZ   1 
ATOM   986  N  N    . GLU A 1 122 ? 2.325   -7.757  -6.292  1.00 48.34 ? 122 GLU A N    1 
ATOM   987  C  CA   . GLU A 1 122 ? 2.114   -9.188  -6.421  1.00 49.52 ? 122 GLU A CA   1 
ATOM   988  C  C    . GLU A 1 122 ? 0.887   -9.768  -5.737  1.00 51.10 ? 122 GLU A C    1 
ATOM   989  O  O    . GLU A 1 122 ? 0.329   -9.190  -4.799  1.00 51.00 ? 122 GLU A O    1 
ATOM   990  C  CB   . GLU A 1 122 ? 3.348   -9.919  -5.893  1.00 48.85 ? 122 GLU A CB   1 
ATOM   991  C  CG   . GLU A 1 122 ? 4.629   -9.556  -6.600  1.00 45.30 ? 122 GLU A CG   1 
ATOM   992  C  CD   . GLU A 1 122 ? 5.851   -10.119 -5.905  1.00 44.17 ? 122 GLU A CD   1 
ATOM   993  O  OE1  . GLU A 1 122 ? 6.898   -10.264 -6.565  1.00 47.87 ? 122 GLU A OE1  1 
ATOM   994  O  OE2  . GLU A 1 122 ? 5.781   -10.406 -4.699  1.00 43.38 ? 122 GLU A OE2  1 
ATOM   995  N  N    . TRP A 1 123 ? 0.493   -10.939 -6.231  1.00 51.21 ? 123 TRP A N    1 
ATOM   996  C  CA   . TRP A 1 123 ? -0.628  -11.706 -5.704  1.00 49.65 ? 123 TRP A CA   1 
ATOM   997  C  C    . TRP A 1 123 ? -0.140  -13.136 -5.576  1.00 50.55 ? 123 TRP A C    1 
ATOM   998  O  O    . TRP A 1 123 ? 0.568   -13.635 -6.454  1.00 50.05 ? 123 TRP A O    1 
ATOM   999  C  CB   . TRP A 1 123 ? -1.816  -11.657 -6.651  1.00 47.47 ? 123 TRP A CB   1 
ATOM   1000 C  CG   . TRP A 1 123 ? -2.543  -10.375 -6.610  1.00 45.03 ? 123 TRP A CG   1 
ATOM   1001 C  CD1  . TRP A 1 123 ? -3.576  -10.045 -5.784  1.00 43.12 ? 123 TRP A CD1  1 
ATOM   1002 C  CD2  . TRP A 1 123 ? -2.283  -9.224  -7.412  1.00 44.32 ? 123 TRP A CD2  1 
ATOM   1003 N  NE1  . TRP A 1 123 ? -3.980  -8.751  -6.024  1.00 44.71 ? 123 TRP A NE1  1 
ATOM   1004 C  CE2  . TRP A 1 123 ? -3.199  -8.225  -7.020  1.00 44.73 ? 123 TRP A CE2  1 
ATOM   1005 C  CE3  . TRP A 1 123 ? -1.360  -8.937  -8.425  1.00 45.03 ? 123 TRP A CE3  1 
ATOM   1006 C  CZ2  . TRP A 1 123 ? -3.222  -6.959  -7.609  1.00 43.45 ? 123 TRP A CZ2  1 
ATOM   1007 C  CZ3  . TRP A 1 123 ? -1.385  -7.670  -9.011  1.00 42.86 ? 123 TRP A CZ3  1 
ATOM   1008 C  CH2  . TRP A 1 123 ? -2.309  -6.702  -8.599  1.00 43.22 ? 123 TRP A CH2  1 
ATOM   1009 N  N    . TYR A 1 124 ? -0.510  -13.783 -4.475  1.00 51.78 ? 124 TYR A N    1 
ATOM   1010 C  CA   . TYR A 1 124 ? -0.119  -15.163 -4.208  1.00 51.08 ? 124 TYR A CA   1 
ATOM   1011 C  C    . TYR A 1 124 ? -1.363  -16.025 -4.088  1.00 52.70 ? 124 TYR A C    1 
ATOM   1012 O  O    . TYR A 1 124 ? -2.451  -15.516 -3.800  1.00 51.92 ? 124 TYR A O    1 
ATOM   1013 C  CB   . TYR A 1 124 ? 0.687   -15.227 -2.915  1.00 51.24 ? 124 TYR A CB   1 
ATOM   1014 C  CG   . TYR A 1 124 ? 2.029   -14.557 -3.027  1.00 51.30 ? 124 TYR A CG   1 
ATOM   1015 C  CD1  . TYR A 1 124 ? 3.168   -15.284 -3.370  1.00 50.96 ? 124 TYR A CD1  1 
ATOM   1016 C  CD2  . TYR A 1 124 ? 2.157   -13.185 -2.824  1.00 50.32 ? 124 TYR A CD2  1 
ATOM   1017 C  CE1  . TYR A 1 124 ? 4.401   -14.662 -3.508  1.00 50.27 ? 124 TYR A CE1  1 
ATOM   1018 C  CE2  . TYR A 1 124 ? 3.380   -12.556 -2.962  1.00 51.20 ? 124 TYR A CE2  1 
ATOM   1019 C  CZ   . TYR A 1 124 ? 4.497   -13.298 -3.301  1.00 51.68 ? 124 TYR A CZ   1 
ATOM   1020 O  OH   . TYR A 1 124 ? 5.712   -12.671 -3.414  1.00 52.37 ? 124 TYR A OH   1 
ATOM   1021 N  N    . CYS A 1 125 ? -1.202  -17.329 -4.297  1.00 54.42 ? 125 CYS A N    1 
ATOM   1022 C  CA   . CYS A 1 125 ? -2.332  -18.250 -4.229  1.00 56.46 ? 125 CYS A CA   1 
ATOM   1023 C  C    . CYS A 1 125 ? -2.723  -18.681 -2.816  1.00 57.60 ? 125 CYS A C    1 
ATOM   1024 O  O    . CYS A 1 125 ? -1.865  -18.994 -1.993  1.00 56.89 ? 125 CYS A O    1 
ATOM   1025 C  CB   . CYS A 1 125 ? -2.043  -19.498 -5.063  1.00 56.24 ? 125 CYS A CB   1 
ATOM   1026 S  SG   . CYS A 1 125 ? -3.439  -20.654 -5.144  1.00 56.08 ? 125 CYS A SG   1 
ATOM   1027 N  N    . ASP A 1 126 ? -4.027  -18.694 -2.551  1.00 60.19 ? 126 ASP A N    1 
ATOM   1028 C  CA   . ASP A 1 126 ? -4.550  -19.114 -1.253  1.00 63.53 ? 126 ASP A CA   1 
ATOM   1029 C  C    . ASP A 1 126 ? -4.193  -20.575 -1.021  1.00 64.26 ? 126 ASP A C    1 
ATOM   1030 O  O    . ASP A 1 126 ? -3.849  -20.976 0.090   1.00 65.02 ? 126 ASP A O    1 
ATOM   1031 C  CB   . ASP A 1 126 ? -6.078  -18.999 -1.211  1.00 66.69 ? 126 ASP A CB   1 
ATOM   1032 C  CG   . ASP A 1 126 ? -6.563  -17.717 -0.560  1.00 71.03 ? 126 ASP A CG   1 
ATOM   1033 O  OD1  . ASP A 1 126 ? -5.992  -17.322 0.483   1.00 72.37 ? 126 ASP A OD1  1 
ATOM   1034 O  OD2  . ASP A 1 126 ? -7.530  -17.118 -1.083  1.00 72.78 ? 126 ASP A OD2  1 
ATOM   1035 N  N    . ALA A 1 127 ? -4.285  -21.361 -2.089  1.00 64.42 ? 127 ALA A N    1 
ATOM   1036 C  CA   . ALA A 1 127 ? -4.017  -22.789 -2.030  1.00 64.49 ? 127 ALA A CA   1 
ATOM   1037 C  C    . ALA A 1 127 ? -2.555  -23.176 -1.853  1.00 65.07 ? 127 ALA A C    1 
ATOM   1038 O  O    . ALA A 1 127 ? -2.173  -23.657 -0.790  1.00 67.22 ? 127 ALA A O    1 
ATOM   1039 C  CB   . ALA A 1 127 ? -4.588  -23.468 -3.268  1.00 64.16 ? 127 ALA A CB   1 
ATOM   1040 N  N    . CYS A 1 128 ? -1.732  -22.977 -2.878  1.00 64.63 ? 128 CYS A N    1 
ATOM   1041 C  CA   . CYS A 1 128 ? -0.328  -23.359 -2.766  1.00 64.12 ? 128 CYS A CA   1 
ATOM   1042 C  C    . CYS A 1 128 ? 0.613   -22.238 -2.345  1.00 64.61 ? 128 CYS A C    1 
ATOM   1043 O  O    . CYS A 1 128 ? 1.808   -22.464 -2.169  1.00 64.26 ? 128 CYS A O    1 
ATOM   1044 C  CB   . CYS A 1 128 ? 0.162   -23.977 -4.082  1.00 64.15 ? 128 CYS A CB   1 
ATOM   1045 S  SG   . CYS A 1 128 ? 0.179   -22.882 -5.520  1.00 63.79 ? 128 CYS A SG   1 
ATOM   1046 N  N    . GLY A 1 129 ? 0.075   -21.034 -2.179  1.00 65.25 ? 129 GLY A N    1 
ATOM   1047 C  CA   . GLY A 1 129 ? 0.902   -19.906 -1.779  1.00 64.32 ? 129 GLY A CA   1 
ATOM   1048 C  C    . GLY A 1 129 ? 1.911   -19.486 -2.833  1.00 63.62 ? 129 GLY A C    1 
ATOM   1049 O  O    . GLY A 1 129 ? 2.745   -18.617 -2.596  1.00 64.40 ? 129 GLY A O    1 
ATOM   1050 N  N    . HIS A 1 130 ? 1.835   -20.102 -4.005  1.00 62.38 ? 130 HIS A N    1 
ATOM   1051 C  CA   . HIS A 1 130 ? 2.754   -19.796 -5.098  1.00 62.37 ? 130 HIS A CA   1 
ATOM   1052 C  C    . HIS A 1 130 ? 2.439   -18.402 -5.659  1.00 59.60 ? 130 HIS A C    1 
ATOM   1053 O  O    . HIS A 1 130 ? 1.328   -17.898 -5.492  1.00 55.58 ? 130 HIS A O    1 
ATOM   1054 C  CB   . HIS A 1 130 ? 2.590   -20.865 -6.190  1.00 65.51 ? 130 HIS A CB   1 
ATOM   1055 C  CG   . HIS A 1 130 ? 3.689   -20.888 -7.207  1.00 68.45 ? 130 HIS A CG   1 
ATOM   1056 N  ND1  . HIS A 1 130 ? 4.998   -21.180 -6.889  1.00 70.60 ? 130 HIS A ND1  1 
ATOM   1057 C  CD2  . HIS A 1 130 ? 3.663   -20.702 -8.550  1.00 70.85 ? 130 HIS A CD2  1 
ATOM   1058 C  CE1  . HIS A 1 130 ? 5.730   -21.174 -7.989  1.00 72.03 ? 130 HIS A CE1  1 
ATOM   1059 N  NE2  . HIS A 1 130 ? 4.944   -20.888 -9.012  1.00 71.30 ? 130 HIS A NE2  1 
ATOM   1060 N  N    . LEU A 1 131 ? 3.423   -17.779 -6.307  1.00 58.11 ? 131 LEU A N    1 
ATOM   1061 C  CA   . LEU A 1 131 ? 3.218   -16.462 -6.911  1.00 56.20 ? 131 LEU A CA   1 
ATOM   1062 C  C    . LEU A 1 131 ? 2.263   -16.643 -8.092  1.00 55.77 ? 131 LEU A C    1 
ATOM   1063 O  O    . LEU A 1 131 ? 2.495   -17.474 -8.967  1.00 55.12 ? 131 LEU A O    1 
ATOM   1064 C  CB   . LEU A 1 131 ? 4.548   -15.881 -7.403  1.00 54.30 ? 131 LEU A CB   1 
ATOM   1065 C  CG   . LEU A 1 131 ? 4.493   -14.575 -8.202  1.00 54.64 ? 131 LEU A CG   1 
ATOM   1066 C  CD1  . LEU A 1 131 ? 3.858   -13.476 -7.366  1.00 54.27 ? 131 LEU A CD1  1 
ATOM   1067 C  CD2  . LEU A 1 131 ? 5.900   -14.170 -8.626  1.00 51.85 ? 131 LEU A CD2  1 
ATOM   1068 N  N    . VAL A 1 132 ? 1.187   -15.869 -8.104  1.00 55.18 ? 132 VAL A N    1 
ATOM   1069 C  CA   . VAL A 1 132 ? 0.190   -15.960 -9.157  1.00 54.13 ? 132 VAL A CA   1 
ATOM   1070 C  C    . VAL A 1 132 ? 0.384   -14.934 -10.268 1.00 54.09 ? 132 VAL A C    1 
ATOM   1071 O  O    . VAL A 1 132 ? 0.207   -15.242 -11.444 1.00 52.06 ? 132 VAL A O    1 
ATOM   1072 C  CB   . VAL A 1 132 ? -1.218  -15.784 -8.569  1.00 55.25 ? 132 VAL A CB   1 
ATOM   1073 C  CG1  . VAL A 1 132 ? -2.240  -15.662 -9.679  1.00 55.94 ? 132 VAL A CG1  1 
ATOM   1074 C  CG2  . VAL A 1 132 ? -1.548  -16.964 -7.668  1.00 57.26 ? 132 VAL A CG2  1 
ATOM   1075 N  N    . HIS A 1 133 ? 0.752   -13.716 -9.889  1.00 53.08 ? 133 HIS A N    1 
ATOM   1076 C  CA   . HIS A 1 133 ? 0.935   -12.647 -10.858 1.00 51.71 ? 133 HIS A CA   1 
ATOM   1077 C  C    . HIS A 1 133 ? 1.777   -11.520 -10.269 1.00 51.71 ? 133 HIS A C    1 
ATOM   1078 O  O    . HIS A 1 133 ? 1.664   -11.203 -9.083  1.00 51.35 ? 133 HIS A O    1 
ATOM   1079 C  CB   . HIS A 1 133 ? -0.437  -12.114 -11.272 1.00 51.35 ? 133 HIS A CB   1 
ATOM   1080 C  CG   . HIS A 1 133 ? -0.390  -11.041 -12.316 1.00 53.32 ? 133 HIS A CG   1 
ATOM   1081 N  ND1  . HIS A 1 133 ? 0.187   -11.230 -13.553 1.00 55.38 ? 133 HIS A ND1  1 
ATOM   1082 C  CD2  . HIS A 1 133 ? -0.890  -9.782  -12.321 1.00 53.78 ? 133 HIS A CD2  1 
ATOM   1083 C  CE1  . HIS A 1 133 ? 0.040   -10.133 -14.277 1.00 55.20 ? 133 HIS A CE1  1 
ATOM   1084 N  NE2  . HIS A 1 133 ? -0.611  -9.240  -13.552 1.00 54.87 ? 133 HIS A NE2  1 
ATOM   1085 N  N    . ARG A 1 134 ? 2.626   -10.925 -11.100 1.00 51.14 ? 134 ARG A N    1 
ATOM   1086 C  CA   . ARG A 1 134 ? 3.477   -9.823  -10.668 1.00 50.68 ? 134 ARG A CA   1 
ATOM   1087 C  C    . ARG A 1 134 ? 3.589   -8.762  -11.746 1.00 51.33 ? 134 ARG A C    1 
ATOM   1088 O  O    . ARG A 1 134 ? 3.850   -9.069  -12.905 1.00 52.65 ? 134 ARG A O    1 
ATOM   1089 C  CB   . ARG A 1 134 ? 4.880   -10.321 -10.318 1.00 51.44 ? 134 ARG A CB   1 
ATOM   1090 C  CG   . ARG A 1 134 ? 5.874   -9.196  -10.018 1.00 51.82 ? 134 ARG A CG   1 
ATOM   1091 C  CD   . ARG A 1 134 ? 7.287   -9.728  -9.824  1.00 50.36 ? 134 ARG A CD   1 
ATOM   1092 N  NE   . ARG A 1 134 ? 8.274   -8.657  -9.685  1.00 50.04 ? 134 ARG A NE   1 
ATOM   1093 C  CZ   . ARG A 1 134 ? 8.455   -7.937  -8.581  1.00 50.13 ? 134 ARG A CZ   1 
ATOM   1094 N  NH1  . ARG A 1 134 ? 7.718   -8.167  -7.505  1.00 49.66 ? 134 ARG A NH1  1 
ATOM   1095 N  NH2  . ARG A 1 134 ? 9.375   -6.986  -8.552  1.00 50.06 ? 134 ARG A NH2  1 
ATOM   1096 N  N    . VAL A 1 135 ? 3.377   -7.511  -11.361 1.00 51.38 ? 135 VAL A N    1 
ATOM   1097 C  CA   . VAL A 1 135 ? 3.493   -6.400  -12.291 1.00 49.10 ? 135 VAL A CA   1 
ATOM   1098 C  C    . VAL A 1 135 ? 4.563   -5.455  -11.769 1.00 50.12 ? 135 VAL A C    1 
ATOM   1099 O  O    . VAL A 1 135 ? 4.532   -5.058  -10.603 1.00 49.42 ? 135 VAL A O    1 
ATOM   1100 C  CB   . VAL A 1 135 ? 2.193   -5.598  -12.400 1.00 50.17 ? 135 VAL A CB   1 
ATOM   1101 C  CG1  . VAL A 1 135 ? 2.314   -4.583  -13.525 1.00 48.31 ? 135 VAL A CG1  1 
ATOM   1102 C  CG2  . VAL A 1 135 ? 1.012   -6.530  -12.631 1.00 51.46 ? 135 VAL A CG2  1 
ATOM   1103 N  N    . GLU A 1 136 ? 5.524   -5.115  -12.618 1.00 48.66 ? 136 GLU A N    1 
ATOM   1104 C  CA   . GLU A 1 136 ? 6.564   -4.182  -12.225 1.00 49.82 ? 136 GLU A CA   1 
ATOM   1105 C  C    . GLU A 1 136 ? 6.226   -2.871  -12.914 1.00 48.98 ? 136 GLU A C    1 
ATOM   1106 O  O    . GLU A 1 136 ? 5.854   -2.858  -14.091 1.00 47.77 ? 136 GLU A O    1 
ATOM   1107 C  CB   . GLU A 1 136 ? 7.942   -4.657  -12.675 1.00 51.97 ? 136 GLU A CB   1 
ATOM   1108 C  CG   . GLU A 1 136 ? 8.371   -5.978  -12.091 1.00 55.39 ? 136 GLU A CG   1 
ATOM   1109 C  CD   . GLU A 1 136 ? 9.857   -6.212  -12.260 1.00 56.62 ? 136 GLU A CD   1 
ATOM   1110 O  OE1  . GLU A 1 136 ? 10.427  -5.684  -13.235 1.00 57.65 ? 136 GLU A OE1  1 
ATOM   1111 O  OE2  . GLU A 1 136 ? 10.453  -6.929  -11.426 1.00 60.89 ? 136 GLU A OE2  1 
ATOM   1112 N  N    . VAL A 1 137 ? 6.341   -1.775  -12.175 1.00 47.80 ? 137 VAL A N    1 
ATOM   1113 C  CA   . VAL A 1 137 ? 6.023   -0.458  -12.702 1.00 48.67 ? 137 VAL A CA   1 
ATOM   1114 C  C    . VAL A 1 137 ? 6.963   0.613   -12.168 1.00 50.14 ? 137 VAL A C    1 
ATOM   1115 O  O    . VAL A 1 137 ? 7.473   0.507   -11.053 1.00 50.99 ? 137 VAL A O    1 
ATOM   1116 C  CB   . VAL A 1 137 ? 4.588   -0.043  -12.325 1.00 48.72 ? 137 VAL A CB   1 
ATOM   1117 C  CG1  . VAL A 1 137 ? 3.581   -0.843  -13.109 1.00 49.97 ? 137 VAL A CG1  1 
ATOM   1118 C  CG2  . VAL A 1 137 ? 4.367   -0.274  -10.841 1.00 50.55 ? 137 VAL A CG2  1 
ATOM   1119 N  N    . GLN A 1 138 ? 7.206   1.629   -12.990 1.00 50.98 ? 138 GLN A N    1 
ATOM   1120 C  CA   . GLN A 1 138 ? 8.038   2.758   -12.602 1.00 52.23 ? 138 GLN A CA   1 
ATOM   1121 C  C    . GLN A 1 138 ? 6.960   3.594   -11.936 1.00 53.25 ? 138 GLN A C    1 
ATOM   1122 O  O    . GLN A 1 138 ? 6.148   4.232   -12.607 1.00 53.24 ? 138 GLN A O    1 
ATOM   1123 C  CB   . GLN A 1 138 ? 8.598   3.459   -13.846 1.00 51.57 ? 138 GLN A CB   1 
ATOM   1124 C  CG   . GLN A 1 138 ? 9.543   4.639   -13.583 1.00 53.25 ? 138 GLN A CG   1 
ATOM   1125 C  CD   . GLN A 1 138 ? 10.791  4.260   -12.803 1.00 53.04 ? 138 GLN A CD   1 
ATOM   1126 O  OE1  . GLN A 1 138 ? 10.887  4.512   -11.600 1.00 54.98 ? 138 GLN A OE1  1 
ATOM   1127 N  NE2  . GLN A 1 138 ? 11.751  3.645   -13.482 1.00 52.62 ? 138 GLN A NE2  1 
ATOM   1128 N  N    . LEU A 1 139 ? 6.929   3.539   -10.610 1.00 54.75 ? 139 LEU A N    1 
ATOM   1129 C  CA   . LEU A 1 139 ? 5.915   4.240   -9.838  1.00 56.46 ? 139 LEU A CA   1 
ATOM   1130 C  C    . LEU A 1 139 ? 6.098   5.741   -9.911  1.00 56.88 ? 139 LEU A C    1 
ATOM   1131 O  O    . LEU A 1 139 ? 7.143   6.264   -9.540  1.00 58.22 ? 139 LEU A O    1 
ATOM   1132 C  CB   . LEU A 1 139 ? 5.961   3.765   -8.381  1.00 57.66 ? 139 LEU A CB   1 
ATOM   1133 C  CG   . LEU A 1 139 ? 4.649   3.797   -7.593  1.00 58.84 ? 139 LEU A CG   1 
ATOM   1134 C  CD1  . LEU A 1 139 ? 3.577   2.999   -8.324  1.00 58.17 ? 139 LEU A CD1  1 
ATOM   1135 C  CD2  . LEU A 1 139 ? 4.886   3.219   -6.209  1.00 58.65 ? 139 LEU A CD2  1 
ATOM   1136 N  N    . LYS A 1 140 ? 5.073   6.427   -10.398 1.00 58.07 ? 140 LYS A N    1 
ATOM   1137 C  CA   . LYS A 1 140 ? 5.117   7.873   -10.530 1.00 60.48 ? 140 LYS A CA   1 
ATOM   1138 C  C    . LYS A 1 140 ? 4.160   8.521   -9.525  1.00 61.15 ? 140 LYS A C    1 
ATOM   1139 O  O    . LYS A 1 140 ? 4.310   9.695   -9.193  1.00 60.84 ? 140 LYS A O    1 
ATOM   1140 C  CB   . LYS A 1 140 ? 4.743   8.265   -11.962 1.00 62.62 ? 140 LYS A CB   1 
ATOM   1141 C  CG   . LYS A 1 140 ? 5.078   9.698   -12.366 1.00 66.24 ? 140 LYS A CG   1 
ATOM   1142 C  CD   . LYS A 1 140 ? 4.736   9.927   -13.848 1.00 68.76 ? 140 LYS A CD   1 
ATOM   1143 C  CE   . LYS A 1 140 ? 5.083   11.340  -14.324 1.00 70.50 ? 140 LYS A CE   1 
ATOM   1144 N  NZ   . LYS A 1 140 ? 4.802   11.533  -15.786 1.00 69.47 ? 140 LYS A NZ   1 
ATOM   1145 N  N    . SER A 1 141 ? 3.190   7.749   -9.031  1.00 61.37 ? 141 SER A N    1 
ATOM   1146 C  CA   . SER A 1 141 ? 2.217   8.260   -8.058  1.00 61.75 ? 141 SER A CA   1 
ATOM   1147 C  C    . SER A 1 141 ? 1.540   7.165   -7.230  1.00 61.73 ? 141 SER A C    1 
ATOM   1148 O  O    . SER A 1 141 ? 0.639   6.485   -7.721  1.00 61.61 ? 141 SER A O    1 
ATOM   1149 C  CB   . SER A 1 141 ? 1.133   9.065   -8.774  1.00 60.46 ? 141 SER A CB   1 
ATOM   1150 O  OG   . SER A 1 141 ? 0.160   9.512   -7.848  1.00 62.15 ? 141 SER A OG   1 
ATOM   1151 N  N    . ILE A 1 142 ? 1.946   7.006   -5.972  1.00 61.59 ? 142 ILE A N    1 
ATOM   1152 C  CA   . ILE A 1 142 ? 1.339   5.976   -5.135  1.00 62.09 ? 142 ILE A CA   1 
ATOM   1153 C  C    . ILE A 1 142 ? -0.129  6.252   -4.858  1.00 61.51 ? 142 ILE A C    1 
ATOM   1154 O  O    . ILE A 1 142 ? -0.788  5.458   -4.189  1.00 61.97 ? 142 ILE A O    1 
ATOM   1155 C  CB   . ILE A 1 142 ? 2.052   5.808   -3.761  1.00 62.79 ? 142 ILE A CB   1 
ATOM   1156 C  CG1  . ILE A 1 142 ? 2.028   7.122   -2.981  1.00 61.85 ? 142 ILE A CG1  1 
ATOM   1157 C  CG2  . ILE A 1 142 ? 3.465   5.298   -3.962  1.00 63.49 ? 142 ILE A CG2  1 
ATOM   1158 C  CD1  . ILE A 1 142 ? 2.671   7.015   -1.601  1.00 61.79 ? 142 ILE A CD1  1 
ATOM   1159 N  N    . VAL A 1 143 ? -0.642  7.370   -5.363  1.00 61.02 ? 143 VAL A N    1 
ATOM   1160 C  CA   . VAL A 1 143 ? -2.047  7.713   -5.152  1.00 60.94 ? 143 VAL A CA   1 
ATOM   1161 C  C    . VAL A 1 143 ? -2.936  7.419   -6.365  1.00 61.55 ? 143 VAL A C    1 
ATOM   1162 O  O    . VAL A 1 143 ? -4.106  7.079   -6.204  1.00 62.77 ? 143 VAL A O    1 
ATOM   1163 C  CB   . VAL A 1 143 ? -2.230  9.209   -4.771  1.00 60.50 ? 143 VAL A CB   1 
ATOM   1164 C  CG1  . VAL A 1 143 ? -3.712  9.523   -4.604  1.00 60.57 ? 143 VAL A CG1  1 
ATOM   1165 C  CG2  . VAL A 1 143 ? -1.487  9.524   -3.482  1.00 58.48 ? 143 VAL A CG2  1 
ATOM   1166 N  N    . THR A 1 144 ? -2.392  7.537   -7.575  1.00 60.99 ? 144 THR A N    1 
ATOM   1167 C  CA   . THR A 1 144 ? -3.200  7.292   -8.771  1.00 60.29 ? 144 THR A CA   1 
ATOM   1168 C  C    . THR A 1 144 ? -2.815  6.086   -9.622  1.00 59.93 ? 144 THR A C    1 
ATOM   1169 O  O    . THR A 1 144 ? -3.666  5.528   -10.312 1.00 60.46 ? 144 THR A O    1 
ATOM   1170 C  CB   . THR A 1 144 ? -3.208  8.515   -9.700  1.00 59.92 ? 144 THR A CB   1 
ATOM   1171 O  OG1  . THR A 1 144 ? -1.880  8.751   -10.183 1.00 62.21 ? 144 THR A OG1  1 
ATOM   1172 C  CG2  . THR A 1 144 ? -3.702  9.745   -8.963  1.00 58.00 ? 144 THR A CG2  1 
ATOM   1173 N  N    . ASP A 1 145 ? -1.549  5.684   -9.587  1.00 59.53 ? 145 ASP A N    1 
ATOM   1174 C  CA   . ASP A 1 145 ? -1.098  4.549   -10.393 1.00 59.14 ? 145 ASP A CA   1 
ATOM   1175 C  C    . ASP A 1 145 ? -1.586  3.179   -9.928  1.00 59.41 ? 145 ASP A C    1 
ATOM   1176 O  O    . ASP A 1 145 ? -1.691  2.251   -10.730 1.00 59.30 ? 145 ASP A O    1 
ATOM   1177 C  CB   . ASP A 1 145 ? 0.431   4.499   -10.452 1.00 59.29 ? 145 ASP A CB   1 
ATOM   1178 C  CG   . ASP A 1 145 ? 1.024   5.571   -11.344 1.00 61.88 ? 145 ASP A CG   1 
ATOM   1179 O  OD1  . ASP A 1 145 ? 0.468   5.824   -12.438 1.00 64.06 ? 145 ASP A OD1  1 
ATOM   1180 O  OD2  . ASP A 1 145 ? 2.061   6.145   -10.956 1.00 60.24 ? 145 ASP A OD2  1 
ATOM   1181 N  N    . LEU A 1 146 ? -1.883  3.055   -8.640  1.00 58.66 ? 146 LEU A N    1 
ATOM   1182 C  CA   . LEU A 1 146 ? -2.298  1.782   -8.066  1.00 58.06 ? 146 LEU A CA   1 
ATOM   1183 C  C    . LEU A 1 146 ? -3.630  1.157   -8.495  1.00 57.54 ? 146 LEU A C    1 
ATOM   1184 O  O    . LEU A 1 146 ? -3.642  0.050   -9.036  1.00 56.67 ? 146 LEU A O    1 
ATOM   1185 C  CB   . LEU A 1 146 ? -2.227  1.866   -6.533  1.00 56.79 ? 146 LEU A CB   1 
ATOM   1186 C  CG   . LEU A 1 146 ? -0.843  1.601   -5.915  1.00 56.78 ? 146 LEU A CG   1 
ATOM   1187 C  CD1  . LEU A 1 146 ? 0.205   2.505   -6.565  1.00 55.10 ? 146 LEU A CD1  1 
ATOM   1188 C  CD2  . LEU A 1 146 ? -0.895  1.818   -4.402  1.00 55.10 ? 146 LEU A CD2  1 
ATOM   1189 N  N    . PRO A 1 147 ? -4.761  1.849   -8.265  1.00 57.98 ? 147 PRO A N    1 
ATOM   1190 C  CA   . PRO A 1 147 ? -6.073  1.311   -8.638  1.00 58.44 ? 147 PRO A CA   1 
ATOM   1191 C  C    . PRO A 1 147 ? -6.159  0.709   -10.045 1.00 60.28 ? 147 PRO A C    1 
ATOM   1192 O  O    . PRO A 1 147 ? -6.759  -0.349  -10.239 1.00 61.00 ? 147 PRO A O    1 
ATOM   1193 C  CB   . PRO A 1 147 ? -6.997  2.510   -8.459  1.00 58.59 ? 147 PRO A CB   1 
ATOM   1194 C  CG   . PRO A 1 147 ? -6.350  3.260   -7.342  1.00 58.14 ? 147 PRO A CG   1 
ATOM   1195 C  CD   . PRO A 1 147 ? -4.898  3.220   -7.743  1.00 57.27 ? 147 PRO A CD   1 
ATOM   1196 N  N    . PRO A 1 148 ? -5.565  1.379   -11.047 1.00 60.39 ? 148 PRO A N    1 
ATOM   1197 C  CA   . PRO A 1 148 ? -5.611  0.856   -12.414 1.00 60.44 ? 148 PRO A CA   1 
ATOM   1198 C  C    . PRO A 1 148 ? -4.909  -0.488  -12.559 1.00 60.47 ? 148 PRO A C    1 
ATOM   1199 O  O    . PRO A 1 148 ? -5.341  -1.337  -13.338 1.00 60.39 ? 148 PRO A O    1 
ATOM   1200 C  CB   . PRO A 1 148 ? -4.928  1.956   -13.221 1.00 61.41 ? 148 PRO A CB   1 
ATOM   1201 C  CG   . PRO A 1 148 ? -5.292  3.196   -12.452 1.00 61.44 ? 148 PRO A CG   1 
ATOM   1202 C  CD   . PRO A 1 148 ? -5.030  2.751   -11.037 1.00 61.60 ? 148 PRO A CD   1 
ATOM   1203 N  N    . LEU A 1 149 ? -3.826  -0.681  -11.812 1.00 60.89 ? 149 LEU A N    1 
ATOM   1204 C  CA   . LEU A 1 149 ? -3.083  -1.937  -11.876 1.00 60.65 ? 149 LEU A CA   1 
ATOM   1205 C  C    . LEU A 1 149 ? -3.920  -3.079  -11.315 1.00 59.01 ? 149 LEU A C    1 
ATOM   1206 O  O    . LEU A 1 149 ? -4.044  -4.130  -11.934 1.00 58.66 ? 149 LEU A O    1 
ATOM   1207 C  CB   . LEU A 1 149 ? -1.779  -1.841  -11.079 1.00 62.37 ? 149 LEU A CB   1 
ATOM   1208 C  CG   . LEU A 1 149 ? -0.824  -0.684  -11.364 1.00 65.01 ? 149 LEU A CG   1 
ATOM   1209 C  CD1  . LEU A 1 149 ? 0.495   -0.970  -10.661 1.00 66.06 ? 149 LEU A CD1  1 
ATOM   1210 C  CD2  . LEU A 1 149 ? -0.600  -0.518  -12.866 1.00 67.11 ? 149 LEU A CD2  1 
ATOM   1211 N  N    . PHE A 1 150 ? -4.488  -2.862  -10.133 1.00 56.71 ? 150 PHE A N    1 
ATOM   1212 C  CA   . PHE A 1 150 ? -5.306  -3.871  -9.480  1.00 55.63 ? 150 PHE A CA   1 
ATOM   1213 C  C    . PHE A 1 150 ? -6.481  -4.253  -10.370 1.00 55.40 ? 150 PHE A C    1 
ATOM   1214 O  O    . PHE A 1 150 ? -6.778  -5.431  -10.554 1.00 53.99 ? 150 PHE A O    1 
ATOM   1215 C  CB   . PHE A 1 150 ? -5.844  -3.346  -8.138  1.00 53.74 ? 150 PHE A CB   1 
ATOM   1216 C  CG   . PHE A 1 150 ? -4.776  -2.854  -7.196  1.00 51.48 ? 150 PHE A CG   1 
ATOM   1217 C  CD1  . PHE A 1 150 ? -3.515  -3.443  -7.173  1.00 50.54 ? 150 PHE A CD1  1 
ATOM   1218 C  CD2  . PHE A 1 150 ? -5.040  -1.810  -6.314  1.00 50.51 ? 150 PHE A CD2  1 
ATOM   1219 C  CE1  . PHE A 1 150 ? -2.534  -2.995  -6.288  1.00 49.86 ? 150 PHE A CE1  1 
ATOM   1220 C  CE2  . PHE A 1 150 ? -4.067  -1.358  -5.427  1.00 49.91 ? 150 PHE A CE2  1 
ATOM   1221 C  CZ   . PHE A 1 150 ? -2.812  -1.952  -5.415  1.00 48.62 ? 150 PHE A CZ   1 
ATOM   1222 N  N    . GLU A 1 151 ? -7.143  -3.241  -10.921 1.00 54.45 ? 151 GLU A N    1 
ATOM   1223 C  CA   . GLU A 1 151 ? -8.297  -3.461  -11.780 1.00 54.55 ? 151 GLU A CA   1 
ATOM   1224 C  C    . GLU A 1 151 ? -7.993  -4.410  -12.938 1.00 52.06 ? 151 GLU A C    1 
ATOM   1225 O  O    . GLU A 1 151 ? -8.852  -5.195  -13.337 1.00 52.59 ? 151 GLU A O    1 
ATOM   1226 C  CB   . GLU A 1 151 ? -8.814  -2.123  -12.318 1.00 56.67 ? 151 GLU A CB   1 
ATOM   1227 C  CG   . GLU A 1 151 ? -10.175 -2.228  -12.979 1.00 63.84 ? 151 GLU A CG   1 
ATOM   1228 C  CD   . GLU A 1 151 ? -11.286 -2.547  -11.986 1.00 67.32 ? 151 GLU A CD   1 
ATOM   1229 O  OE1  . GLU A 1 151 ? -12.346 -3.054  -12.420 1.00 69.32 ? 151 GLU A OE1  1 
ATOM   1230 O  OE2  . GLU A 1 151 ? -11.104 -2.280  -10.777 1.00 68.92 ? 151 GLU A OE2  1 
ATOM   1231 N  N    . SER A 1 152 ? -6.776  -4.354  -13.474 1.00 50.20 ? 152 SER A N    1 
ATOM   1232 C  CA   . SER A 1 152 ? -6.415  -5.231  -14.583 1.00 48.99 ? 152 SER A CA   1 
ATOM   1233 C  C    . SER A 1 152 ? -6.224  -6.663  -14.085 1.00 48.77 ? 152 SER A C    1 
ATOM   1234 O  O    . SER A 1 152 ? -6.471  -7.624  -14.818 1.00 47.16 ? 152 SER A O    1 
ATOM   1235 C  CB   . SER A 1 152 ? -5.148  -4.724  -15.289 1.00 50.92 ? 152 SER A CB   1 
ATOM   1236 O  OG   . SER A 1 152 ? -4.018  -4.735  -14.435 1.00 53.70 ? 152 SER A OG   1 
ATOM   1237 N  N    . PHE A 1 153 ? -5.792  -6.807  -12.835 1.00 46.83 ? 153 PHE A N    1 
ATOM   1238 C  CA   . PHE A 1 153 ? -5.614  -8.136  -12.255 1.00 46.84 ? 153 PHE A CA   1 
ATOM   1239 C  C    . PHE A 1 153 ? -6.996  -8.762  -12.043 1.00 47.55 ? 153 PHE A C    1 
ATOM   1240 O  O    . PHE A 1 153 ? -7.236  -9.912  -12.418 1.00 47.37 ? 153 PHE A O    1 
ATOM   1241 C  CB   . PHE A 1 153 ? -4.877  -8.043  -10.918 1.00 43.85 ? 153 PHE A CB   1 
ATOM   1242 C  CG   . PHE A 1 153 ? -4.841  -9.340  -10.149 1.00 44.03 ? 153 PHE A CG   1 
ATOM   1243 C  CD1  . PHE A 1 153 ? -5.662  -9.530  -9.037  1.00 40.02 ? 153 PHE A CD1  1 
ATOM   1244 C  CD2  . PHE A 1 153 ? -3.988  -10.370 -10.539 1.00 41.51 ? 153 PHE A CD2  1 
ATOM   1245 C  CE1  . PHE A 1 153 ? -5.630  -10.724 -8.323  1.00 39.30 ? 153 PHE A CE1  1 
ATOM   1246 C  CE2  . PHE A 1 153 ? -3.948  -11.568 -9.832  1.00 44.06 ? 153 PHE A CE2  1 
ATOM   1247 C  CZ   . PHE A 1 153 ? -4.770  -11.744 -8.721  1.00 41.03 ? 153 PHE A CZ   1 
ATOM   1248 N  N    . TYR A 1 154 ? -7.903  -7.978  -11.465 1.00 47.39 ? 154 TYR A N    1 
ATOM   1249 C  CA   . TYR A 1 154 ? -9.260  -8.426  -11.181 1.00 50.13 ? 154 TYR A CA   1 
ATOM   1250 C  C    . TYR A 1 154 ? -10.094 -8.725  -12.426 1.00 51.99 ? 154 TYR A C    1 
ATOM   1251 O  O    . TYR A 1 154 ? -11.004 -9.552  -12.388 1.00 52.62 ? 154 TYR A O    1 
ATOM   1252 C  CB   . TYR A 1 154 ? -9.999  -7.383  -10.332 1.00 47.71 ? 154 TYR A CB   1 
ATOM   1253 C  CG   . TYR A 1 154 ? -9.350  -7.083  -8.995  1.00 49.97 ? 154 TYR A CG   1 
ATOM   1254 C  CD1  . TYR A 1 154 ? -8.661  -8.071  -8.294  1.00 48.94 ? 154 TYR A CD1  1 
ATOM   1255 C  CD2  . TYR A 1 154 ? -9.469  -5.824  -8.408  1.00 48.56 ? 154 TYR A CD2  1 
ATOM   1256 C  CE1  . TYR A 1 154 ? -8.109  -7.817  -7.041  1.00 51.16 ? 154 TYR A CE1  1 
ATOM   1257 C  CE2  . TYR A 1 154 ? -8.924  -5.556  -7.154  1.00 50.31 ? 154 TYR A CE2  1 
ATOM   1258 C  CZ   . TYR A 1 154 ? -8.246  -6.557  -6.474  1.00 50.99 ? 154 TYR A CZ   1 
ATOM   1259 O  OH   . TYR A 1 154 ? -7.718  -6.307  -5.227  1.00 48.77 ? 154 TYR A OH   1 
ATOM   1260 N  N    . ALA A 1 155 ? -9.783  -8.053  -13.525 1.00 54.28 ? 155 ALA A N    1 
ATOM   1261 C  CA   . ALA A 1 155 ? -10.528 -8.235  -14.764 1.00 55.67 ? 155 ALA A CA   1 
ATOM   1262 C  C    . ALA A 1 155 ? -10.011 -9.378  -15.627 1.00 55.70 ? 155 ALA A C    1 
ATOM   1263 O  O    . ALA A 1 155 ? -10.471 -9.562  -16.749 1.00 57.77 ? 155 ALA A O    1 
ATOM   1264 C  CB   . ALA A 1 155 ? -10.511 -6.934  -15.567 1.00 57.33 ? 155 ALA A CB   1 
ATOM   1265 N  N    . SER A 1 156 ? -9.073  -10.155 -15.106 1.00 55.68 ? 156 SER A N    1 
ATOM   1266 C  CA   . SER A 1 156 ? -8.499  -11.243 -15.887 1.00 56.00 ? 156 SER A CA   1 
ATOM   1267 C  C    . SER A 1 156 ? -8.274  -12.522 -15.096 1.00 57.16 ? 156 SER A C    1 
ATOM   1268 O  O    . SER A 1 156 ? -7.481  -12.553 -14.157 1.00 57.30 ? 156 SER A O    1 
ATOM   1269 C  CB   . SER A 1 156 ? -7.172  -10.785 -16.492 1.00 54.31 ? 156 SER A CB   1 
ATOM   1270 O  OG   . SER A 1 156 ? -6.504  -11.859 -17.128 1.00 55.33 ? 156 SER A OG   1 
ATOM   1271 N  N    . GLU A 1 157 ? -8.961  -13.587 -15.490 1.00 59.13 ? 157 GLU A N    1 
ATOM   1272 C  CA   . GLU A 1 157 ? -8.812  -14.860 -14.812 1.00 60.45 ? 157 GLU A CA   1 
ATOM   1273 C  C    . GLU A 1 157 ? -7.472  -15.482 -15.189 1.00 60.62 ? 157 GLU A C    1 
ATOM   1274 O  O    . GLU A 1 157 ? -6.955  -16.351 -14.483 1.00 61.34 ? 157 GLU A O    1 
ATOM   1275 C  CB   . GLU A 1 157 ? -9.957  -15.794 -15.194 1.00 64.28 ? 157 GLU A CB   1 
ATOM   1276 C  CG   . GLU A 1 157 ? -11.324 -15.152 -15.068 1.00 67.43 ? 157 GLU A CG   1 
ATOM   1277 C  CD   . GLU A 1 157 ? -12.443 -16.170 -15.065 1.00 71.61 ? 157 GLU A CD   1 
ATOM   1278 O  OE1  . GLU A 1 157 ? -12.399 -17.108 -15.893 1.00 72.51 ? 157 GLU A OE1  1 
ATOM   1279 O  OE2  . GLU A 1 157 ? -13.370 -16.029 -14.236 1.00 73.70 ? 157 GLU A OE2  1 
ATOM   1280 N  N    . ASP A 1 158 ? -6.906  -15.034 -16.304 1.00 59.93 ? 158 ASP A N    1 
ATOM   1281 C  CA   . ASP A 1 158 ? -5.619  -15.547 -16.754 1.00 60.09 ? 158 ASP A CA   1 
ATOM   1282 C  C    . ASP A 1 158 ? -4.524  -15.040 -15.824 1.00 58.97 ? 158 ASP A C    1 
ATOM   1283 O  O    . ASP A 1 158 ? -3.599  -15.775 -15.473 1.00 57.37 ? 158 ASP A O    1 
ATOM   1284 C  CB   . ASP A 1 158 ? -5.331  -15.094 -18.185 1.00 62.76 ? 158 ASP A CB   1 
ATOM   1285 C  CG   . ASP A 1 158 ? -6.442  -15.463 -19.141 1.00 67.18 ? 158 ASP A CG   1 
ATOM   1286 O  OD1  . ASP A 1 158 ? -7.542  -14.868 -19.038 1.00 69.09 ? 158 ASP A OD1  1 
ATOM   1287 O  OD2  . ASP A 1 158 ? -6.219  -16.355 -19.989 1.00 68.61 ? 158 ASP A OD2  1 
ATOM   1288 N  N    . LYS A 1 159 ? -4.624  -13.776 -15.428 1.00 57.58 ? 159 LYS A N    1 
ATOM   1289 C  CA   . LYS A 1 159 ? -3.632  -13.217 -14.519 1.00 57.25 ? 159 LYS A CA   1 
ATOM   1290 C  C    . LYS A 1 159 ? -3.792  -13.877 -13.155 1.00 56.00 ? 159 LYS A C    1 
ATOM   1291 O  O    . LYS A 1 159 ? -2.809  -14.154 -12.473 1.00 54.49 ? 159 LYS A O    1 
ATOM   1292 C  CB   . LYS A 1 159 ? -3.815  -11.704 -14.377 1.00 57.62 ? 159 LYS A CB   1 
ATOM   1293 C  CG   . LYS A 1 159 ? -3.405  -10.905 -15.596 1.00 56.42 ? 159 LYS A CG   1 
ATOM   1294 C  CD   . LYS A 1 159 ? -3.750  -9.443  -15.409 1.00 58.47 ? 159 LYS A CD   1 
ATOM   1295 C  CE   . LYS A 1 159 ? -3.152  -8.587  -16.509 1.00 59.47 ? 159 LYS A CE   1 
ATOM   1296 N  NZ   . LYS A 1 159 ? -3.587  -9.025  -17.850 1.00 60.14 ? 159 LYS A NZ   1 
ATOM   1297 N  N    . ARG A 1 160 ? -5.043  -14.137 -12.782 1.00 55.46 ? 160 ARG A N    1 
ATOM   1298 C  CA   . ARG A 1 160 ? -5.365  -14.751 -11.497 1.00 56.81 ? 160 ARG A CA   1 
ATOM   1299 C  C    . ARG A 1 160 ? -5.096  -16.253 -11.401 1.00 57.68 ? 160 ARG A C    1 
ATOM   1300 O  O    . ARG A 1 160 ? -5.107  -16.810 -10.304 1.00 58.96 ? 160 ARG A O    1 
ATOM   1301 C  CB   . ARG A 1 160 ? -6.835  -14.488 -11.148 1.00 55.61 ? 160 ARG A CB   1 
ATOM   1302 C  CG   . ARG A 1 160 ? -7.223  -13.017 -11.165 1.00 55.90 ? 160 ARG A CG   1 
ATOM   1303 C  CD   . ARG A 1 160 ? -8.425  -12.749 -10.282 1.00 57.83 ? 160 ARG A CD   1 
ATOM   1304 N  NE   . ARG A 1 160 ? -9.657  -13.318 -10.812 1.00 60.23 ? 160 ARG A NE   1 
ATOM   1305 C  CZ   . ARG A 1 160 ? -10.296 -12.840 -11.872 1.00 64.57 ? 160 ARG A CZ   1 
ATOM   1306 N  NH1  . ARG A 1 160 ? -9.814  -11.782 -12.513 1.00 67.11 ? 160 ARG A NH1  1 
ATOM   1307 N  NH2  . ARG A 1 160 ? -11.413 -13.414 -12.296 1.00 65.26 ? 160 ARG A NH2  1 
ATOM   1308 N  N    . ARG A 1 161 ? -4.850  -16.905 -12.535 1.00 58.12 ? 161 ARG A N    1 
ATOM   1309 C  CA   . ARG A 1 161 ? -4.607  -18.349 -12.548 1.00 58.21 ? 161 ARG A CA   1 
ATOM   1310 C  C    . ARG A 1 161 ? -3.237  -18.728 -11.989 1.00 58.21 ? 161 ARG A C    1 
ATOM   1311 O  O    . ARG A 1 161 ? -2.202  -18.319 -12.523 1.00 58.21 ? 161 ARG A O    1 
ATOM   1312 C  CB   . ARG A 1 161 ? -4.744  -18.893 -13.977 1.00 59.22 ? 161 ARG A CB   1 
ATOM   1313 C  CG   . ARG A 1 161 ? -4.915  -20.411 -14.068 1.00 61.06 ? 161 ARG A CG   1 
ATOM   1314 C  CD   . ARG A 1 161 ? -4.848  -20.912 -15.513 1.00 60.33 ? 161 ARG A CD   1 
ATOM   1315 N  NE   . ARG A 1 161 ? -5.697  -20.132 -16.414 1.00 59.17 ? 161 ARG A NE   1 
ATOM   1316 C  CZ   . ARG A 1 161 ? -7.022  -20.073 -16.333 1.00 59.91 ? 161 ARG A CZ   1 
ATOM   1317 N  NH1  . ARG A 1 161 ? -7.666  -20.750 -15.395 1.00 60.02 ? 161 ARG A NH1  1 
ATOM   1318 N  NH2  . ARG A 1 161 ? -7.707  -19.327 -17.190 1.00 60.35 ? 161 ARG A NH2  1 
ATOM   1319 N  N    . CYS A 1 162 ? -3.235  -19.512 -10.914 1.00 58.28 ? 162 CYS A N    1 
ATOM   1320 C  CA   . CYS A 1 162 ? -1.986  -19.949 -10.293 1.00 60.53 ? 162 CYS A CA   1 
ATOM   1321 C  C    . CYS A 1 162 ? -1.250  -20.885 -11.239 1.00 62.38 ? 162 CYS A C    1 
ATOM   1322 O  O    . CYS A 1 162 ? -1.770  -21.931 -11.624 1.00 63.01 ? 162 CYS A O    1 
ATOM   1323 C  CB   . CYS A 1 162 ? -2.256  -20.669 -8.964  1.00 59.62 ? 162 CYS A CB   1 
ATOM   1324 S  SG   . CYS A 1 162 ? -0.777  -21.432 -8.228  1.00 58.67 ? 162 CYS A SG   1 
ATOM   1325 N  N    . PRO A 1 163 ? -0.020  -20.521 -11.621 1.00 64.41 ? 163 PRO A N    1 
ATOM   1326 C  CA   . PRO A 1 163 ? 0.790   -21.331 -12.532 1.00 65.99 ? 163 PRO A CA   1 
ATOM   1327 C  C    . PRO A 1 163 ? 1.279   -22.620 -11.893 1.00 67.66 ? 163 PRO A C    1 
ATOM   1328 O  O    . PRO A 1 163 ? 1.967   -23.416 -12.532 1.00 68.32 ? 163 PRO A O    1 
ATOM   1329 C  CB   . PRO A 1 163 ? 1.945   -20.400 -12.871 1.00 66.42 ? 163 PRO A CB   1 
ATOM   1330 C  CG   . PRO A 1 163 ? 2.159   -19.684 -11.577 1.00 64.50 ? 163 PRO A CG   1 
ATOM   1331 C  CD   . PRO A 1 163 ? 0.737   -19.344 -11.158 1.00 64.95 ? 163 PRO A CD   1 
ATOM   1332 N  N    . HIS A 1 164 ? 0.923   -22.831 -10.632 1.00 68.52 ? 164 HIS A N    1 
ATOM   1333 C  CA   . HIS A 1 164 ? 1.374   -24.026 -9.943  1.00 69.76 ? 164 HIS A CA   1 
ATOM   1334 C  C    . HIS A 1 164 ? 0.282   -25.050 -9.665  1.00 69.23 ? 164 HIS A C    1 
ATOM   1335 O  O    . HIS A 1 164 ? 0.504   -26.249 -9.827  1.00 68.88 ? 164 HIS A O    1 
ATOM   1336 C  CB   . HIS A 1 164 ? 2.067   -23.639 -8.637  1.00 70.76 ? 164 HIS A CB   1 
ATOM   1337 C  CG   . HIS A 1 164 ? 2.828   -24.761 -8.007  1.00 72.67 ? 164 HIS A CG   1 
ATOM   1338 N  ND1  . HIS A 1 164 ? 2.219   -25.749 -7.263  1.00 73.40 ? 164 HIS A ND1  1 
ATOM   1339 C  CD2  . HIS A 1 164 ? 4.145   -25.069 -8.037  1.00 73.46 ? 164 HIS A CD2  1 
ATOM   1340 C  CE1  . HIS A 1 164 ? 3.130   -26.618 -6.862  1.00 74.37 ? 164 HIS A CE1  1 
ATOM   1341 N  NE2  . HIS A 1 164 ? 4.307   -26.228 -7.318  1.00 74.64 ? 164 HIS A NE2  1 
ATOM   1342 N  N    . CYS A 1 165 ? -0.893  -24.591 -9.251  1.00 67.93 ? 165 CYS A N    1 
ATOM   1343 C  CA   . CYS A 1 165 ? -1.974  -25.520 -8.963  1.00 67.74 ? 165 CYS A CA   1 
ATOM   1344 C  C    . CYS A 1 165 ? -3.234  -25.199 -9.760  1.00 66.68 ? 165 CYS A C    1 
ATOM   1345 O  O    . CYS A 1 165 ? -4.253  -25.866 -9.612  1.00 66.50 ? 165 CYS A O    1 
ATOM   1346 C  CB   . CYS A 1 165 ? -2.285  -25.526 -7.464  1.00 67.26 ? 165 CYS A CB   1 
ATOM   1347 S  SG   . CYS A 1 165 ? -3.348  -24.190 -6.918  1.00 69.01 ? 165 CYS A SG   1 
ATOM   1348 N  N    . GLY A 1 166 ? -3.158  -24.168 -10.596 1.00 65.28 ? 166 GLY A N    1 
ATOM   1349 C  CA   . GLY A 1 166 ? -4.289  -23.796 -11.429 1.00 63.16 ? 166 GLY A CA   1 
ATOM   1350 C  C    . GLY A 1 166 ? -5.467  -23.119 -10.753 1.00 62.29 ? 166 GLY A C    1 
ATOM   1351 O  O    . GLY A 1 166 ? -6.480  -22.853 -11.399 1.00 61.57 ? 166 GLY A O    1 
ATOM   1352 N  N    . GLN A 1 167 ? -5.355  -22.852 -9.458  1.00 62.11 ? 167 GLN A N    1 
ATOM   1353 C  CA   . GLN A 1 167 ? -6.430  -22.181 -8.732  1.00 61.09 ? 167 GLN A CA   1 
ATOM   1354 C  C    . GLN A 1 167 ? -6.543  -20.733 -9.220  1.00 59.57 ? 167 GLN A C    1 
ATOM   1355 O  O    . GLN A 1 167 ? -5.536  -20.069 -9.442  1.00 58.22 ? 167 GLN A O    1 
ATOM   1356 C  CB   . GLN A 1 167 ? -6.138  -22.206 -7.226  1.00 63.13 ? 167 GLN A CB   1 
ATOM   1357 C  CG   . GLN A 1 167 ? -7.069  -21.348 -6.379  1.00 65.39 ? 167 GLN A CG   1 
ATOM   1358 C  CD   . GLN A 1 167 ? -8.484  -21.890 -6.307  1.00 68.79 ? 167 GLN A CD   1 
ATOM   1359 O  OE1  . GLN A 1 167 ? -9.389  -21.228 -5.790  1.00 68.91 ? 167 GLN A OE1  1 
ATOM   1360 N  NE2  . GLN A 1 167 ? -8.685  -23.105 -6.815  1.00 70.77 ? 167 GLN A NE2  1 
ATOM   1361 N  N    . VAL A 1 168 ? -7.771  -20.256 -9.399  1.00 58.90 ? 168 VAL A N    1 
ATOM   1362 C  CA   . VAL A 1 168 ? -8.009  -18.888 -9.847  1.00 58.66 ? 168 VAL A CA   1 
ATOM   1363 C  C    . VAL A 1 168 ? -8.232  -17.989 -8.636  1.00 59.29 ? 168 VAL A C    1 
ATOM   1364 O  O    . VAL A 1 168 ? -9.189  -18.170 -7.882  1.00 59.42 ? 168 VAL A O    1 
ATOM   1365 C  CB   . VAL A 1 168 ? -9.244  -18.796 -10.766 1.00 57.28 ? 168 VAL A CB   1 
ATOM   1366 C  CG1  . VAL A 1 168 ? -9.526  -17.350 -11.110 1.00 55.85 ? 168 VAL A CG1  1 
ATOM   1367 C  CG2  . VAL A 1 168 ? -9.013  -19.604 -12.035 1.00 55.55 ? 168 VAL A CG2  1 
ATOM   1368 N  N    . HIS A 1 169 ? -7.335  -17.025 -8.459  1.00 59.36 ? 169 HIS A N    1 
ATOM   1369 C  CA   . HIS A 1 169 ? -7.408  -16.093 -7.349  1.00 58.67 ? 169 HIS A CA   1 
ATOM   1370 C  C    . HIS A 1 169 ? -8.778  -15.419 -7.321  1.00 59.57 ? 169 HIS A C    1 
ATOM   1371 O  O    . HIS A 1 169 ? -9.300  -15.013 -8.354  1.00 57.57 ? 169 HIS A O    1 
ATOM   1372 C  CB   . HIS A 1 169 ? -6.308  -15.044 -7.492  1.00 58.33 ? 169 HIS A CB   1 
ATOM   1373 C  CG   . HIS A 1 169 ? -6.230  -14.088 -6.345  1.00 59.05 ? 169 HIS A CG   1 
ATOM   1374 N  ND1  . HIS A 1 169 ? -5.351  -14.251 -5.297  1.00 58.65 ? 169 HIS A ND1  1 
ATOM   1375 C  CD2  . HIS A 1 169 ? -6.938  -12.965 -6.072  1.00 59.26 ? 169 HIS A CD2  1 
ATOM   1376 C  CE1  . HIS A 1 169 ? -5.519  -13.270 -4.429  1.00 58.91 ? 169 HIS A CE1  1 
ATOM   1377 N  NE2  . HIS A 1 169 ? -6.476  -12.476 -4.875  1.00 59.11 ? 169 HIS A NE2  1 
ATOM   1378 N  N    . PRO A 1 170 ? -9.375  -15.295 -6.127  1.00 61.84 ? 170 PRO A N    1 
ATOM   1379 C  CA   . PRO A 1 170 ? -10.691 -14.677 -5.919  1.00 63.93 ? 170 PRO A CA   1 
ATOM   1380 C  C    . PRO A 1 170 ? -10.871 -13.263 -6.472  1.00 66.05 ? 170 PRO A C    1 
ATOM   1381 O  O    . PRO A 1 170 ? -11.982 -12.734 -6.480  1.00 65.58 ? 170 PRO A O    1 
ATOM   1382 C  CB   . PRO A 1 170 ? -10.849 -14.713 -4.402  1.00 63.83 ? 170 PRO A CB   1 
ATOM   1383 C  CG   . PRO A 1 170 ? -10.080 -15.947 -4.019  1.00 63.05 ? 170 PRO A CG   1 
ATOM   1384 C  CD   . PRO A 1 170 ? -8.839  -15.821 -4.859  1.00 61.93 ? 170 PRO A CD   1 
ATOM   1385 N  N    . GLY A 1 171 ? -9.788  -12.644 -6.930  1.00 68.80 ? 171 GLY A N    1 
ATOM   1386 C  CA   . GLY A 1 171 ? -9.903  -11.293 -7.452  1.00 71.45 ? 171 GLY A CA   1 
ATOM   1387 C  C    . GLY A 1 171 ? -10.269 -10.314 -6.350  1.00 73.98 ? 171 GLY A C    1 
ATOM   1388 O  O    . GLY A 1 171 ? -9.802  -10.452 -5.220  1.00 73.85 ? 171 GLY A O    1 
ATOM   1389 N  N    . ARG A 1 172 ? -11.102 -9.325  -6.664  1.00 77.01 ? 172 ARG A N    1 
ATOM   1390 C  CA   . ARG A 1 172 ? -11.506 -8.344  -5.660  1.00 80.91 ? 172 ARG A CA   1 
ATOM   1391 C  C    . ARG A 1 172 ? -12.553 -8.914  -4.709  1.00 83.01 ? 172 ARG A C    1 
ATOM   1392 O  O    . ARG A 1 172 ? -13.656 -8.379  -4.578  1.00 83.43 ? 172 ARG A O    1 
ATOM   1393 C  CB   . ARG A 1 172 ? -12.052 -7.074  -6.320  1.00 81.08 ? 172 ARG A CB   1 
ATOM   1394 C  CG   . ARG A 1 172 ? -13.206 -7.298  -7.274  1.00 82.76 ? 172 ARG A CG   1 
ATOM   1395 C  CD   . ARG A 1 172 ? -13.937 -5.992  -7.555  1.00 84.86 ? 172 ARG A CD   1 
ATOM   1396 N  NE   . ARG A 1 172 ? -14.791 -6.092  -8.736  1.00 87.23 ? 172 ARG A NE   1 
ATOM   1397 C  CZ   . ARG A 1 172 ? -14.336 -6.103  -9.985  1.00 88.21 ? 172 ARG A CZ   1 
ATOM   1398 N  NH1  . ARG A 1 172 ? -13.032 -6.015  -10.217 1.00 88.02 ? 172 ARG A NH1  1 
ATOM   1399 N  NH2  . ARG A 1 172 ? -15.181 -6.208  -11.004 1.00 88.45 ? 172 ARG A NH2  1 
ATOM   1400 N  N    . ALA A 1 173 ? -12.193 -10.008 -4.048  1.00 84.44 ? 173 ALA A N    1 
ATOM   1401 C  CA   . ALA A 1 173 ? -13.086 -10.666 -3.105  1.00 86.07 ? 173 ALA A CA   1 
ATOM   1402 C  C    . ALA A 1 173 ? -12.282 -11.643 -2.259  1.00 87.00 ? 173 ALA A C    1 
ATOM   1403 O  O    . ALA A 1 173 ? -12.844 -12.524 -1.604  1.00 87.63 ? 173 ALA A O    1 
ATOM   1404 C  CB   . ALA A 1 173 ? -14.193 -11.401 -3.854  1.00 85.58 ? 173 ALA A CB   1 
ATOM   1405 N  N    . ALA A 1 174 ? -10.961 -11.480 -2.282  1.00 87.27 ? 174 ALA A N    1 
ATOM   1406 C  CA   . ALA A 1 174 ? -10.061 -12.336 -1.518  1.00 87.44 ? 174 ALA A CA   1 
ATOM   1407 C  C    . ALA A 1 174 ? -9.731  -11.689 -0.179  1.00 87.23 ? 174 ALA A C    1 
ATOM   1408 O  O    . ALA A 1 174 ? -9.990  -10.502 0.024   1.00 87.31 ? 174 ALA A O    1 
ATOM   1409 C  CB   . ALA A 1 174 ? -8.781  -12.588 -2.306  1.00 87.65 ? 174 ALA A CB   1 
HETATM 1410 FE FE   . FE  B 2 .   ? 4.219   -0.309  0.100   1.00 41.79 ? 300 FE  A FE   1 
HETATM 1411 FE FE   . FE  C 2 .   ? -1.904  -22.124 -6.226  1.00 58.27 ? 301 FE  A FE   1 
HETATM 1412 N  N    . NO  D 3 .   ? 2.239   -0.996  0.189   1.00 38.74 ? 310 NO  A N    1 
HETATM 1413 O  O    . NO  D 3 .   ? 1.057   -1.104  -0.582  1.00 42.22 ? 310 NO  A O    1 
HETATM 1414 C  C    . TRS E 4 .   ? 0.070   -16.227 -14.688 1.00 58.50 ? 400 TRS A C    1 
HETATM 1415 C  C1   . TRS E 4 .   ? 0.962   -15.009 -14.880 1.00 56.92 ? 400 TRS A C1   1 
HETATM 1416 C  C2   . TRS E 4 .   ? -0.510  -16.592 -16.042 1.00 58.92 ? 400 TRS A C2   1 
HETATM 1417 C  C3   . TRS E 4 .   ? 1.003   -17.267 -14.053 1.00 58.93 ? 400 TRS A C3   1 
HETATM 1418 N  N    . TRS E 4 .   ? -1.103  -16.024 -13.814 1.00 57.45 ? 400 TRS A N    1 
HETATM 1419 O  O1   . TRS E 4 .   ? 0.176   -13.767 -15.060 1.00 56.97 ? 400 TRS A O1   1 
HETATM 1420 O  O2   . TRS E 4 .   ? -1.518  -17.673 -15.925 1.00 58.82 ? 400 TRS A O2   1 
HETATM 1421 O  O3   . TRS E 4 .   ? 2.183   -17.562 -14.822 1.00 61.25 ? 400 TRS A O3   1 
HETATM 1422 O  OAB  . 4AA F 5 .   ? -1.749  1.631   3.256   1.00 36.59 ? 401 4AA A OAB  1 
HETATM 1423 C  CAH  . 4AA F 5 .   ? -0.527  1.688   3.138   1.00 38.04 ? 401 4AA A CAH  1 
HETATM 1424 O  OAC  . 4AA F 5 .   ? 0.174   1.564   4.141   1.00 37.85 ? 401 4AA A OAC  1 
HETATM 1425 C  CAL  . 4AA F 5 .   ? 0.117   1.925   1.769   1.00 38.74 ? 401 4AA A CAL  1 
HETATM 1426 C  CAG  . 4AA F 5 .   ? -0.642  2.444   0.725   1.00 38.22 ? 401 4AA A CAG  1 
HETATM 1427 C  CAF  . 4AA F 5 .   ? -0.059  2.674   -0.519  1.00 38.69 ? 401 4AA A CAF  1 
HETATM 1428 C  CAJ  . 4AA F 5 .   ? 1.287   2.386   -0.721  1.00 38.17 ? 401 4AA A CAJ  1 
HETATM 1429 CL CLAE . 4AA F 5 .   ? 2.029   2.710   -2.249  1.00 31.40 ? 401 4AA A CLAE 1 
HETATM 1430 C  CAK  . 4AA F 5 .   ? 2.045   1.861   0.322   1.00 38.86 ? 401 4AA A CAK  1 
HETATM 1431 O  OAD  . 4AA F 5 .   ? 3.352   1.549   0.115   1.00 40.00 ? 401 4AA A OAD  1 
HETATM 1432 C  CAI  . 4AA F 5 .   ? 1.464   1.635   1.566   1.00 40.93 ? 401 4AA A CAI  1 
HETATM 1433 N  NAA  . 4AA F 5 .   ? 2.201   1.146   2.558   1.00 37.22 ? 401 4AA A NAA  1 
HETATM 1434 O  O    . HOH G 6 .   ? -4.318  13.171  14.584  1.00 38.33 ? 402 HOH A O    1 
HETATM 1435 O  O    . HOH G 6 .   ? 4.682   14.744  0.028   1.00 34.40 ? 403 HOH A O    1 
HETATM 1436 O  O    . HOH G 6 .   ? -7.661  0.667   9.500   1.00 43.22 ? 404 HOH A O    1 
HETATM 1437 O  O    . HOH G 6 .   ? -7.810  -4.469  2.389   1.00 40.08 ? 405 HOH A O    1 
HETATM 1438 O  O    . HOH G 6 .   ? 8.320   24.234  2.622   1.00 48.31 ? 406 HOH A O    1 
HETATM 1439 O  O    . HOH G 6 .   ? 9.670   -1.210  1.610   1.00 38.75 ? 407 HOH A O    1 
HETATM 1440 O  O    . HOH G 6 .   ? 8.791   -3.580  0.168   1.00 40.77 ? 408 HOH A O    1 
HETATM 1441 O  O    . HOH G 6 .   ? -10.354 3.788   13.945  1.00 47.63 ? 409 HOH A O    1 
HETATM 1442 O  O    . HOH G 6 .   ? 9.299   2.660   -9.253  1.00 43.51 ? 410 HOH A O    1 
HETATM 1443 O  O    . HOH G 6 .   ? 14.502  9.455   -3.619  1.00 40.69 ? 411 HOH A O    1 
HETATM 1444 O  O    . HOH G 6 .   ? 3.569   9.696   -5.333  1.00 49.13 ? 412 HOH A O    1 
HETATM 1445 O  O    . HOH G 6 .   ? 12.813  23.195  -4.039  1.00 62.76 ? 413 HOH A O    1 
HETATM 1446 O  O    . HOH G 6 .   ? 5.400   22.497  4.652   1.00 48.45 ? 414 HOH A O    1 
HETATM 1447 O  O    . HOH G 6 .   ? 11.482  -9.573  -11.880 1.00 77.58 ? 415 HOH A O    1 
HETATM 1448 O  O    . HOH G 6 .   ? -7.950  -3.436  -4.628  1.00 58.28 ? 416 HOH A O    1 
HETATM 1449 O  O    . HOH G 6 .   ? 17.208  0.141   -2.031  1.00 63.38 ? 417 HOH A O    1 
HETATM 1450 O  O    . HOH G 6 .   ? -3.700  0.715   1.180   1.00 40.67 ? 418 HOH A O    1 
HETATM 1451 O  O    . HOH G 6 .   ? 13.001  -8.893  -3.919  1.00 51.70 ? 419 HOH A O    1 
HETATM 1452 O  O    . HOH G 6 .   ? -10.118 14.397  15.108  1.00 72.45 ? 420 HOH A O    1 
HETATM 1453 O  O    . HOH G 6 .   ? -5.136  3.726   8.486   1.00 35.43 ? 421 HOH A O    1 
HETATM 1454 O  O    . HOH G 6 .   ? -10.146 6.669   7.473   1.00 53.81 ? 422 HOH A O    1 
HETATM 1455 O  O    . HOH G 6 .   ? 2.314   20.605  -2.319  1.00 61.44 ? 423 HOH A O    1 
HETATM 1456 O  O    . HOH G 6 .   ? 6.472   -18.903 -5.824  1.00 59.79 ? 424 HOH A O    1 
HETATM 1457 O  O    . HOH G 6 .   ? -10.006 10.470  12.052  1.00 57.95 ? 425 HOH A O    1 
HETATM 1458 O  O    . HOH G 6 .   ? -13.504 6.267   5.045   1.00 72.59 ? 426 HOH A O    1 
HETATM 1459 O  O    . HOH G 6 .   ? 0.596   5.836   0.300   1.00 49.54 ? 427 HOH A O    1 
HETATM 1460 O  O    . HOH G 6 .   ? -2.182  -11.918 -2.888  1.00 42.98 ? 428 HOH A O    1 
HETATM 1461 O  O    . HOH G 6 .   ? -3.381  -9.545  1.854   1.00 42.48 ? 429 HOH A O    1 
HETATM 1462 O  O    . HOH G 6 .   ? 9.783   4.249   -0.674  1.00 42.01 ? 430 HOH A O    1 
HETATM 1463 O  O    . HOH G 6 .   ? -2.782  19.684  17.393  1.00 46.85 ? 431 HOH A O    1 
HETATM 1464 O  O    . HOH G 6 .   ? -3.390  -19.036 -17.536 1.00 55.96 ? 432 HOH A O    1 
HETATM 1465 O  O    . HOH G 6 .   ? -9.064  -4.837  5.360   1.00 59.35 ? 433 HOH A O    1 
HETATM 1466 O  O    . HOH G 6 .   ? 14.301  -2.390  -10.519 1.00 59.90 ? 434 HOH A O    1 
HETATM 1467 O  O    . HOH G 6 .   ? 8.834   30.942  0.418   1.00 59.41 ? 435 HOH A O    1 
HETATM 1468 O  O    . HOH G 6 .   ? 14.755  -1.326  -14.654 1.00 61.55 ? 436 HOH A O    1 
HETATM 1469 O  O    . HOH G 6 .   ? 9.055   -10.653 1.756   1.00 55.17 ? 437 HOH A O    1 
HETATM 1470 O  O    . HOH G 6 .   ? -6.154  -10.438 5.978   1.00 51.06 ? 438 HOH A O    1 
HETATM 1471 O  O    . HOH G 6 .   ? 0.048   -13.466 -17.992 1.00 62.65 ? 439 HOH A O    1 
HETATM 1472 O  O    . HOH G 6 .   ? 7.987   7.929   -7.266  1.00 50.43 ? 440 HOH A O    1 
HETATM 1473 O  O    . HOH G 6 .   ? -5.207  -11.631 -19.732 1.00 65.07 ? 441 HOH A O    1 
HETATM 1474 O  O    . HOH G 6 .   ? -1.212  -10.868 14.858  1.00 75.35 ? 442 HOH A O    1 
HETATM 1475 O  O    . HOH G 6 .   ? -9.729  2.158   17.315  1.00 53.48 ? 443 HOH A O    1 
HETATM 1476 O  O    . HOH G 6 .   ? -4.384  22.658  9.150   1.00 54.98 ? 444 HOH A O    1 
HETATM 1477 O  O    . HOH G 6 .   ? -4.451  17.781  0.223   1.00 57.12 ? 445 HOH A O    1 
HETATM 1478 O  O    . HOH G 6 .   ? 15.407  14.782  -0.554  1.00 38.95 ? 446 HOH A O    1 
HETATM 1479 O  O    . HOH G 6 .   ? 16.562  -2.214  -4.422  1.00 74.13 ? 447 HOH A O    1 
HETATM 1480 O  O    . HOH G 6 .   ? -0.422  3.519   -13.408 1.00 73.22 ? 448 HOH A O    1 
HETATM 1481 O  O    . HOH G 6 .   ? 0.555   1.428   19.730  1.00 55.23 ? 449 HOH A O    1 
HETATM 1482 O  O    . HOH G 6 .   ? 17.452  1.559   0.669   1.00 51.66 ? 450 HOH A O    1 
HETATM 1483 O  O    . HOH G 6 .   ? -2.629  25.138  10.670  1.00 51.46 ? 451 HOH A O    1 
HETATM 1484 O  O    . HOH G 6 .   ? 3.025   -1.769  20.534  1.00 60.69 ? 452 HOH A O    1 
HETATM 1485 O  O    . HOH G 6 .   ? 12.127  -7.133  -6.156  1.00 55.67 ? 453 HOH A O    1 
HETATM 1486 O  O    . HOH G 6 .   ? -5.112  -4.946  -4.591  1.00 48.75 ? 454 HOH A O    1 
HETATM 1487 O  O    . HOH G 6 .   ? -7.608  4.317   -3.845  1.00 48.76 ? 455 HOH A O    1 
HETATM 1488 O  O    . HOH G 6 .   ? -5.197  -11.865 10.339  1.00 62.35 ? 456 HOH A O    1 
HETATM 1489 O  O    . HOH G 6 .   ? -6.317  21.881  6.778   1.00 58.67 ? 457 HOH A O    1 
HETATM 1490 O  O    . HOH G 6 .   ? -10.290 6.783   14.757  1.00 73.46 ? 458 HOH A O    1 
HETATM 1491 O  O    . HOH G 6 .   ? -11.656 8.686   5.910   1.00 73.65 ? 459 HOH A O    1 
HETATM 1492 O  O    . HOH G 6 .   ? 6.093   14.085  -8.907  1.00 75.21 ? 460 HOH A O    1 
HETATM 1493 O  O    . HOH G 6 .   ? 15.577  23.892  -2.784  1.00 54.36 ? 461 HOH A O    1 
HETATM 1494 O  O    . HOH G 6 .   ? 4.779   21.992  -3.826  1.00 56.86 ? 462 HOH A O    1 
HETATM 1495 O  O    . HOH G 6 .   ? 3.673   16.705  -11.464 1.00 74.08 ? 463 HOH A O    1 
HETATM 1496 O  O    . HOH G 6 .   ? 1.051   8.289   18.515  1.00 52.78 ? 464 HOH A O    1 
HETATM 1497 O  O    . HOH G 6 .   ? -1.349  2.668   -16.187 1.00 59.11 ? 465 HOH A O    1 
HETATM 1498 O  O    . HOH G 6 .   ? -6.285  -7.076  -17.314 1.00 52.42 ? 466 HOH A O    1 
HETATM 1499 O  O    . HOH G 6 .   ? 13.721  -8.107  1.740   1.00 55.02 ? 467 HOH A O    1 
HETATM 1500 O  O    . HOH G 6 .   ? -2.343  20.204  20.564  1.00 89.52 ? 468 HOH A O    1 
HETATM 1501 O  O    . HOH G 6 .   ? 4.141   13.458  -6.491  1.00 61.79 ? 469 HOH A O    1 
HETATM 1502 O  O    . HOH G 6 .   ? 12.973  -10.553 0.103   1.00 60.00 ? 470 HOH A O    1 
HETATM 1503 O  O    . HOH G 6 .   ? 19.818  3.032   -0.400  1.00 66.79 ? 471 HOH A O    1 
HETATM 1504 O  O    . HOH G 6 .   ? -5.296  6.086   -4.217  1.00 79.29 ? 472 HOH A O    1 
HETATM 1505 O  O    . HOH G 6 .   ? 0.225   21.475  -0.017  1.00 68.13 ? 473 HOH A O    1 
HETATM 1506 O  O    . HOH G 6 .   ? 6.929   11.212  -9.788  1.00 62.12 ? 474 HOH A O    1 
HETATM 1507 O  O    . HOH G 6 .   ? 13.695  26.306  -2.228  1.00 73.65 ? 475 HOH A O    1 
HETATM 1508 O  O    . HOH G 6 .   ? 12.755  -4.659  -8.426  1.00 80.10 ? 476 HOH A O    1 
HETATM 1509 O  O    . HOH G 6 .   ? 0.602   17.592  -11.147 1.00 70.94 ? 477 HOH A O    1 
HETATM 1510 O  O    . HOH G 6 .   ? -2.894  1.510   21.066  1.00 55.63 ? 478 HOH A O    1 
HETATM 1511 O  O    . HOH G 6 .   ? 2.429   -4.069  16.832  1.00 64.56 ? 479 HOH A O    1 
HETATM 1512 O  O    . HOH G 6 .   ? -7.679  -23.363 -14.030 1.00 62.80 ? 480 HOH A O    1 
HETATM 1513 O  O    . HOH G 6 .   ? -5.742  9.305   17.747  1.00 71.92 ? 481 HOH A O    1 
HETATM 1514 O  O    . HOH G 6 .   ? 8.415   33.049  2.653   1.00 87.63 ? 482 HOH A O    1 
HETATM 1515 O  O    . HOH G 6 .   ? -0.381  -0.641  21.706  1.00 58.76 ? 483 HOH A O    1 
# 
